data_5PZT
#
_entry.id   5PZT
#
_cell.length_a   66.435
_cell.length_b   294.192
_cell.length_c   83.569
_cell.angle_alpha   90.000
_cell.angle_beta   97.560
_cell.angle_gamma   90.000
#
_symmetry.space_group_name_H-M   'P 1 21 1'
#
loop_
_entity.id
_entity.type
_entity.pdbx_description
1 polymer 'Fructose-1,6-bisphosphatase 1'
2 non-polymer "N-[(5-bromo-1,3-thiazol-2-yl)carbamoyl]-2-ethyl[1,1'-biphenyl]-4-sulfonamide"
3 water water
#
_entity_poly.entity_id   1
_entity_poly.type   'polypeptide(L)'
_entity_poly.pdbx_seq_one_letter_code
;MADQAPFDTDVNTLTRFVMEEGRKARGTGELTQLLNSLCTAVKAISSAVRKAGIAHLYGIAGSTNVTGDQVKKLDVLSND
LVMNMLKSSFATCVLVSEEDKHAIIVEPEKRGKYVVCFDPLDGSSNIDCLVSVGTIFGIYRKKSTDEPSEKDALQPGRNL
VAAGYALYGSATMLVLAMDCGVNCFMLDPAIGEFILVDKDVKIKKKGKIYSLNEGYAKDFDPAVTEYIQRKKFPPDNSAP
YGARYVGSMVADVHRTLVYGGIFLYPANKKSPNGKLRLLYECNPMAYVMEKAGGMATTGKEAVLDVIPTDIHQRAPVILG
SPDDVLEFLKVYEKHSAQ
;
_entity_poly.pdbx_strand_id   A,B,C,D,E,F,G,H
#
# COMPACT_ATOMS: atom_id res chain seq x y z
N ASP A 10 6.71 -16.80 50.29
CA ASP A 10 7.13 -18.15 49.90
C ASP A 10 6.81 -18.36 48.42
N VAL A 11 7.28 -19.47 47.85
CA VAL A 11 7.13 -19.72 46.42
C VAL A 11 5.71 -20.20 46.12
N ASN A 12 5.01 -19.46 45.26
CA ASN A 12 3.60 -19.70 44.97
C ASN A 12 3.34 -19.88 43.48
N THR A 13 2.50 -20.87 43.17
CA THR A 13 2.06 -21.16 41.82
C THR A 13 0.59 -20.79 41.68
N LEU A 14 0.14 -20.60 40.43
CA LEU A 14 -1.27 -20.29 40.22
C LEU A 14 -2.15 -21.32 40.90
N THR A 15 -1.81 -22.60 40.75
CA THR A 15 -2.67 -23.63 41.29
C THR A 15 -2.71 -23.59 42.82
N ARG A 16 -1.58 -23.35 43.48
CA ARG A 16 -1.60 -23.19 44.92
C ARG A 16 -2.41 -21.95 45.31
N PHE A 17 -2.18 -20.82 44.64
CA PHE A 17 -2.85 -19.55 44.96
C PHE A 17 -4.36 -19.67 44.88
N VAL A 18 -4.86 -20.25 43.80
CA VAL A 18 -6.29 -20.30 43.63
C VAL A 18 -6.94 -21.25 44.64
N MET A 19 -6.28 -22.34 45.00
CA MET A 19 -6.85 -23.24 45.99
C MET A 19 -6.92 -22.59 47.37
N GLU A 20 -5.87 -21.85 47.74
CA GLU A 20 -5.83 -21.18 49.03
C GLU A 20 -6.99 -20.21 49.15
N GLU A 21 -7.18 -19.37 48.13
CA GLU A 21 -8.28 -18.41 48.16
C GLU A 21 -9.63 -19.09 48.12
N GLY A 22 -9.73 -20.21 47.39
CA GLY A 22 -10.96 -20.96 47.32
C GLY A 22 -11.30 -21.66 48.61
N ARG A 23 -10.28 -22.15 49.33
CA ARG A 23 -10.52 -22.69 50.67
C ARG A 23 -10.82 -21.59 51.68
N LYS A 24 -10.11 -20.47 51.61
CA LYS A 24 -10.36 -19.35 52.52
C LYS A 24 -11.84 -18.95 52.50
N ALA A 25 -12.47 -18.97 51.33
CA ALA A 25 -13.86 -18.57 51.15
C ALA A 25 -14.85 -19.73 51.30
N ARG A 26 -14.38 -20.92 51.64
CA ARG A 26 -15.24 -22.09 51.85
C ARG A 26 -16.18 -22.34 50.67
N GLY A 27 -15.75 -22.03 49.45
CA GLY A 27 -16.57 -22.33 48.27
C GLY A 27 -16.57 -23.80 47.87
N THR A 28 -17.40 -24.11 46.87
CA THR A 28 -17.57 -25.50 46.43
C THR A 28 -16.43 -26.01 45.56
N GLY A 29 -15.64 -25.14 44.95
CA GLY A 29 -14.60 -25.59 44.05
C GLY A 29 -14.90 -25.47 42.56
N GLU A 30 -16.12 -25.11 42.17
CA GLU A 30 -16.46 -25.09 40.76
C GLU A 30 -15.61 -24.05 40.03
N LEU A 31 -15.35 -22.92 40.67
CA LEU A 31 -14.53 -21.87 40.05
C LEU A 31 -13.07 -22.30 39.93
N THR A 32 -12.51 -22.88 41.00
CA THR A 32 -11.12 -23.33 40.97
C THR A 32 -10.90 -24.35 39.85
N GLN A 33 -11.83 -25.30 39.72
CA GLN A 33 -11.74 -26.29 38.66
C GLN A 33 -11.76 -25.62 37.27
N LEU A 34 -12.66 -24.66 37.10
CA LEU A 34 -12.76 -23.89 35.86
C LEU A 34 -11.44 -23.19 35.55
N LEU A 35 -10.83 -22.56 36.56
CA LEU A 35 -9.56 -21.88 36.32
C LEU A 35 -8.45 -22.88 35.97
N ASN A 36 -8.42 -24.03 36.63
CA ASN A 36 -7.41 -25.01 36.27
C ASN A 36 -7.62 -25.53 34.84
N SER A 37 -8.89 -25.77 34.46
CA SER A 37 -9.17 -26.15 33.09
C SER A 37 -8.73 -25.05 32.14
N LEU A 38 -8.87 -23.81 32.55
CA LEU A 38 -8.39 -22.69 31.76
C LEU A 38 -6.87 -22.68 31.68
N CYS A 39 -6.19 -22.87 32.81
CA CYS A 39 -4.73 -22.84 32.84
C CYS A 39 -4.15 -23.96 31.98
N THR A 40 -4.79 -25.12 32.01
CA THR A 40 -4.36 -26.22 31.15
C THR A 40 -4.56 -25.87 29.69
N ALA A 41 -5.65 -25.16 29.36
CA ALA A 41 -5.82 -24.67 28.00
C ALA A 41 -4.70 -23.71 27.59
N VAL A 42 -4.31 -22.81 28.49
CA VAL A 42 -3.28 -21.82 28.15
C VAL A 42 -1.94 -22.50 27.85
N LYS A 43 -1.55 -23.44 28.70
CA LYS A 43 -0.27 -24.11 28.49
C LYS A 43 -0.24 -24.87 27.17
N ALA A 44 -1.35 -25.53 26.83
CA ALA A 44 -1.39 -26.24 25.56
C ALA A 44 -1.29 -25.27 24.39
N ILE A 45 -2.07 -24.19 24.43
CA ILE A 45 -1.99 -23.20 23.37
C ILE A 45 -0.58 -22.61 23.31
N SER A 46 0.01 -22.31 24.47
CA SER A 46 1.36 -21.77 24.49
C SER A 46 2.34 -22.70 23.80
N SER A 47 2.25 -24.01 24.08
CA SER A 47 3.14 -24.97 23.44
C SER A 47 2.94 -24.99 21.92
N ALA A 48 1.69 -25.01 21.47
CA ALA A 48 1.39 -25.02 20.04
C ALA A 48 1.84 -23.73 19.36
N VAL A 49 1.74 -22.60 20.06
CA VAL A 49 2.16 -21.34 19.43
C VAL A 49 3.66 -21.30 19.23
N ARG A 50 4.44 -21.93 20.12
CA ARG A 50 5.90 -21.94 19.99
C ARG A 50 6.39 -22.85 18.88
N LYS A 51 5.51 -23.66 18.31
CA LYS A 51 5.81 -24.52 17.17
C LYS A 51 4.88 -24.18 16.02
N ALA A 52 4.44 -22.91 15.95
CA ALA A 52 3.42 -22.47 14.99
C ALA A 52 3.87 -22.52 13.54
N GLY A 53 4.45 -23.65 13.11
CA GLY A 53 5.01 -23.74 11.78
C GLY A 53 5.35 -25.16 11.34
N ILE A 54 5.89 -25.98 12.23
CA ILE A 54 6.25 -27.36 11.87
C ILE A 54 5.00 -28.24 11.66
N ALA A 55 4.40 -28.15 10.46
CA ALA A 55 3.29 -29.04 10.07
C ALA A 55 3.79 -30.46 9.72
N VAL A 71 -2.69 -29.69 11.69
CA VAL A 71 -3.46 -30.03 10.50
C VAL A 71 -4.55 -28.98 10.21
N LYS A 72 -5.16 -28.40 11.26
CA LYS A 72 -6.16 -27.35 11.14
C LYS A 72 -5.55 -26.02 11.56
N LYS A 73 -6.16 -24.92 11.10
CA LYS A 73 -5.65 -23.60 11.44
C LYS A 73 -5.69 -23.42 12.96
N LEU A 74 -4.89 -22.48 13.47
CA LEU A 74 -4.58 -22.50 14.90
C LEU A 74 -5.71 -21.97 15.77
N ASP A 75 -6.38 -20.91 15.33
CA ASP A 75 -7.50 -20.39 16.10
C ASP A 75 -8.68 -21.33 16.14
N VAL A 76 -8.75 -22.32 15.23
CA VAL A 76 -9.83 -23.29 15.30
C VAL A 76 -9.53 -24.37 16.33
N LEU A 77 -8.27 -24.82 16.43
CA LEU A 77 -7.88 -25.67 17.55
C LEU A 77 -8.05 -24.96 18.89
N SER A 78 -7.56 -23.73 19.00
CA SER A 78 -7.62 -23.01 20.27
C SER A 78 -9.06 -22.86 20.74
N ASN A 79 -9.98 -22.61 19.81
CA ASN A 79 -11.38 -22.51 20.20
C ASN A 79 -11.84 -23.85 20.76
N ASP A 80 -11.60 -24.93 20.00
CA ASP A 80 -12.00 -26.25 20.44
C ASP A 80 -11.26 -26.66 21.71
N LEU A 81 -10.01 -26.22 21.85
CA LEU A 81 -9.27 -26.51 23.08
C LEU A 81 -9.99 -25.94 24.28
N VAL A 82 -10.24 -24.63 24.26
CA VAL A 82 -10.91 -23.98 25.36
C VAL A 82 -12.33 -24.50 25.51
N MET A 83 -13.03 -24.72 24.39
CA MET A 83 -14.39 -25.22 24.49
C MET A 83 -14.44 -26.50 25.28
N ASN A 84 -13.60 -27.46 24.93
CA ASN A 84 -13.76 -28.76 25.54
C ASN A 84 -13.19 -28.84 26.94
N MET A 85 -12.15 -28.05 27.21
CA MET A 85 -11.64 -27.97 28.58
C MET A 85 -12.66 -27.37 29.53
N LEU A 86 -13.40 -26.36 29.08
CA LEU A 86 -14.43 -25.77 29.92
C LEU A 86 -15.64 -26.68 30.04
N LYS A 87 -16.13 -27.22 28.92
CA LYS A 87 -17.26 -28.13 28.97
C LYS A 87 -17.03 -29.25 29.97
N SER A 88 -15.86 -29.87 29.91
CA SER A 88 -15.57 -31.04 30.71
C SER A 88 -15.06 -30.69 32.10
N SER A 89 -15.12 -29.40 32.48
CA SER A 89 -14.82 -29.00 33.85
C SER A 89 -15.99 -29.21 34.80
N PHE A 90 -17.20 -29.41 34.28
CA PHE A 90 -18.45 -29.47 35.04
C PHE A 90 -18.78 -28.14 35.72
N ALA A 91 -18.25 -27.02 35.24
CA ALA A 91 -18.44 -25.72 35.86
C ALA A 91 -19.07 -24.67 34.95
N THR A 92 -19.46 -25.03 33.74
CA THR A 92 -19.96 -24.06 32.77
C THR A 92 -21.32 -24.50 32.24
N CYS A 93 -22.15 -23.52 31.91
CA CYS A 93 -23.41 -23.75 31.22
C CYS A 93 -23.54 -22.97 29.93
N VAL A 94 -22.93 -21.78 29.85
CA VAL A 94 -22.97 -20.96 28.66
C VAL A 94 -21.55 -20.48 28.36
N LEU A 95 -21.10 -20.69 27.12
CA LEU A 95 -19.78 -20.26 26.67
C LEU A 95 -19.95 -19.40 25.42
N VAL A 96 -19.40 -18.19 25.45
CA VAL A 96 -19.43 -17.29 24.30
C VAL A 96 -18.02 -17.11 23.79
N SER A 97 -17.80 -17.40 22.50
CA SER A 97 -16.50 -17.36 21.85
C SER A 97 -16.53 -16.48 20.62
N GLU A 98 -15.37 -15.89 20.32
CA GLU A 98 -15.25 -15.08 19.10
C GLU A 98 -15.52 -15.91 17.85
N GLU A 99 -15.25 -17.22 17.88
CA GLU A 99 -15.33 -18.07 16.71
C GLU A 99 -16.70 -18.70 16.48
N ASP A 100 -17.63 -18.56 17.42
CA ASP A 100 -18.94 -19.19 17.30
C ASP A 100 -20.03 -18.12 17.33
N LYS A 101 -21.00 -18.25 16.42
CA LYS A 101 -22.00 -17.19 16.26
C LYS A 101 -22.98 -17.16 17.43
N HIS A 102 -23.44 -18.32 17.88
CA HIS A 102 -24.32 -18.37 19.02
C HIS A 102 -23.54 -18.81 20.24
N ALA A 103 -24.08 -18.48 21.41
CA ALA A 103 -23.56 -19.05 22.62
C ALA A 103 -23.70 -20.56 22.56
N ILE A 104 -22.78 -21.26 23.20
CA ILE A 104 -22.86 -22.71 23.25
C ILE A 104 -23.44 -23.05 24.61
N ILE A 105 -24.53 -23.82 24.60
CA ILE A 105 -25.19 -24.23 25.83
C ILE A 105 -24.67 -25.61 26.16
N VAL A 106 -24.03 -25.71 27.32
CA VAL A 106 -23.42 -26.97 27.72
C VAL A 106 -24.52 -28.00 27.97
N GLU A 107 -24.26 -29.22 27.55
CA GLU A 107 -25.16 -30.32 27.80
C GLU A 107 -25.36 -30.50 29.31
N PRO A 108 -26.50 -31.03 29.73
CA PRO A 108 -26.80 -31.03 31.18
C PRO A 108 -25.86 -31.88 32.03
N GLU A 109 -25.40 -33.04 31.54
CA GLU A 109 -24.57 -33.90 32.37
C GLU A 109 -23.28 -33.22 32.80
N LYS A 110 -22.76 -32.29 32.00
CA LYS A 110 -21.53 -31.58 32.33
C LYS A 110 -21.81 -30.13 32.74
N ARG A 111 -23.06 -29.84 33.06
CA ARG A 111 -23.48 -28.46 33.28
C ARG A 111 -23.06 -27.99 34.66
N GLY A 112 -22.68 -26.72 34.73
CA GLY A 112 -22.19 -26.05 35.91
C GLY A 112 -22.74 -24.65 35.95
N LYS A 113 -22.26 -23.81 36.85
CA LYS A 113 -22.97 -22.59 37.18
C LYS A 113 -22.37 -21.32 36.58
N TYR A 114 -21.30 -21.41 35.80
CA TYR A 114 -20.58 -20.24 35.32
C TYR A 114 -20.71 -20.07 33.80
N VAL A 115 -20.62 -18.82 33.36
CA VAL A 115 -20.59 -18.45 31.94
C VAL A 115 -19.20 -17.91 31.59
N VAL A 116 -18.67 -18.34 30.45
CA VAL A 116 -17.33 -17.93 30.03
C VAL A 116 -17.42 -17.24 28.68
N CYS A 117 -16.88 -16.03 28.61
CA CYS A 117 -16.62 -15.33 27.36
C CYS A 117 -15.12 -15.24 27.17
N PHE A 118 -14.64 -15.64 25.99
CA PHE A 118 -13.22 -15.73 25.75
C PHE A 118 -12.90 -15.58 24.27
N ASP A 119 -11.77 -14.96 24.00
CA ASP A 119 -11.11 -15.03 22.71
C ASP A 119 -9.95 -16.04 22.80
N PRO A 120 -10.05 -17.22 22.17
CA PRO A 120 -9.03 -18.26 22.41
C PRO A 120 -7.65 -17.94 21.84
N LEU A 121 -7.54 -17.17 20.75
CA LEU A 121 -6.24 -16.75 20.22
C LEU A 121 -6.40 -15.37 19.56
N ASP A 122 -6.42 -14.33 20.40
CA ASP A 122 -6.53 -12.96 19.91
C ASP A 122 -5.24 -12.52 19.21
N GLY A 123 -5.38 -11.89 18.04
CA GLY A 123 -4.25 -11.46 17.24
C GLY A 123 -3.68 -12.49 16.29
N SER A 124 -4.39 -13.60 16.05
CA SER A 124 -3.97 -14.73 15.24
C SER A 124 -3.91 -14.44 13.74
N SER A 125 -4.47 -13.32 13.27
CA SER A 125 -4.22 -12.95 11.87
C SER A 125 -2.81 -12.39 11.69
N ASN A 126 -2.19 -11.95 12.79
CA ASN A 126 -0.84 -11.41 12.77
C ASN A 126 0.14 -12.29 13.59
N ILE A 127 0.07 -13.61 13.39
CA ILE A 127 0.98 -14.53 14.05
C ILE A 127 2.14 -14.88 13.14
N ASP A 128 2.01 -14.62 11.84
CA ASP A 128 3.08 -14.89 10.88
C ASP A 128 4.33 -14.07 11.18
N CYS A 129 4.14 -12.81 11.62
CA CYS A 129 5.20 -11.90 12.03
C CYS A 129 5.67 -12.12 13.47
N LEU A 130 5.24 -13.20 14.12
CA LEU A 130 5.66 -13.61 15.45
C LEU A 130 5.42 -12.57 16.52
N VAL A 131 4.61 -11.55 16.24
CA VAL A 131 4.28 -10.59 17.28
C VAL A 131 3.33 -11.27 18.24
N SER A 132 3.12 -10.64 19.39
CA SER A 132 2.39 -11.27 20.48
C SER A 132 1.02 -11.78 20.02
N VAL A 133 0.62 -12.94 20.55
CA VAL A 133 -0.77 -13.37 20.53
C VAL A 133 -1.21 -13.65 21.97
N GLY A 134 -2.53 -13.76 22.16
CA GLY A 134 -3.03 -13.88 23.51
C GLY A 134 -4.40 -14.51 23.62
N THR A 135 -4.73 -14.96 24.84
CA THR A 135 -6.03 -15.50 25.17
C THR A 135 -6.68 -14.61 26.23
N ILE A 136 -7.89 -14.17 25.96
CA ILE A 136 -8.60 -13.24 26.83
C ILE A 136 -9.84 -13.92 27.38
N PHE A 137 -10.14 -13.69 28.65
CA PHE A 137 -11.32 -14.33 29.24
C PHE A 137 -12.00 -13.44 30.27
N GLY A 138 -13.32 -13.57 30.31
CA GLY A 138 -14.10 -13.06 31.41
C GLY A 138 -15.09 -14.12 31.85
N ILE A 139 -15.25 -14.25 33.16
CA ILE A 139 -16.11 -15.28 33.74
C ILE A 139 -17.20 -14.59 34.54
N TYR A 140 -18.46 -14.96 34.25
CA TYR A 140 -19.64 -14.47 34.95
C TYR A 140 -20.36 -15.64 35.59
N ARG A 141 -21.05 -15.37 36.71
CA ARG A 141 -21.92 -16.35 37.34
C ARG A 141 -23.31 -16.21 36.75
N LYS A 142 -23.91 -17.32 36.33
CA LYS A 142 -25.29 -17.34 35.86
C LYS A 142 -26.20 -16.74 36.91
N LYS A 143 -26.99 -15.74 36.50
CA LYS A 143 -27.79 -14.98 37.46
C LYS A 143 -29.21 -15.52 37.62
N SER A 144 -29.84 -15.97 36.54
CA SER A 144 -31.21 -16.45 36.59
C SER A 144 -31.28 -17.94 36.96
N THR A 145 -32.49 -18.38 37.33
CA THR A 145 -32.79 -19.79 37.56
C THR A 145 -33.54 -20.39 36.38
N ASP A 146 -33.59 -19.67 35.26
CA ASP A 146 -34.15 -20.16 34.01
C ASP A 146 -33.23 -21.23 33.42
N GLU A 147 -33.64 -21.75 32.27
CA GLU A 147 -32.75 -22.60 31.48
C GLU A 147 -31.62 -21.74 30.89
N PRO A 148 -30.39 -22.24 30.89
CA PRO A 148 -29.27 -21.44 30.37
C PRO A 148 -29.51 -21.06 28.93
N SER A 149 -29.20 -19.81 28.60
CA SER A 149 -29.43 -19.31 27.26
C SER A 149 -28.43 -18.21 26.95
N GLU A 150 -28.42 -17.76 25.69
CA GLU A 150 -27.58 -16.65 25.27
C GLU A 150 -27.77 -15.43 26.16
N LYS A 151 -28.98 -15.23 26.69
CA LYS A 151 -29.22 -14.03 27.48
C LYS A 151 -28.36 -14.04 28.73
N ASP A 152 -27.98 -15.23 29.21
CA ASP A 152 -27.16 -15.34 30.40
C ASP A 152 -25.78 -14.77 30.20
N ALA A 153 -25.34 -14.61 28.95
CA ALA A 153 -24.05 -13.99 28.68
C ALA A 153 -24.13 -12.47 28.63
N LEU A 154 -25.34 -11.89 28.66
CA LEU A 154 -25.50 -10.44 28.49
C LEU A 154 -25.36 -9.69 29.79
N GLN A 155 -24.57 -10.18 30.72
CA GLN A 155 -24.37 -9.37 31.91
C GLN A 155 -23.34 -8.26 31.63
N PRO A 156 -23.41 -7.15 32.35
CA PRO A 156 -22.40 -6.10 32.20
C PRO A 156 -21.10 -6.49 32.89
N GLY A 157 -20.03 -5.78 32.51
CA GLY A 157 -18.72 -6.06 33.03
C GLY A 157 -18.58 -5.97 34.55
N ARG A 158 -19.35 -5.07 35.20
CA ARG A 158 -19.30 -4.95 36.65
C ARG A 158 -19.52 -6.28 37.35
N ASN A 159 -20.36 -7.14 36.76
CA ASN A 159 -20.75 -8.44 37.31
C ASN A 159 -19.69 -9.52 37.11
N LEU A 160 -18.50 -9.14 36.63
CA LEU A 160 -17.43 -10.11 36.40
C LEU A 160 -16.92 -10.70 37.71
N VAL A 161 -16.86 -12.03 37.75
CA VAL A 161 -16.27 -12.73 38.88
C VAL A 161 -14.76 -12.84 38.72
N ALA A 162 -14.30 -13.18 37.52
CA ALA A 162 -12.88 -13.30 37.24
C ALA A 162 -12.63 -13.02 35.76
N ALA A 163 -11.49 -12.40 35.48
CA ALA A 163 -11.13 -12.11 34.10
C ALA A 163 -9.63 -11.89 33.99
N GLY A 164 -9.13 -11.97 32.76
CA GLY A 164 -7.71 -11.72 32.55
C GLY A 164 -7.28 -12.23 31.19
N TYR A 165 -5.97 -12.44 31.07
CA TYR A 165 -5.46 -12.84 29.77
C TYR A 165 -4.17 -13.63 29.89
N ALA A 166 -3.94 -14.45 28.88
CA ALA A 166 -2.66 -15.10 28.64
C ALA A 166 -2.02 -14.36 27.47
N LEU A 167 -0.77 -13.93 27.67
CA LEU A 167 0.02 -13.31 26.61
C LEU A 167 1.15 -14.25 26.21
N TYR A 168 1.11 -14.78 24.98
CA TYR A 168 2.17 -15.68 24.48
C TYR A 168 3.22 -14.85 23.75
N GLY A 169 4.15 -14.30 24.52
CA GLY A 169 5.17 -13.44 23.97
C GLY A 169 6.54 -14.07 24.12
N SER A 170 7.56 -13.26 24.43
CA SER A 170 8.88 -13.81 24.70
C SER A 170 8.84 -14.84 25.83
N ALA A 171 7.95 -14.66 26.80
CA ALA A 171 7.53 -15.72 27.69
C ALA A 171 6.00 -15.75 27.70
N THR A 172 5.43 -16.80 28.28
CA THR A 172 3.98 -16.91 28.44
C THR A 172 3.59 -16.36 29.82
N MET A 173 2.74 -15.35 29.84
CA MET A 173 2.31 -14.77 31.09
C MET A 173 0.80 -14.87 31.27
N LEU A 174 0.40 -15.28 32.47
CA LEU A 174 -1.00 -15.32 32.87
C LEU A 174 -1.27 -14.15 33.80
N VAL A 175 -2.23 -13.32 33.41
CA VAL A 175 -2.67 -12.20 34.23
C VAL A 175 -4.08 -12.50 34.70
N LEU A 176 -4.26 -12.60 36.02
CA LEU A 176 -5.54 -12.97 36.62
C LEU A 176 -6.01 -11.86 37.54
N ALA A 177 -7.14 -11.25 37.20
CA ALA A 177 -7.75 -10.22 38.02
C ALA A 177 -9.03 -10.78 38.63
N MET A 178 -9.20 -10.58 39.93
CA MET A 178 -10.38 -10.98 40.68
C MET A 178 -10.75 -9.82 41.62
N ASP A 179 -11.70 -10.05 42.52
CA ASP A 179 -12.14 -8.97 43.41
C ASP A 179 -10.99 -8.49 44.28
N CYS A 180 -10.13 -9.42 44.72
CA CYS A 180 -9.01 -8.99 45.55
C CYS A 180 -8.00 -8.16 44.75
N GLY A 181 -7.86 -8.41 43.46
CA GLY A 181 -6.96 -7.63 42.64
C GLY A 181 -6.39 -8.46 41.51
N VAL A 182 -5.28 -7.98 40.94
CA VAL A 182 -4.67 -8.54 39.74
C VAL A 182 -3.34 -9.17 40.11
N ASN A 183 -3.09 -10.38 39.59
CA ASN A 183 -1.81 -11.06 39.77
C ASN A 183 -1.26 -11.57 38.45
N CYS A 184 0.07 -11.50 38.29
CA CYS A 184 0.76 -11.89 37.06
C CYS A 184 1.56 -13.17 37.29
N PHE A 185 1.32 -14.17 36.45
CA PHE A 185 1.99 -15.45 36.53
C PHE A 185 2.84 -15.71 35.28
N MET A 186 4.02 -16.31 35.49
CA MET A 186 4.92 -16.66 34.41
C MET A 186 4.86 -18.17 34.18
N LEU A 187 4.55 -18.58 32.96
CA LEU A 187 4.61 -19.98 32.65
C LEU A 187 6.08 -20.39 32.63
N ASP A 188 6.43 -21.36 33.47
CA ASP A 188 7.74 -22.00 33.44
C ASP A 188 7.61 -23.27 32.62
N PRO A 189 8.24 -23.34 31.44
CA PRO A 189 8.02 -24.48 30.52
C PRO A 189 8.64 -25.80 30.95
N ALA A 190 9.69 -25.78 31.76
CA ALA A 190 10.27 -27.03 32.25
C ALA A 190 9.29 -27.83 33.11
N ILE A 191 8.40 -27.17 33.84
CA ILE A 191 7.50 -27.88 34.74
C ILE A 191 6.03 -27.60 34.50
N GLY A 192 5.68 -26.72 33.57
CA GLY A 192 4.26 -26.45 33.35
C GLY A 192 3.52 -25.89 34.56
N GLU A 193 4.12 -24.89 35.24
CA GLU A 193 3.53 -24.25 36.38
C GLU A 193 3.56 -22.74 36.17
N PHE A 194 2.46 -22.07 36.54
CA PHE A 194 2.39 -20.62 36.43
C PHE A 194 2.92 -20.06 37.74
N ILE A 195 4.09 -19.45 37.69
CA ILE A 195 4.76 -18.96 38.89
C ILE A 195 4.35 -17.51 39.09
N LEU A 196 3.90 -17.19 40.31
CA LEU A 196 3.49 -15.84 40.62
C LEU A 196 4.71 -14.94 40.68
N VAL A 197 4.72 -13.89 39.85
CA VAL A 197 5.87 -12.98 39.74
C VAL A 197 5.51 -11.54 40.04
N ASP A 198 4.25 -11.20 40.21
CA ASP A 198 3.85 -9.82 40.46
C ASP A 198 2.51 -9.89 41.20
N LYS A 199 2.58 -9.67 42.52
CA LYS A 199 1.41 -9.76 43.40
C LYS A 199 0.72 -8.39 43.42
N ASP A 200 -0.59 -8.38 43.20
CA ASP A 200 -1.42 -7.17 43.37
C ASP A 200 -0.89 -5.97 42.58
N VAL A 201 -0.82 -6.14 41.25
CA VAL A 201 -0.21 -5.12 40.41
C VAL A 201 -1.06 -3.85 40.40
N LYS A 202 -0.39 -2.71 40.29
CA LYS A 202 -1.05 -1.40 40.27
C LYS A 202 -0.45 -0.56 39.14
N ILE A 203 -1.32 -0.07 38.27
CA ILE A 203 -0.86 0.72 37.14
C ILE A 203 -0.37 2.09 37.62
N LYS A 204 0.61 2.66 36.91
CA LYS A 204 1.09 4.00 37.22
C LYS A 204 -0.04 5.00 37.21
N LYS A 205 0.06 6.02 38.06
CA LYS A 205 -0.97 7.05 38.00
C LYS A 205 -0.89 7.79 36.67
N LYS A 206 0.32 8.06 36.19
CA LYS A 206 0.53 8.76 34.94
C LYS A 206 1.69 8.12 34.18
N GLY A 207 1.51 7.94 32.88
CA GLY A 207 2.48 7.32 32.03
C GLY A 207 3.09 8.32 31.04
N LYS A 208 4.01 7.78 30.24
CA LYS A 208 4.63 8.56 29.17
C LYS A 208 4.49 7.89 27.80
N ILE A 209 3.51 7.00 27.61
CA ILE A 209 3.38 6.27 26.35
C ILE A 209 1.91 6.13 25.96
N TYR A 210 1.58 6.49 24.72
CA TYR A 210 0.23 6.35 24.18
C TYR A 210 0.25 5.35 23.04
N SER A 211 -0.89 4.71 22.80
CA SER A 211 -0.96 3.53 21.95
C SER A 211 -2.25 3.55 21.14
N LEU A 212 -2.14 3.77 19.83
CA LEU A 212 -3.24 3.58 18.89
C LEU A 212 -2.67 3.65 17.46
N ASN A 213 -3.49 3.23 16.50
CA ASN A 213 -3.07 3.21 15.10
C ASN A 213 -3.19 4.60 14.49
N GLU A 214 -2.05 5.24 14.26
CA GLU A 214 -2.09 6.56 13.64
C GLU A 214 -2.16 6.52 12.13
N GLY A 215 -2.16 5.33 11.53
CA GLY A 215 -2.40 5.27 10.10
C GLY A 215 -3.80 5.71 9.75
N TYR A 216 -4.75 5.48 10.65
CA TYR A 216 -6.13 5.90 10.45
C TYR A 216 -6.40 7.32 10.94
N ALA A 217 -5.36 8.17 10.98
CA ALA A 217 -5.55 9.53 11.50
C ALA A 217 -6.52 10.33 10.65
N LYS A 218 -6.55 10.09 9.33
CA LYS A 218 -7.53 10.78 8.48
C LYS A 218 -8.96 10.58 9.00
N ASP A 219 -9.22 9.47 9.69
CA ASP A 219 -10.57 9.09 10.10
C ASP A 219 -10.86 9.39 11.56
N PHE A 220 -9.98 10.13 12.25
CA PHE A 220 -10.10 10.35 13.69
C PHE A 220 -11.27 11.26 14.04
N ASP A 221 -12.07 10.81 15.01
CA ASP A 221 -12.94 11.70 15.76
C ASP A 221 -12.15 12.93 16.22
N PRO A 222 -12.75 14.13 16.17
CA PRO A 222 -11.99 15.37 16.47
C PRO A 222 -11.34 15.46 17.84
N ALA A 223 -11.91 14.87 18.88
CA ALA A 223 -11.25 14.90 20.19
C ALA A 223 -9.95 14.09 20.18
N VAL A 224 -9.95 12.97 19.46
CA VAL A 224 -8.77 12.11 19.37
C VAL A 224 -7.60 12.83 18.70
N THR A 225 -7.86 13.51 17.57
CA THR A 225 -6.81 14.32 16.95
C THR A 225 -6.25 15.33 17.95
N GLU A 226 -7.12 15.92 18.77
CA GLU A 226 -6.67 16.93 19.74
C GLU A 226 -5.87 16.29 20.87
N TYR A 227 -6.36 15.19 21.44
CA TYR A 227 -5.61 14.54 22.51
C TYR A 227 -4.26 14.02 22.04
N ILE A 228 -4.21 13.41 20.84
CA ILE A 228 -2.92 12.93 20.34
C ILE A 228 -2.00 14.10 20.07
N GLN A 229 -2.54 15.19 19.51
CA GLN A 229 -1.72 16.36 19.23
C GLN A 229 -1.10 16.91 20.50
N ARG A 230 -1.84 16.83 21.62
CA ARG A 230 -1.32 17.27 22.91
C ARG A 230 -0.17 16.39 23.38
N LYS A 231 -0.12 15.13 22.91
CA LYS A 231 0.93 14.21 23.29
C LYS A 231 2.19 14.35 22.44
N LYS A 232 2.07 14.71 21.16
CA LYS A 232 3.28 14.97 20.38
C LYS A 232 3.80 16.39 20.63
N PHE A 233 2.90 17.34 20.81
CA PHE A 233 3.23 18.75 20.98
C PHE A 233 2.52 19.23 22.24
N PRO A 234 3.08 18.98 23.42
CA PRO A 234 2.43 19.41 24.66
C PRO A 234 2.32 20.92 24.72
N PRO A 235 1.18 21.46 25.16
CA PRO A 235 1.10 22.92 25.33
C PRO A 235 1.92 23.42 26.51
N ASP A 236 2.00 22.65 27.60
CA ASP A 236 2.79 23.08 28.74
C ASP A 236 4.28 22.91 28.50
N ASN A 237 4.65 22.52 27.27
CA ASN A 237 6.04 22.26 26.86
C ASN A 237 6.74 21.34 27.86
N SER A 238 6.06 20.26 28.21
CA SER A 238 6.75 19.21 28.92
C SER A 238 7.15 18.16 27.88
N ALA A 239 7.66 17.03 28.34
CA ALA A 239 8.22 16.08 27.42
C ALA A 239 7.13 15.46 26.56
N PRO A 240 7.39 15.26 25.25
CA PRO A 240 6.44 14.51 24.41
C PRO A 240 6.47 13.02 24.74
N TYR A 241 5.32 12.38 24.56
CA TYR A 241 5.21 10.95 24.82
C TYR A 241 5.79 10.18 23.64
N GLY A 242 6.26 8.96 23.93
CA GLY A 242 6.58 8.03 22.87
C GLY A 242 5.35 7.21 22.49
N ALA A 243 5.38 6.66 21.29
CA ALA A 243 4.27 5.87 20.76
C ALA A 243 4.70 4.42 20.63
N ARG A 244 3.77 3.51 20.93
CA ARG A 244 3.90 2.07 20.74
C ARG A 244 2.56 1.52 20.27
N TYR A 245 2.59 0.60 19.31
CA TYR A 245 1.36 -0.06 18.86
C TYR A 245 1.74 -1.39 18.23
N VAL A 246 1.50 -2.48 18.95
CA VAL A 246 1.76 -3.80 18.41
C VAL A 246 0.66 -4.28 17.47
N GLY A 247 -0.60 -3.91 17.74
CA GLY A 247 -1.68 -4.46 16.95
C GLY A 247 -2.25 -5.77 17.45
N SER A 248 -1.69 -6.32 18.53
CA SER A 248 -2.32 -7.38 19.32
C SER A 248 -2.82 -6.77 20.63
N MET A 249 -4.12 -6.92 20.89
CA MET A 249 -4.71 -6.24 22.05
C MET A 249 -4.10 -6.70 23.36
N VAL A 250 -3.77 -7.99 23.46
CA VAL A 250 -3.21 -8.53 24.69
C VAL A 250 -1.87 -7.85 25.01
N ALA A 251 -1.00 -7.74 24.01
CA ALA A 251 0.30 -7.10 24.19
C ALA A 251 0.16 -5.61 24.45
N ASP A 252 -0.69 -4.94 23.68
CA ASP A 252 -0.84 -3.49 23.83
C ASP A 252 -1.36 -3.15 25.23
N VAL A 253 -2.36 -3.88 25.70
CA VAL A 253 -2.89 -3.64 27.03
C VAL A 253 -1.85 -4.03 28.08
N HIS A 254 -1.20 -5.19 27.89
CA HIS A 254 -0.27 -5.65 28.91
C HIS A 254 0.91 -4.69 29.10
N ARG A 255 1.47 -4.17 28.01
CA ARG A 255 2.49 -3.13 28.13
C ARG A 255 1.96 -1.91 28.88
N THR A 256 0.70 -1.51 28.59
CA THR A 256 0.06 -0.42 29.31
C THR A 256 -0.01 -0.69 30.81
N LEU A 257 -0.38 -1.90 31.19
CA LEU A 257 -0.45 -2.26 32.61
C LEU A 257 0.92 -2.11 33.27
N VAL A 258 1.96 -2.64 32.63
CA VAL A 258 3.27 -2.80 33.26
C VAL A 258 4.06 -1.50 33.25
N TYR A 259 3.91 -0.66 32.22
CA TYR A 259 4.65 0.57 32.09
C TYR A 259 3.79 1.82 32.29
N GLY A 260 2.48 1.69 32.24
CA GLY A 260 1.62 2.84 32.32
C GLY A 260 1.47 3.54 30.98
N GLY A 261 0.45 4.39 30.91
CA GLY A 261 0.14 5.08 29.68
C GLY A 261 -1.31 4.88 29.31
N ILE A 262 -1.61 4.97 28.01
CA ILE A 262 -2.98 4.91 27.54
C ILE A 262 -3.02 4.14 26.23
N PHE A 263 -4.07 3.33 26.07
CA PHE A 263 -4.34 2.57 24.87
C PHE A 263 -5.71 3.02 24.35
N LEU A 264 -5.82 3.22 23.03
CA LEU A 264 -7.06 3.71 22.44
C LEU A 264 -7.41 2.90 21.21
N TYR A 265 -8.64 2.38 21.17
CA TYR A 265 -9.29 1.93 19.95
C TYR A 265 -10.67 2.56 19.96
N PRO A 266 -10.74 3.88 19.70
CA PRO A 266 -11.95 4.65 19.93
C PRO A 266 -12.89 4.61 18.72
N ALA A 267 -14.06 5.20 18.90
CA ALA A 267 -15.05 5.33 17.84
C ALA A 267 -14.67 6.45 16.88
N ASN A 268 -14.66 6.15 15.59
CA ASN A 268 -14.71 7.19 14.57
C ASN A 268 -16.12 7.24 13.98
N LYS A 269 -16.34 8.18 13.06
CA LYS A 269 -17.66 8.31 12.46
C LYS A 269 -17.93 7.17 11.48
N LYS A 270 -16.88 6.58 10.92
CA LYS A 270 -17.07 5.44 10.04
C LYS A 270 -17.45 4.19 10.86
N SER A 271 -16.79 3.97 11.99
CA SER A 271 -17.08 2.88 12.91
C SER A 271 -17.65 3.45 14.22
N PRO A 272 -18.96 3.65 14.32
CA PRO A 272 -19.50 4.40 15.45
C PRO A 272 -19.43 3.65 16.75
N ASN A 273 -19.29 2.32 16.72
CA ASN A 273 -19.18 1.51 17.93
C ASN A 273 -17.79 0.94 18.16
N GLY A 274 -16.74 1.61 17.67
CA GLY A 274 -15.44 1.00 17.87
C GLY A 274 -15.27 -0.22 16.98
N LYS A 275 -14.24 -0.99 17.30
CA LYS A 275 -14.01 -2.23 16.57
C LYS A 275 -13.98 -3.46 17.45
N LEU A 276 -13.42 -3.36 18.65
CA LEU A 276 -13.22 -4.52 19.50
C LEU A 276 -14.55 -5.03 20.06
N ARG A 277 -14.59 -6.32 20.37
CA ARG A 277 -15.79 -6.92 20.92
C ARG A 277 -15.87 -6.72 22.44
N LEU A 278 -17.06 -6.35 22.93
CA LEU A 278 -17.20 -6.04 24.35
C LEU A 278 -17.09 -7.28 25.22
N LEU A 279 -17.81 -8.35 24.88
CA LEU A 279 -18.01 -9.43 25.84
C LEU A 279 -16.69 -10.12 26.18
N TYR A 280 -15.81 -10.29 25.18
CA TYR A 280 -14.61 -11.11 25.33
C TYR A 280 -13.32 -10.39 24.94
N GLU A 281 -13.35 -9.07 24.70
CA GLU A 281 -12.09 -8.32 24.56
C GLU A 281 -12.07 -7.13 25.51
N CYS A 282 -13.05 -6.23 25.33
CA CYS A 282 -13.09 -4.99 26.09
C CYS A 282 -13.40 -5.25 27.57
N ASN A 283 -14.45 -6.01 27.85
CA ASN A 283 -14.83 -6.21 29.26
C ASN A 283 -13.70 -6.81 30.06
N PRO A 284 -13.09 -7.94 29.68
CA PRO A 284 -12.01 -8.48 30.51
C PRO A 284 -10.81 -7.55 30.65
N MET A 285 -10.49 -6.76 29.63
CA MET A 285 -9.41 -5.78 29.79
C MET A 285 -9.84 -4.65 30.72
N ALA A 286 -11.09 -4.21 30.62
CA ALA A 286 -11.57 -3.19 31.56
C ALA A 286 -11.52 -3.68 33.00
N TYR A 287 -11.89 -4.94 33.24
CA TYR A 287 -11.82 -5.49 34.60
C TYR A 287 -10.38 -5.53 35.10
N VAL A 288 -9.43 -6.02 34.28
CA VAL A 288 -8.03 -6.06 34.71
C VAL A 288 -7.53 -4.66 35.00
N MET A 289 -7.80 -3.72 34.09
CA MET A 289 -7.40 -2.33 34.29
C MET A 289 -7.94 -1.77 35.60
N GLU A 290 -9.26 -1.83 35.79
CA GLU A 290 -9.83 -1.20 36.98
C GLU A 290 -9.35 -1.86 38.26
N LYS A 291 -9.30 -3.20 38.31
CA LYS A 291 -8.79 -3.90 39.49
C LYS A 291 -7.31 -3.65 39.72
N ALA A 292 -6.60 -3.06 38.75
CA ALA A 292 -5.22 -2.68 38.92
C ALA A 292 -5.05 -1.19 39.17
N GLY A 293 -6.16 -0.50 39.46
CA GLY A 293 -6.12 0.93 39.73
C GLY A 293 -6.17 1.82 38.52
N GLY A 294 -6.54 1.30 37.35
CA GLY A 294 -6.57 2.07 36.13
C GLY A 294 -7.98 2.45 35.73
N MET A 295 -8.10 2.95 34.49
CA MET A 295 -9.39 3.39 33.97
C MET A 295 -9.61 2.82 32.58
N ALA A 296 -10.88 2.75 32.20
CA ALA A 296 -11.26 2.18 30.91
C ALA A 296 -12.62 2.74 30.51
N THR A 297 -12.65 3.51 29.43
CA THR A 297 -13.85 4.22 29.03
C THR A 297 -14.15 4.01 27.55
N THR A 298 -15.43 4.20 27.19
CA THR A 298 -15.83 4.32 25.81
C THR A 298 -15.83 5.77 25.35
N GLY A 299 -15.61 6.72 26.25
CA GLY A 299 -15.84 8.11 25.97
C GLY A 299 -17.17 8.56 26.57
N LYS A 300 -18.19 7.73 26.36
CA LYS A 300 -19.54 7.99 26.82
C LYS A 300 -19.81 7.41 28.19
N GLU A 301 -19.08 6.36 28.59
CA GLU A 301 -19.30 5.72 29.88
C GLU A 301 -18.09 4.83 30.19
N ALA A 302 -18.12 4.23 31.37
CA ALA A 302 -17.17 3.17 31.73
C ALA A 302 -17.51 1.88 30.98
N VAL A 303 -16.47 1.14 30.57
CA VAL A 303 -16.67 -0.06 29.76
C VAL A 303 -17.52 -1.09 30.50
N LEU A 304 -17.21 -1.33 31.77
CA LEU A 304 -17.90 -2.37 32.53
C LEU A 304 -19.37 -2.05 32.79
N ASP A 305 -19.82 -0.81 32.53
CA ASP A 305 -21.22 -0.46 32.71
C ASP A 305 -22.09 -0.66 31.46
N VAL A 306 -21.52 -0.96 30.30
CA VAL A 306 -22.36 -1.18 29.12
C VAL A 306 -23.19 -2.44 29.33
N ILE A 307 -24.48 -2.36 29.03
CA ILE A 307 -25.37 -3.52 29.13
C ILE A 307 -25.49 -4.12 27.74
N PRO A 308 -24.98 -5.32 27.50
CA PRO A 308 -24.94 -5.83 26.14
C PRO A 308 -26.31 -6.30 25.68
N THR A 309 -26.57 -6.06 24.40
CA THR A 309 -27.77 -6.55 23.77
C THR A 309 -27.51 -7.66 22.76
N ASP A 310 -26.25 -7.83 22.32
CA ASP A 310 -25.82 -8.88 21.38
C ASP A 310 -24.49 -9.42 21.91
N ILE A 311 -24.29 -10.74 21.86
CA ILE A 311 -23.05 -11.28 22.42
C ILE A 311 -21.85 -10.88 21.59
N HIS A 312 -22.03 -10.56 20.32
CA HIS A 312 -20.92 -10.16 19.47
C HIS A 312 -20.86 -8.66 19.22
N GLN A 313 -21.53 -7.86 20.05
CA GLN A 313 -21.57 -6.41 19.83
C GLN A 313 -20.22 -5.77 20.12
N ARG A 314 -19.97 -4.65 19.46
CA ARG A 314 -18.69 -3.97 19.60
C ARG A 314 -18.87 -2.78 20.53
N ALA A 315 -17.76 -2.28 21.04
CA ALA A 315 -17.74 -1.15 21.94
C ALA A 315 -16.41 -0.45 21.77
N PRO A 316 -16.38 0.87 21.73
CA PRO A 316 -15.11 1.58 21.78
C PRO A 316 -14.47 1.47 23.16
N VAL A 317 -13.14 1.61 23.20
CA VAL A 317 -12.41 1.44 24.44
C VAL A 317 -11.19 2.36 24.45
N ILE A 318 -10.98 3.05 25.56
CA ILE A 318 -9.78 3.82 25.86
C ILE A 318 -9.38 3.46 27.28
N LEU A 319 -8.18 2.90 27.47
CA LEU A 319 -7.81 2.38 28.78
C LEU A 319 -6.40 2.78 29.19
N GLY A 320 -6.10 2.58 30.48
CA GLY A 320 -4.77 2.81 31.01
C GLY A 320 -4.65 3.56 32.32
N SER A 321 -3.59 4.38 32.40
CA SER A 321 -3.29 5.12 33.61
C SER A 321 -4.40 6.10 33.95
N PRO A 322 -4.72 6.27 35.24
CA PRO A 322 -5.89 7.13 35.58
C PRO A 322 -5.72 8.56 35.10
N ASP A 323 -4.54 9.15 35.26
CA ASP A 323 -4.30 10.52 34.78
C ASP A 323 -4.42 10.63 33.26
N ASP A 324 -4.01 9.60 32.51
CA ASP A 324 -4.00 9.76 31.06
C ASP A 324 -5.40 9.67 30.48
N VAL A 325 -6.18 8.68 30.91
CA VAL A 325 -7.55 8.56 30.42
C VAL A 325 -8.35 9.80 30.74
N LEU A 326 -8.12 10.36 31.94
CA LEU A 326 -8.81 11.60 32.32
C LEU A 326 -8.45 12.74 31.38
N GLU A 327 -7.16 12.90 31.08
CA GLU A 327 -6.76 13.97 30.17
C GLU A 327 -7.39 13.79 28.80
N PHE A 328 -7.61 12.55 28.38
CA PHE A 328 -8.36 12.29 27.15
C PHE A 328 -9.84 12.65 27.31
N LEU A 329 -10.46 12.19 28.40
CA LEU A 329 -11.88 12.45 28.58
C LEU A 329 -12.18 13.94 28.62
N LYS A 330 -11.27 14.74 29.17
CA LYS A 330 -11.44 16.18 29.15
C LYS A 330 -11.46 16.72 27.73
N VAL A 331 -10.66 16.15 26.83
CA VAL A 331 -10.70 16.58 25.44
C VAL A 331 -11.96 16.07 24.78
N TYR A 332 -12.44 14.91 25.20
CA TYR A 332 -13.69 14.39 24.68
C TYR A 332 -14.84 15.33 25.00
N GLU A 333 -14.85 15.91 26.21
CA GLU A 333 -15.91 16.84 26.60
C GLU A 333 -15.97 18.07 25.71
N LYS A 334 -14.82 18.68 25.43
CA LYS A 334 -14.77 19.87 24.59
C LYS A 334 -15.52 19.67 23.28
N HIS A 335 -15.65 18.43 22.84
CA HIS A 335 -16.29 18.13 21.56
C HIS A 335 -17.74 17.67 21.77
N SER A 336 -18.55 18.60 22.29
CA SER A 336 -19.99 18.39 22.48
C SER A 336 -20.31 17.25 23.45
N ASP B 10 11.64 -31.42 0.90
CA ASP B 10 12.27 -32.29 1.90
C ASP B 10 12.40 -31.58 3.25
N VAL B 11 12.70 -32.35 4.29
CA VAL B 11 12.82 -31.80 5.64
C VAL B 11 14.22 -31.21 5.80
N ASN B 12 14.31 -29.91 6.08
CA ASN B 12 15.63 -29.32 6.22
C ASN B 12 15.80 -28.50 7.49
N THR B 13 16.93 -28.72 8.16
CA THR B 13 17.31 -28.04 9.38
C THR B 13 18.45 -27.08 9.10
N LEU B 14 18.63 -26.09 9.98
CA LEU B 14 19.70 -25.12 9.78
C LEU B 14 21.06 -25.79 9.67
N THR B 15 21.31 -26.79 10.52
CA THR B 15 22.61 -27.47 10.50
C THR B 15 22.82 -28.27 9.23
N ARG B 16 21.79 -28.95 8.72
CA ARG B 16 21.93 -29.70 7.47
C ARG B 16 22.17 -28.75 6.29
N PHE B 17 21.36 -27.68 6.22
CA PHE B 17 21.48 -26.68 5.15
C PHE B 17 22.88 -26.06 5.14
N VAL B 18 23.36 -25.65 6.31
CA VAL B 18 24.66 -24.99 6.37
C VAL B 18 25.79 -25.96 6.00
N MET B 19 25.66 -27.25 6.32
CA MET B 19 26.71 -28.16 5.90
C MET B 19 26.74 -28.34 4.38
N GLU B 20 25.56 -28.46 3.74
CA GLU B 20 25.50 -28.65 2.30
C GLU B 20 26.10 -27.47 1.54
N GLU B 21 25.74 -26.24 1.93
CA GLU B 21 26.30 -25.10 1.22
C GLU B 21 27.82 -25.03 1.39
N GLY B 22 28.32 -25.43 2.56
CA GLY B 22 29.76 -25.45 2.78
C GLY B 22 30.46 -26.57 2.02
N ARG B 23 29.82 -27.74 1.93
CA ARG B 23 30.40 -28.80 1.10
C ARG B 23 30.39 -28.43 -0.38
N LYS B 24 29.28 -27.86 -0.86
CA LYS B 24 29.20 -27.48 -2.26
C LYS B 24 30.35 -26.56 -2.66
N ALA B 25 30.68 -25.59 -1.81
CA ALA B 25 31.71 -24.61 -2.10
C ALA B 25 33.08 -25.00 -1.54
N ARG B 26 33.19 -26.16 -0.89
CA ARG B 26 34.48 -26.70 -0.44
C ARG B 26 35.35 -25.71 0.37
N GLY B 27 34.71 -24.94 1.28
CA GLY B 27 35.45 -24.07 2.20
C GLY B 27 36.07 -24.83 3.39
N THR B 28 36.84 -24.08 4.20
CA THR B 28 37.60 -24.72 5.27
C THR B 28 36.72 -25.24 6.40
N GLY B 29 35.46 -24.78 6.50
CA GLY B 29 34.53 -25.18 7.55
C GLY B 29 34.36 -24.16 8.67
N GLU B 30 35.15 -23.09 8.65
CA GLU B 30 35.18 -22.16 9.78
C GLU B 30 33.85 -21.42 9.92
N LEU B 31 33.20 -21.07 8.78
CA LEU B 31 31.92 -20.37 8.84
C LEU B 31 30.82 -21.27 9.39
N THR B 32 30.79 -22.52 8.96
CA THR B 32 29.81 -23.46 9.48
C THR B 32 29.96 -23.62 10.99
N GLN B 33 31.20 -23.73 11.48
CA GLN B 33 31.39 -23.78 12.93
C GLN B 33 30.91 -22.49 13.59
N LEU B 34 31.24 -21.33 13.00
CA LEU B 34 30.75 -20.06 13.53
C LEU B 34 29.24 -20.06 13.62
N LEU B 35 28.56 -20.48 12.54
CA LEU B 35 27.12 -20.44 12.53
C LEU B 35 26.53 -21.39 13.56
N ASN B 36 27.13 -22.57 13.73
CA ASN B 36 26.66 -23.52 14.73
C ASN B 36 26.85 -22.99 16.15
N SER B 37 28.02 -22.40 16.44
CA SER B 37 28.22 -21.81 17.76
C SER B 37 27.23 -20.68 18.01
N LEU B 38 26.96 -19.89 16.98
CA LEU B 38 25.95 -18.85 17.08
C LEU B 38 24.59 -19.46 17.33
N CYS B 39 24.26 -20.51 16.59
CA CYS B 39 22.96 -21.13 16.73
C CYS B 39 22.78 -21.73 18.11
N THR B 40 23.84 -22.34 18.67
CA THR B 40 23.72 -22.88 20.02
C THR B 40 23.47 -21.78 21.04
N ALA B 41 24.18 -20.65 20.90
CA ALA B 41 23.90 -19.50 21.75
C ALA B 41 22.45 -19.06 21.60
N VAL B 42 21.94 -19.08 20.36
CA VAL B 42 20.57 -18.65 20.14
C VAL B 42 19.59 -19.52 20.92
N LYS B 43 19.76 -20.83 20.84
CA LYS B 43 18.87 -21.73 21.55
C LYS B 43 18.94 -21.53 23.07
N ALA B 44 20.15 -21.33 23.59
CA ALA B 44 20.33 -21.08 25.02
C ALA B 44 19.65 -19.79 25.47
N ILE B 45 19.83 -18.71 24.70
CA ILE B 45 19.18 -17.45 25.02
C ILE B 45 17.66 -17.61 25.04
N SER B 46 17.12 -18.31 24.03
CA SER B 46 15.68 -18.51 23.91
C SER B 46 15.09 -19.15 25.17
N SER B 47 15.73 -20.22 25.65
CA SER B 47 15.24 -20.94 26.81
C SER B 47 15.20 -20.03 28.03
N ALA B 48 16.25 -19.24 28.22
CA ALA B 48 16.29 -18.26 29.29
C ALA B 48 15.26 -17.16 29.09
N VAL B 49 14.98 -16.77 27.85
CA VAL B 49 14.03 -15.69 27.63
C VAL B 49 12.59 -16.13 27.94
N ARG B 50 12.28 -17.42 27.77
CA ARG B 50 10.98 -17.99 28.12
C ARG B 50 10.79 -18.20 29.62
N LYS B 51 11.84 -18.02 30.43
CA LYS B 51 11.73 -18.11 31.89
C LYS B 51 12.26 -16.86 32.57
N ALA B 52 12.32 -15.74 31.85
CA ALA B 52 12.87 -14.52 32.43
C ALA B 52 11.91 -13.98 33.49
N GLY B 53 12.41 -13.10 34.33
CA GLY B 53 11.63 -12.61 35.48
C GLY B 53 11.73 -13.51 36.70
N ILE B 54 11.75 -14.83 36.48
CA ILE B 54 11.89 -15.78 37.58
C ILE B 54 13.27 -15.66 38.21
N ALA B 55 13.30 -15.68 39.55
CA ALA B 55 14.54 -15.64 40.33
C ALA B 55 14.69 -16.88 41.22
N LYS B 73 22.57 -8.70 34.54
CA LYS B 73 21.21 -8.77 34.05
C LYS B 73 21.14 -9.87 32.98
N LEU B 74 20.02 -9.95 32.25
CA LEU B 74 19.82 -11.07 31.33
C LEU B 74 20.55 -10.81 30.03
N ASP B 75 20.54 -9.55 29.59
CA ASP B 75 21.35 -9.17 28.44
C ASP B 75 22.84 -9.31 28.75
N VAL B 76 23.21 -9.53 30.02
CA VAL B 76 24.59 -9.90 30.33
C VAL B 76 24.81 -11.41 30.16
N LEU B 77 23.86 -12.25 30.61
CA LEU B 77 23.98 -13.68 30.33
C LEU B 77 24.13 -13.90 28.83
N SER B 78 23.30 -13.23 28.03
CA SER B 78 23.33 -13.44 26.58
C SER B 78 24.67 -13.04 25.99
N ASN B 79 25.23 -11.91 26.43
CA ASN B 79 26.53 -11.51 25.90
C ASN B 79 27.58 -12.54 26.25
N ASP B 80 27.65 -12.93 27.54
CA ASP B 80 28.62 -13.94 27.94
C ASP B 80 28.37 -15.26 27.22
N LEU B 81 27.10 -15.59 26.97
CA LEU B 81 26.75 -16.78 26.20
C LEU B 81 27.29 -16.71 24.77
N VAL B 82 26.95 -15.64 24.04
CA VAL B 82 27.48 -15.50 22.68
C VAL B 82 29.00 -15.36 22.70
N MET B 83 29.51 -14.57 23.65
CA MET B 83 30.95 -14.31 23.71
C MET B 83 31.74 -15.62 23.80
N ASN B 84 31.35 -16.50 24.72
CA ASN B 84 32.13 -17.72 24.88
C ASN B 84 31.77 -18.77 23.85
N MET B 85 30.52 -18.77 23.35
CA MET B 85 30.22 -19.68 22.24
C MET B 85 31.05 -19.32 21.03
N LEU B 86 31.25 -18.02 20.78
CA LEU B 86 32.05 -17.58 19.64
C LEU B 86 33.54 -17.79 19.89
N LYS B 87 34.03 -17.37 21.06
CA LYS B 87 35.45 -17.53 21.38
C LYS B 87 35.90 -18.96 21.16
N SER B 88 35.14 -19.92 21.66
CA SER B 88 35.50 -21.33 21.61
C SER B 88 35.06 -22.00 20.31
N SER B 89 34.56 -21.23 19.34
CA SER B 89 34.27 -21.77 18.01
C SER B 89 35.52 -21.96 17.16
N PHE B 90 36.63 -21.31 17.52
CA PHE B 90 37.88 -21.33 16.77
C PHE B 90 37.76 -20.70 15.39
N ALA B 91 36.72 -19.88 15.18
CA ALA B 91 36.45 -19.28 13.88
C ALA B 91 36.45 -17.76 13.92
N THR B 92 36.73 -17.15 15.07
CA THR B 92 36.66 -15.71 15.25
C THR B 92 37.93 -15.15 15.86
N CYS B 93 38.24 -13.90 15.51
CA CYS B 93 39.36 -13.18 16.10
C CYS B 93 38.97 -11.86 16.74
N VAL B 94 37.93 -11.18 16.25
CA VAL B 94 37.47 -9.92 16.81
C VAL B 94 35.96 -9.97 17.02
N LEU B 95 35.53 -9.63 18.23
CA LEU B 95 34.12 -9.62 18.61
C LEU B 95 33.75 -8.23 19.08
N VAL B 96 32.76 -7.63 18.41
CA VAL B 96 32.21 -6.34 18.77
C VAL B 96 30.79 -6.56 19.24
N SER B 97 30.52 -6.08 20.44
CA SER B 97 29.25 -6.25 21.13
C SER B 97 28.72 -4.87 21.46
N GLU B 98 27.40 -4.78 21.56
CA GLU B 98 26.78 -3.58 22.10
C GLU B 98 27.14 -3.40 23.57
N GLU B 99 27.40 -4.50 24.30
CA GLU B 99 27.54 -4.49 25.76
C GLU B 99 28.96 -4.23 26.27
N ASP B 100 29.96 -4.20 25.39
CA ASP B 100 31.35 -3.98 25.78
C ASP B 100 31.90 -2.77 25.03
N LYS B 101 32.61 -1.89 25.75
CA LYS B 101 33.03 -0.62 25.19
C LYS B 101 34.09 -0.79 24.10
N HIS B 102 35.04 -1.69 24.29
CA HIS B 102 36.07 -1.94 23.31
C HIS B 102 35.78 -3.25 22.60
N ALA B 103 36.37 -3.41 21.42
CA ALA B 103 36.33 -4.70 20.76
C ALA B 103 37.00 -5.77 21.63
N ILE B 104 36.54 -7.01 21.47
CA ILE B 104 37.10 -8.13 22.20
C ILE B 104 38.02 -8.89 21.26
N ILE B 105 39.26 -9.12 21.67
CA ILE B 105 40.21 -9.85 20.85
C ILE B 105 40.31 -11.29 21.35
N VAL B 106 39.99 -12.25 20.48
CA VAL B 106 40.05 -13.64 20.88
C VAL B 106 41.51 -14.02 21.08
N GLU B 107 41.78 -14.82 22.11
CA GLU B 107 43.13 -15.31 22.35
C GLU B 107 43.65 -16.14 21.18
N PRO B 108 44.96 -16.14 20.95
CA PRO B 108 45.50 -16.74 19.71
C PRO B 108 45.25 -18.22 19.59
N GLU B 109 45.17 -18.93 20.72
CA GLU B 109 44.93 -20.37 20.68
C GLU B 109 43.56 -20.69 20.08
N LYS B 110 42.60 -19.77 20.25
CA LYS B 110 41.23 -19.92 19.80
C LYS B 110 40.94 -19.05 18.59
N ARG B 111 41.99 -18.58 17.92
CA ARG B 111 41.85 -17.56 16.89
C ARG B 111 41.39 -18.12 15.55
N GLY B 112 40.54 -17.34 14.89
CA GLY B 112 39.97 -17.70 13.60
C GLY B 112 39.89 -16.46 12.75
N LYS B 113 39.31 -16.62 11.56
CA LYS B 113 39.47 -15.61 10.52
C LYS B 113 38.29 -14.67 10.38
N TYR B 114 37.27 -14.78 11.25
CA TYR B 114 36.07 -13.99 11.04
C TYR B 114 35.87 -12.99 12.15
N VAL B 115 35.26 -11.86 11.79
CA VAL B 115 34.87 -10.80 12.73
C VAL B 115 33.35 -10.80 12.86
N VAL B 116 32.86 -10.75 14.10
CA VAL B 116 31.42 -10.79 14.30
C VAL B 116 31.03 -9.59 15.11
N CYS B 117 30.07 -8.82 14.62
CA CYS B 117 29.48 -7.71 15.35
C CYS B 117 28.07 -8.13 15.73
N PHE B 118 27.70 -7.90 17.00
CA PHE B 118 26.39 -8.39 17.43
C PHE B 118 25.81 -7.62 18.61
N ASP B 119 24.49 -7.52 18.61
CA ASP B 119 23.73 -7.17 19.81
C ASP B 119 23.20 -8.47 20.36
N PRO B 120 23.68 -8.92 21.53
CA PRO B 120 23.24 -10.24 21.99
C PRO B 120 21.81 -10.29 22.42
N LEU B 121 21.26 -9.17 22.92
CA LEU B 121 19.85 -9.15 23.37
C LEU B 121 19.27 -7.77 23.07
N ASP B 122 18.89 -7.57 21.81
CA ASP B 122 18.29 -6.33 21.39
C ASP B 122 16.90 -6.20 21.99
N GLY B 123 16.59 -5.01 22.49
CA GLY B 123 15.33 -4.77 23.16
C GLY B 123 15.32 -5.11 24.62
N SER B 124 16.48 -5.29 25.26
CA SER B 124 16.52 -5.69 26.66
C SER B 124 15.96 -4.63 27.61
N SER B 125 15.72 -3.41 27.14
CA SER B 125 15.04 -2.42 27.97
C SER B 125 13.52 -2.63 28.05
N ASN B 126 12.92 -3.27 27.04
CA ASN B 126 11.48 -3.50 27.01
C ASN B 126 11.11 -4.97 27.09
N ILE B 127 11.68 -5.70 28.05
CA ILE B 127 11.33 -7.11 28.20
C ILE B 127 10.24 -7.32 29.25
N ASP B 128 10.02 -6.34 30.14
CA ASP B 128 8.91 -6.44 31.09
C ASP B 128 7.57 -6.56 30.38
N CYS B 129 7.42 -5.91 29.23
CA CYS B 129 6.21 -6.00 28.44
C CYS B 129 6.14 -7.27 27.59
N LEU B 130 7.10 -8.20 27.76
CA LEU B 130 7.11 -9.50 27.10
C LEU B 130 7.03 -9.37 25.59
N VAL B 131 7.30 -8.17 25.11
CA VAL B 131 7.42 -7.92 23.69
C VAL B 131 8.74 -8.50 23.23
N SER B 132 8.94 -8.58 21.93
CA SER B 132 10.08 -9.27 21.35
C SER B 132 11.40 -8.80 21.95
N VAL B 133 12.34 -9.76 22.06
CA VAL B 133 13.76 -9.48 22.20
C VAL B 133 14.48 -10.17 21.05
N GLY B 134 15.75 -9.82 20.87
CA GLY B 134 16.40 -10.41 19.71
C GLY B 134 17.91 -10.39 19.80
N THR B 135 18.50 -11.20 18.94
CA THR B 135 19.94 -11.24 18.76
C THR B 135 20.23 -10.79 17.33
N ILE B 136 21.10 -9.81 17.16
CA ILE B 136 21.47 -9.36 15.83
C ILE B 136 22.95 -9.64 15.66
N PHE B 137 23.32 -10.12 14.49
CA PHE B 137 24.71 -10.43 14.22
C PHE B 137 25.04 -10.09 12.77
N GLY B 138 26.26 -9.63 12.58
CA GLY B 138 26.84 -9.52 11.24
C GLY B 138 28.22 -10.13 11.27
N ILE B 139 28.57 -10.83 10.19
CA ILE B 139 29.83 -11.55 10.08
C ILE B 139 30.64 -10.98 8.93
N TYR B 140 31.91 -10.66 9.20
CA TYR B 140 32.87 -10.17 8.21
C TYR B 140 34.04 -11.14 8.09
N ARG B 141 34.85 -10.93 7.04
CA ARG B 141 36.12 -11.61 6.87
C ARG B 141 37.21 -10.68 7.37
N LYS B 142 38.10 -11.21 8.21
CA LYS B 142 39.28 -10.49 8.67
C LYS B 142 40.02 -9.84 7.50
N LYS B 143 40.34 -8.56 7.67
CA LYS B 143 40.94 -7.75 6.60
C LYS B 143 42.47 -7.75 6.66
N SER B 144 43.05 -7.65 7.86
CA SER B 144 44.49 -7.59 8.06
C SER B 144 45.12 -8.97 8.26
N THR B 145 46.44 -9.05 8.06
CA THR B 145 47.22 -10.22 8.45
C THR B 145 48.10 -9.95 9.66
N ASP B 146 48.04 -8.72 10.19
CA ASP B 146 48.68 -8.27 11.42
C ASP B 146 48.01 -8.96 12.60
N GLU B 147 48.26 -8.44 13.80
CA GLU B 147 47.44 -8.82 14.93
C GLU B 147 46.01 -8.32 14.67
N PRO B 148 45.00 -9.14 14.92
CA PRO B 148 43.63 -8.63 14.80
C PRO B 148 43.44 -7.49 15.78
N SER B 149 42.70 -6.48 15.37
CA SER B 149 42.52 -5.30 16.20
C SER B 149 41.16 -4.69 15.90
N GLU B 150 40.79 -3.68 16.71
CA GLU B 150 39.53 -2.98 16.52
C GLU B 150 39.35 -2.50 15.09
N LYS B 151 40.44 -2.24 14.38
CA LYS B 151 40.36 -1.77 13.00
C LYS B 151 39.72 -2.82 12.11
N ASP B 152 39.83 -4.10 12.46
CA ASP B 152 39.25 -5.17 11.64
C ASP B 152 37.72 -5.15 11.66
N ALA B 153 37.11 -4.53 12.68
CA ALA B 153 35.67 -4.40 12.81
C ALA B 153 35.10 -3.19 12.08
N LEU B 154 35.96 -2.32 11.54
CA LEU B 154 35.55 -1.08 10.89
C LEU B 154 35.30 -1.23 9.38
N GLN B 155 34.86 -2.40 8.92
CA GLN B 155 34.53 -2.59 7.53
C GLN B 155 33.16 -2.00 7.17
N PRO B 156 32.92 -1.71 5.90
CA PRO B 156 31.57 -1.35 5.47
C PRO B 156 30.69 -2.58 5.38
N GLY B 157 29.37 -2.33 5.39
CA GLY B 157 28.41 -3.42 5.34
C GLY B 157 28.55 -4.33 4.13
N ARG B 158 28.98 -3.77 2.98
CA ARG B 158 29.12 -4.56 1.75
C ARG B 158 29.97 -5.80 1.96
N ASN B 159 30.99 -5.72 2.82
CA ASN B 159 31.94 -6.80 3.02
C ASN B 159 31.38 -7.95 3.87
N LEU B 160 30.09 -7.91 4.19
CA LEU B 160 29.48 -8.89 5.07
C LEU B 160 29.45 -10.28 4.43
N VAL B 161 29.87 -11.29 5.20
CA VAL B 161 29.79 -12.68 4.74
C VAL B 161 28.42 -13.25 5.05
N ALA B 162 27.92 -12.99 6.26
CA ALA B 162 26.62 -13.46 6.71
C ALA B 162 26.08 -12.51 7.77
N ALA B 163 24.77 -12.38 7.81
CA ALA B 163 24.14 -11.53 8.82
C ALA B 163 22.71 -12.00 9.01
N GLY B 164 22.13 -11.59 10.12
CA GLY B 164 20.74 -11.92 10.38
C GLY B 164 20.42 -11.72 11.85
N TYR B 165 19.34 -12.37 12.27
CA TYR B 165 18.86 -12.13 13.62
C TYR B 165 18.07 -13.35 14.11
N ALA B 166 18.02 -13.49 15.43
CA ALA B 166 17.11 -14.39 16.10
C ALA B 166 16.03 -13.55 16.75
N LEU B 167 14.76 -13.90 16.51
CA LEU B 167 13.60 -13.21 17.08
C LEU B 167 12.94 -14.13 18.08
N TYR B 168 12.98 -13.76 19.38
CA TYR B 168 12.36 -14.54 20.45
C TYR B 168 10.95 -14.02 20.77
N GLY B 169 9.98 -14.43 19.97
CA GLY B 169 8.62 -13.95 20.13
C GLY B 169 7.67 -15.07 20.49
N SER B 170 6.47 -15.06 19.90
CA SER B 170 5.54 -16.16 20.13
C SER B 170 6.18 -17.50 19.84
N ALA B 171 7.03 -17.53 18.81
CA ALA B 171 8.00 -18.59 18.58
C ALA B 171 9.34 -17.94 18.32
N THR B 172 10.40 -18.73 18.39
CA THR B 172 11.76 -18.26 18.11
C THR B 172 12.08 -18.49 16.64
N MET B 173 12.43 -17.44 15.94
CA MET B 173 12.82 -17.53 14.55
C MET B 173 14.21 -16.99 14.32
N LEU B 174 14.97 -17.74 13.53
CA LEU B 174 16.30 -17.37 13.06
C LEU B 174 16.18 -16.95 11.59
N VAL B 175 16.64 -15.74 11.28
CA VAL B 175 16.67 -15.25 9.93
C VAL B 175 18.13 -15.12 9.49
N LEU B 176 18.52 -15.90 8.48
CA LEU B 176 19.91 -15.98 8.03
C LEU B 176 20.00 -15.50 6.59
N ALA B 177 20.77 -14.42 6.38
CA ALA B 177 21.01 -13.81 5.08
C ALA B 177 22.45 -14.10 4.62
N MET B 178 22.59 -14.60 3.40
CA MET B 178 23.90 -14.85 2.81
C MET B 178 23.87 -14.38 1.36
N ASP B 179 24.91 -14.74 0.59
CA ASP B 179 24.95 -14.37 -0.82
C ASP B 179 23.80 -15.02 -1.59
N CYS B 180 23.48 -16.28 -1.26
CA CYS B 180 22.42 -17.01 -1.96
C CYS B 180 21.03 -16.41 -1.72
N GLY B 181 20.85 -15.72 -0.60
CA GLY B 181 19.57 -15.09 -0.28
C GLY B 181 19.34 -15.10 1.22
N VAL B 182 18.08 -14.98 1.59
CA VAL B 182 17.65 -14.94 2.99
C VAL B 182 16.81 -16.19 3.26
N ASN B 183 17.10 -16.89 4.35
CA ASN B 183 16.28 -18.03 4.74
C ASN B 183 15.80 -17.89 6.17
N CYS B 184 14.56 -18.27 6.42
CA CYS B 184 13.94 -18.18 7.74
C CYS B 184 13.79 -19.56 8.34
N PHE B 185 14.33 -19.73 9.54
CA PHE B 185 14.28 -20.99 10.28
C PHE B 185 13.50 -20.83 11.58
N MET B 186 12.65 -21.82 11.88
CA MET B 186 11.89 -21.86 13.13
C MET B 186 12.41 -22.93 14.07
N LEU B 187 12.78 -22.50 15.27
CA LEU B 187 13.21 -23.43 16.32
C LEU B 187 12.06 -24.32 16.79
N ASP B 188 12.23 -25.63 16.70
CA ASP B 188 11.32 -26.56 17.36
C ASP B 188 11.93 -26.96 18.69
N PRO B 189 11.34 -26.52 19.81
CA PRO B 189 11.97 -26.77 21.11
C PRO B 189 11.89 -28.23 21.57
N ALA B 190 10.95 -29.00 21.03
CA ALA B 190 10.85 -30.43 21.35
C ALA B 190 12.10 -31.18 20.93
N ILE B 191 12.76 -30.76 19.84
CA ILE B 191 13.97 -31.41 19.36
C ILE B 191 15.14 -30.46 19.27
N GLY B 192 14.94 -29.17 19.54
CA GLY B 192 16.03 -28.20 19.55
C GLY B 192 16.77 -28.13 18.24
N GLU B 193 16.04 -28.14 17.12
CA GLU B 193 16.61 -28.00 15.79
C GLU B 193 15.84 -26.92 15.04
N PHE B 194 16.56 -26.10 14.29
CA PHE B 194 15.96 -25.01 13.53
C PHE B 194 15.45 -25.53 12.20
N ILE B 195 14.14 -25.57 12.04
CA ILE B 195 13.51 -26.11 10.85
C ILE B 195 13.33 -25.01 9.85
N LEU B 196 13.75 -25.25 8.61
CA LEU B 196 13.61 -24.30 7.53
C LEU B 196 12.14 -24.14 7.16
N VAL B 197 11.60 -22.93 7.26
CA VAL B 197 10.22 -22.68 6.92
C VAL B 197 10.04 -21.65 5.82
N ASP B 198 11.10 -21.00 5.36
CA ASP B 198 10.92 -19.99 4.31
C ASP B 198 12.22 -19.89 3.51
N LYS B 199 12.23 -20.51 2.32
CA LYS B 199 13.40 -20.54 1.43
C LYS B 199 13.46 -19.28 0.58
N ASP B 200 14.63 -18.64 0.55
CA ASP B 200 14.96 -17.55 -0.37
C ASP B 200 13.86 -16.49 -0.36
N VAL B 201 13.60 -15.95 0.82
CA VAL B 201 12.49 -15.02 0.99
C VAL B 201 12.77 -13.71 0.26
N LYS B 202 11.71 -13.09 -0.22
CA LYS B 202 11.78 -11.84 -0.97
C LYS B 202 10.67 -10.92 -0.48
N ILE B 203 11.05 -9.70 -0.11
CA ILE B 203 10.08 -8.75 0.43
C ILE B 203 9.12 -8.33 -0.68
N LYS B 204 7.89 -8.00 -0.28
CA LYS B 204 6.91 -7.44 -1.19
C LYS B 204 7.49 -6.20 -1.87
N LYS B 205 7.05 -5.95 -3.11
CA LYS B 205 7.53 -4.76 -3.81
C LYS B 205 7.10 -3.48 -3.09
N LYS B 206 5.85 -3.43 -2.60
CA LYS B 206 5.35 -2.25 -1.91
C LYS B 206 4.38 -2.72 -0.83
N GLY B 207 4.47 -2.11 0.36
CA GLY B 207 3.66 -2.48 1.50
C GLY B 207 2.60 -1.45 1.89
N LYS B 208 1.82 -1.83 2.92
CA LYS B 208 0.75 -0.99 3.46
C LYS B 208 0.90 -0.67 4.95
N ILE B 209 2.12 -0.76 5.48
CA ILE B 209 2.36 -0.53 6.90
C ILE B 209 3.64 0.29 7.02
N TYR B 210 3.61 1.35 7.82
CA TYR B 210 4.80 2.12 8.13
C TYR B 210 5.09 2.02 9.62
N SER B 211 6.35 2.16 9.98
CA SER B 211 6.82 1.81 11.32
C SER B 211 7.87 2.80 11.78
N LEU B 212 7.49 3.67 12.71
CA LEU B 212 8.45 4.52 13.41
C LEU B 212 7.73 5.12 14.60
N ASN B 213 8.50 5.69 15.50
CA ASN B 213 7.96 6.33 16.69
C ASN B 213 7.46 7.71 16.30
N GLU B 214 6.14 7.90 16.31
CA GLU B 214 5.53 9.19 16.00
C GLU B 214 5.43 10.11 17.22
N GLY B 215 5.80 9.63 18.40
CA GLY B 215 5.85 10.51 19.55
C GLY B 215 6.92 11.58 19.41
N TYR B 216 8.00 11.27 18.69
CA TYR B 216 9.09 12.20 18.42
C TYR B 216 8.85 13.06 17.19
N ALA B 217 7.59 13.31 16.83
CA ALA B 217 7.29 14.11 15.63
C ALA B 217 7.84 15.52 15.73
N LYS B 218 7.96 16.05 16.96
CA LYS B 218 8.50 17.40 17.19
C LYS B 218 9.87 17.60 16.54
N ASP B 219 10.71 16.56 16.47
CA ASP B 219 12.07 16.72 16.02
C ASP B 219 12.29 16.29 14.58
N PHE B 220 11.23 15.94 13.86
CA PHE B 220 11.41 15.33 12.55
C PHE B 220 12.04 16.31 11.58
N ASP B 221 13.06 15.84 10.89
CA ASP B 221 13.43 16.47 9.62
C ASP B 221 12.17 16.65 8.77
N PRO B 222 12.01 17.79 8.10
CA PRO B 222 10.78 18.03 7.31
C PRO B 222 10.49 16.94 6.29
N ALA B 223 11.53 16.31 5.74
CA ALA B 223 11.34 15.23 4.78
C ALA B 223 10.60 14.05 5.39
N VAL B 224 10.93 13.71 6.63
CA VAL B 224 10.24 12.64 7.34
C VAL B 224 8.78 13.02 7.60
N THR B 225 8.55 14.26 8.06
CA THR B 225 7.20 14.75 8.29
C THR B 225 6.33 14.64 7.04
N GLU B 226 6.90 14.98 5.87
CA GLU B 226 6.13 14.95 4.65
C GLU B 226 5.82 13.52 4.22
N TYR B 227 6.83 12.65 4.29
CA TYR B 227 6.61 11.26 3.87
C TYR B 227 5.55 10.59 4.72
N ILE B 228 5.61 10.78 6.04
CA ILE B 228 4.64 10.14 6.92
C ILE B 228 3.24 10.69 6.67
N GLN B 229 3.13 12.01 6.47
CA GLN B 229 1.81 12.57 6.21
C GLN B 229 1.22 12.02 4.92
N ARG B 230 2.07 11.75 3.92
CA ARG B 230 1.60 11.12 2.69
C ARG B 230 1.06 9.72 2.95
N LYS B 231 1.48 9.08 4.05
CA LYS B 231 1.00 7.74 4.36
C LYS B 231 -0.35 7.77 5.08
N LYS B 232 -0.60 8.82 5.86
CA LYS B 232 -1.92 8.96 6.48
C LYS B 232 -2.93 9.59 5.52
N PHE B 233 -2.49 10.52 4.68
CA PHE B 233 -3.39 11.23 3.74
C PHE B 233 -2.82 11.12 2.32
N PRO B 234 -3.09 10.00 1.64
CA PRO B 234 -2.56 9.83 0.27
C PRO B 234 -3.13 10.86 -0.69
N PRO B 235 -2.29 11.44 -1.54
CA PRO B 235 -2.84 12.36 -2.55
C PRO B 235 -3.56 11.65 -3.69
N ASP B 236 -3.09 10.47 -4.09
CA ASP B 236 -3.66 9.75 -5.23
C ASP B 236 -4.97 9.05 -4.93
N ASN B 237 -5.61 9.32 -3.79
CA ASN B 237 -6.85 8.64 -3.41
C ASN B 237 -6.69 7.13 -3.44
N SER B 238 -5.62 6.67 -2.80
CA SER B 238 -5.46 5.27 -2.43
C SER B 238 -5.71 5.09 -0.94
N ALA B 239 -5.55 3.83 -0.47
CA ALA B 239 -5.78 3.53 0.95
C ALA B 239 -4.62 4.04 1.80
N PRO B 240 -4.90 4.61 2.98
CA PRO B 240 -3.81 5.03 3.85
C PRO B 240 -3.08 3.83 4.43
N TYR B 241 -1.80 4.02 4.70
CA TYR B 241 -1.03 2.93 5.28
C TYR B 241 -1.41 2.77 6.74
N GLY B 242 -1.21 1.56 7.25
CA GLY B 242 -1.30 1.33 8.68
C GLY B 242 0.02 1.59 9.41
N ALA B 243 -0.08 1.80 10.71
CA ALA B 243 1.08 2.01 11.55
C ALA B 243 1.22 0.86 12.53
N ARG B 244 2.46 0.40 12.70
CA ARG B 244 2.85 -0.58 13.72
C ARG B 244 4.20 -0.13 14.24
N TYR B 245 4.40 -0.20 15.56
CA TYR B 245 5.73 0.11 16.09
C TYR B 245 5.90 -0.59 17.44
N VAL B 246 6.62 -1.69 17.42
CA VAL B 246 6.94 -2.40 18.67
C VAL B 246 8.02 -1.66 19.42
N GLY B 247 8.95 -1.04 18.72
CA GLY B 247 10.08 -0.41 19.35
C GLY B 247 11.24 -1.34 19.64
N SER B 248 11.09 -2.64 19.38
CA SER B 248 12.20 -3.58 19.37
C SER B 248 12.55 -3.82 17.90
N MET B 249 13.80 -3.55 17.55
CA MET B 249 14.15 -3.48 16.13
C MET B 249 13.94 -4.84 15.47
N VAL B 250 14.22 -5.93 16.20
CA VAL B 250 14.07 -7.27 15.61
C VAL B 250 12.62 -7.53 15.25
N ALA B 251 11.69 -7.13 16.11
CA ALA B 251 10.28 -7.34 15.81
C ALA B 251 9.83 -6.52 14.60
N ASP B 252 10.18 -5.22 14.58
CA ASP B 252 9.72 -4.33 13.51
C ASP B 252 10.30 -4.71 12.15
N VAL B 253 11.62 -4.95 12.08
CA VAL B 253 12.24 -5.31 10.81
C VAL B 253 11.68 -6.63 10.31
N HIS B 254 11.49 -7.61 11.20
CA HIS B 254 10.97 -8.89 10.73
C HIS B 254 9.57 -8.72 10.15
N ARG B 255 8.72 -7.97 10.85
CA ARG B 255 7.38 -7.71 10.33
C ARG B 255 7.47 -6.96 9.01
N THR B 256 8.37 -5.99 8.93
CA THR B 256 8.61 -5.34 7.66
C THR B 256 9.03 -6.36 6.60
N LEU B 257 9.88 -7.31 6.96
CA LEU B 257 10.32 -8.33 6.02
C LEU B 257 9.15 -9.21 5.55
N VAL B 258 8.30 -9.65 6.49
CA VAL B 258 7.28 -10.69 6.24
C VAL B 258 5.99 -10.12 5.63
N TYR B 259 5.61 -8.89 5.99
CA TYR B 259 4.38 -8.28 5.52
C TYR B 259 4.62 -7.13 4.55
N GLY B 260 5.84 -6.63 4.47
CA GLY B 260 6.14 -5.49 3.66
C GLY B 260 5.83 -4.19 4.37
N GLY B 261 6.38 -3.10 3.82
CA GLY B 261 6.24 -1.78 4.36
C GLY B 261 7.59 -1.13 4.57
N ILE B 262 7.65 -0.17 5.46
CA ILE B 262 8.85 0.62 5.65
C ILE B 262 9.02 0.89 7.14
N PHE B 263 10.26 0.82 7.60
CA PHE B 263 10.62 1.11 8.98
C PHE B 263 11.62 2.26 8.96
N LEU B 264 11.40 3.23 9.84
CA LEU B 264 12.22 4.43 9.84
C LEU B 264 12.69 4.69 11.26
N TYR B 265 13.99 4.89 11.42
CA TYR B 265 14.55 5.50 12.62
C TYR B 265 15.46 6.58 12.07
N PRO B 266 14.90 7.69 11.62
CA PRO B 266 15.62 8.60 10.73
C PRO B 266 16.48 9.61 11.47
N ALA B 267 17.27 10.33 10.69
CA ALA B 267 18.05 11.44 11.22
C ALA B 267 17.14 12.64 11.42
N ASN B 268 17.07 13.12 12.67
CA ASN B 268 16.52 14.43 12.95
C ASN B 268 17.68 15.39 13.23
N LYS B 269 17.38 16.65 13.47
CA LYS B 269 18.49 17.58 13.71
C LYS B 269 19.05 17.46 15.12
N LYS B 270 18.28 16.94 16.09
CA LYS B 270 18.85 16.72 17.43
C LYS B 270 19.81 15.54 17.43
N SER B 271 19.44 14.46 16.72
CA SER B 271 20.31 13.30 16.54
C SER B 271 20.73 13.19 15.08
N PRO B 272 21.83 13.85 14.67
CA PRO B 272 22.14 13.95 13.23
C PRO B 272 22.67 12.66 12.62
N ASN B 273 23.16 11.71 13.42
CA ASN B 273 23.61 10.42 12.90
C ASN B 273 22.68 9.28 13.31
N GLY B 274 21.38 9.56 13.50
CA GLY B 274 20.46 8.50 13.89
C GLY B 274 20.63 8.05 15.34
N LYS B 275 19.95 6.94 15.68
CA LYS B 275 20.02 6.37 17.03
C LYS B 275 20.57 4.95 17.08
N LEU B 276 20.22 4.11 16.12
CA LEU B 276 20.69 2.73 16.15
C LEU B 276 22.17 2.69 15.77
N ARG B 277 22.86 1.63 16.23
CA ARG B 277 24.30 1.48 15.98
C ARG B 277 24.54 0.88 14.59
N LEU B 278 25.48 1.48 13.85
CA LEU B 278 25.68 1.05 12.48
C LEU B 278 26.23 -0.36 12.43
N LEU B 279 27.22 -0.67 13.27
CA LEU B 279 27.97 -1.92 13.11
C LEU B 279 27.12 -3.16 13.38
N TYR B 280 26.27 -3.13 14.41
CA TYR B 280 25.59 -4.37 14.82
C TYR B 280 24.07 -4.25 14.88
N GLU B 281 23.49 -3.16 14.41
CA GLU B 281 22.04 -3.12 14.25
C GLU B 281 21.67 -2.78 12.82
N CYS B 282 22.10 -1.62 12.33
CA CYS B 282 21.71 -1.18 10.99
C CYS B 282 22.29 -2.08 9.91
N ASN B 283 23.59 -2.38 9.99
CA ASN B 283 24.24 -3.15 8.93
C ASN B 283 23.62 -4.53 8.73
N PRO B 284 23.51 -5.39 9.75
CA PRO B 284 22.90 -6.71 9.50
C PRO B 284 21.49 -6.63 8.99
N MET B 285 20.72 -5.65 9.49
CA MET B 285 19.35 -5.49 9.04
C MET B 285 19.30 -5.00 7.59
N ALA B 286 20.19 -4.07 7.24
CA ALA B 286 20.30 -3.61 5.86
C ALA B 286 20.69 -4.75 4.93
N TYR B 287 21.62 -5.60 5.35
CA TYR B 287 22.06 -6.74 4.55
C TYR B 287 20.89 -7.68 4.28
N VAL B 288 20.14 -8.01 5.33
CA VAL B 288 19.00 -8.92 5.19
C VAL B 288 17.99 -8.33 4.22
N MET B 289 17.69 -7.04 4.41
CA MET B 289 16.80 -6.32 3.52
C MET B 289 17.27 -6.39 2.07
N GLU B 290 18.51 -5.98 1.81
CA GLU B 290 18.99 -5.95 0.44
C GLU B 290 18.99 -7.34 -0.15
N LYS B 291 19.48 -8.33 0.59
CA LYS B 291 19.45 -9.70 0.08
C LYS B 291 18.04 -10.23 -0.12
N ALA B 292 17.02 -9.56 0.41
CA ALA B 292 15.64 -9.97 0.24
C ALA B 292 14.88 -9.13 -0.78
N GLY B 293 15.58 -8.33 -1.58
CA GLY B 293 14.91 -7.51 -2.56
C GLY B 293 14.42 -6.18 -2.05
N GLY B 294 14.84 -5.77 -0.85
CA GLY B 294 14.45 -4.49 -0.29
C GLY B 294 15.59 -3.50 -0.32
N MET B 295 15.37 -2.37 0.36
CA MET B 295 16.33 -1.28 0.37
C MET B 295 16.56 -0.79 1.79
N ALA B 296 17.69 -0.13 1.98
CA ALA B 296 18.08 0.36 3.30
C ALA B 296 19.02 1.54 3.10
N THR B 297 18.59 2.70 3.56
CA THR B 297 19.29 3.95 3.32
C THR B 297 19.45 4.72 4.61
N THR B 298 20.43 5.62 4.58
CA THR B 298 20.57 6.68 5.55
C THR B 298 19.78 7.91 5.13
N GLY B 299 19.18 7.87 3.95
CA GLY B 299 18.56 9.03 3.34
C GLY B 299 19.53 9.57 2.30
N LYS B 300 20.78 9.65 2.71
CA LYS B 300 21.83 10.17 1.84
C LYS B 300 22.54 9.08 1.05
N GLU B 301 22.57 7.84 1.54
CA GLU B 301 23.29 6.77 0.87
C GLU B 301 22.75 5.44 1.39
N ALA B 302 23.23 4.34 0.79
CA ALA B 302 22.91 3.02 1.29
C ALA B 302 23.62 2.77 2.61
N VAL B 303 22.94 2.06 3.51
CA VAL B 303 23.52 1.83 4.83
C VAL B 303 24.81 1.01 4.72
N LEU B 304 24.80 -0.02 3.88
CA LEU B 304 25.96 -0.88 3.71
C LEU B 304 27.15 -0.16 3.08
N ASP B 305 26.96 1.02 2.51
CA ASP B 305 28.05 1.79 1.94
C ASP B 305 28.71 2.76 2.92
N VAL B 306 28.16 2.93 4.12
CA VAL B 306 28.80 3.79 5.12
C VAL B 306 30.07 3.10 5.64
N ILE B 307 31.16 3.85 5.70
CA ILE B 307 32.43 3.34 6.21
C ILE B 307 32.54 3.77 7.68
N PRO B 308 32.52 2.83 8.62
CA PRO B 308 32.49 3.21 10.03
C PRO B 308 33.84 3.66 10.53
N THR B 309 33.80 4.63 11.44
CA THR B 309 35.00 5.10 12.08
C THR B 309 35.09 4.70 13.54
N ASP B 310 33.98 4.27 14.13
CA ASP B 310 33.93 3.84 15.51
C ASP B 310 33.02 2.63 15.56
N ILE B 311 33.39 1.63 16.38
CA ILE B 311 32.64 0.38 16.40
C ILE B 311 31.25 0.56 16.98
N HIS B 312 31.02 1.61 17.76
CA HIS B 312 29.72 1.96 18.31
C HIS B 312 29.07 3.17 17.63
N GLN B 313 29.53 3.51 16.42
CA GLN B 313 28.96 4.70 15.81
C GLN B 313 27.50 4.44 15.44
N ARG B 314 26.76 5.53 15.30
CA ARG B 314 25.33 5.51 15.03
C ARG B 314 25.04 5.74 13.56
N ALA B 315 23.80 5.43 13.16
CA ALA B 315 23.40 5.63 11.79
C ALA B 315 21.89 5.83 11.72
N PRO B 316 21.43 6.76 10.88
CA PRO B 316 20.00 6.80 10.56
C PRO B 316 19.68 5.62 9.67
N VAL B 317 18.43 5.17 9.72
CA VAL B 317 18.09 4.02 8.89
C VAL B 317 16.63 4.13 8.47
N ILE B 318 16.40 3.96 7.16
CA ILE B 318 15.06 3.81 6.58
C ILE B 318 15.16 2.60 5.67
N LEU B 319 14.38 1.56 5.97
CA LEU B 319 14.51 0.32 5.23
C LEU B 319 13.13 -0.30 4.98
N GLY B 320 13.12 -1.31 4.13
CA GLY B 320 11.91 -2.07 3.86
C GLY B 320 11.66 -2.27 2.37
N SER B 321 10.39 -2.31 1.97
CA SER B 321 10.04 -2.59 0.59
C SER B 321 10.56 -1.48 -0.33
N PRO B 322 11.13 -1.84 -1.49
CA PRO B 322 11.85 -0.83 -2.30
C PRO B 322 11.01 0.33 -2.80
N ASP B 323 9.76 0.09 -3.21
CA ASP B 323 8.91 1.20 -3.68
C ASP B 323 8.72 2.24 -2.58
N ASP B 324 8.65 1.81 -1.33
CA ASP B 324 8.40 2.74 -0.24
C ASP B 324 9.64 3.52 0.11
N VAL B 325 10.78 2.83 0.19
CA VAL B 325 12.04 3.52 0.46
C VAL B 325 12.37 4.49 -0.66
N LEU B 326 12.10 4.10 -1.91
CA LEU B 326 12.28 5.03 -3.03
C LEU B 326 11.36 6.23 -2.89
N GLU B 327 10.08 5.98 -2.56
CA GLU B 327 9.14 7.08 -2.34
C GLU B 327 9.60 8.00 -1.21
N PHE B 328 10.22 7.44 -0.18
CA PHE B 328 10.80 8.29 0.86
C PHE B 328 11.98 9.08 0.29
N LEU B 329 12.86 8.40 -0.44
CA LEU B 329 14.05 9.04 -1.00
C LEU B 329 13.70 10.14 -1.98
N LYS B 330 12.67 9.95 -2.78
CA LYS B 330 12.26 11.03 -3.68
C LYS B 330 11.77 12.24 -2.89
N VAL B 331 11.14 12.04 -1.73
CA VAL B 331 10.74 13.14 -0.85
C VAL B 331 11.94 13.74 -0.11
N TYR B 332 12.93 12.93 0.26
CA TYR B 332 14.13 13.48 0.88
C TYR B 332 14.86 14.40 -0.08
N GLU B 333 14.85 14.04 -1.37
CA GLU B 333 15.44 14.87 -2.42
C GLU B 333 14.79 16.25 -2.50
N LYS B 334 13.46 16.29 -2.46
CA LYS B 334 12.73 17.56 -2.57
C LYS B 334 13.16 18.59 -1.54
N HIS B 335 13.62 18.14 -0.37
CA HIS B 335 13.92 19.05 0.73
C HIS B 335 15.37 19.48 0.69
N SER B 336 15.65 20.31 -0.32
CA SER B 336 16.96 20.89 -0.62
C SER B 336 17.94 19.82 -1.10
N ASP C 10 -12.86 -39.84 28.30
CA ASP C 10 -12.64 -38.39 28.21
C ASP C 10 -11.24 -38.00 28.72
N VAL C 11 -10.84 -36.75 28.49
CA VAL C 11 -9.49 -36.30 28.85
C VAL C 11 -9.45 -35.91 30.33
N ASN C 12 -8.61 -36.59 31.10
CA ASN C 12 -8.51 -36.34 32.54
C ASN C 12 -7.06 -36.11 32.96
N THR C 13 -6.84 -35.09 33.80
CA THR C 13 -5.54 -34.77 34.37
C THR C 13 -5.52 -35.10 35.86
N LEU C 14 -4.32 -35.26 36.42
CA LEU C 14 -4.19 -35.54 37.85
C LEU C 14 -4.82 -34.44 38.70
N THR C 15 -4.59 -33.19 38.34
CA THR C 15 -5.11 -32.10 39.14
C THR C 15 -6.63 -32.10 39.12
N ARG C 16 -7.21 -32.38 37.96
CA ARG C 16 -8.66 -32.48 37.83
C ARG C 16 -9.20 -33.67 38.64
N PHE C 17 -8.55 -34.83 38.51
CA PHE C 17 -9.03 -36.06 39.15
C PHE C 17 -9.08 -35.91 40.66
N VAL C 18 -8.03 -35.34 41.26
CA VAL C 18 -7.97 -35.23 42.72
C VAL C 18 -9.02 -34.25 43.23
N MET C 19 -9.27 -33.18 42.48
CA MET C 19 -10.30 -32.24 42.84
C MET C 19 -11.70 -32.84 42.71
N GLU C 20 -11.94 -33.63 41.68
CA GLU C 20 -13.25 -34.26 41.54
C GLU C 20 -13.52 -35.22 42.70
N GLU C 21 -12.54 -36.07 43.04
CA GLU C 21 -12.69 -36.93 44.22
C GLU C 21 -12.71 -36.12 45.52
N GLY C 22 -11.99 -35.00 45.55
CA GLY C 22 -12.01 -34.15 46.73
C GLY C 22 -13.32 -33.40 46.87
N ARG C 23 -13.89 -32.95 45.74
CA ARG C 23 -15.21 -32.35 45.82
C ARG C 23 -16.25 -33.40 46.21
N LYS C 24 -16.14 -34.60 45.65
CA LYS C 24 -17.09 -35.67 45.95
C LYS C 24 -17.20 -35.92 47.45
N ALA C 25 -16.06 -35.85 48.16
CA ALA C 25 -16.03 -36.12 49.60
C ALA C 25 -16.21 -34.87 50.47
N ARG C 26 -16.37 -33.69 49.86
CA ARG C 26 -16.61 -32.45 50.61
C ARG C 26 -15.64 -32.30 51.78
N GLY C 27 -14.41 -32.75 51.59
CA GLY C 27 -13.36 -32.56 52.57
C GLY C 27 -12.80 -31.15 52.58
N THR C 28 -11.88 -30.91 53.51
CA THR C 28 -11.39 -29.56 53.72
C THR C 28 -10.51 -29.06 52.58
N GLY C 29 -9.90 -29.95 51.79
CA GLY C 29 -9.00 -29.55 50.73
C GLY C 29 -7.54 -29.71 51.04
N GLU C 30 -7.19 -30.08 52.28
CA GLU C 30 -5.78 -30.15 52.67
C GLU C 30 -5.04 -31.25 51.90
N LEU C 31 -5.68 -32.39 51.67
CA LEU C 31 -5.04 -33.48 50.95
C LEU C 31 -4.84 -33.10 49.48
N THR C 32 -5.85 -32.49 48.86
CA THR C 32 -5.69 -32.02 47.49
C THR C 32 -4.53 -31.05 47.38
N GLN C 33 -4.45 -30.11 48.31
CA GLN C 33 -3.31 -29.20 48.28
C GLN C 33 -1.99 -29.95 48.42
N LEU C 34 -1.94 -30.92 49.35
CA LEU C 34 -0.73 -31.70 49.56
C LEU C 34 -0.31 -32.45 48.28
N LEU C 35 -1.28 -33.08 47.64
CA LEU C 35 -0.96 -33.85 46.44
C LEU C 35 -0.46 -32.95 45.32
N ASN C 36 -1.05 -31.78 45.12
CA ASN C 36 -0.54 -30.87 44.10
C ASN C 36 0.85 -30.36 44.46
N SER C 37 1.09 -30.06 45.73
CA SER C 37 2.44 -29.66 46.11
C SER C 37 3.43 -30.80 45.83
N LEU C 38 2.99 -32.04 46.05
CA LEU C 38 3.80 -33.20 45.72
C LEU C 38 4.00 -33.34 44.21
N CYS C 39 2.91 -33.27 43.46
CA CYS C 39 2.98 -33.47 42.02
C CYS C 39 3.79 -32.35 41.36
N THR C 40 3.65 -31.12 41.83
CA THR C 40 4.49 -30.06 41.30
C THR C 40 5.97 -30.34 41.56
N ALA C 41 6.29 -30.88 42.74
CA ALA C 41 7.66 -31.28 43.05
C ALA C 41 8.17 -32.33 42.07
N VAL C 42 7.33 -33.30 41.73
CA VAL C 42 7.77 -34.36 40.81
C VAL C 42 8.16 -33.78 39.46
N LYS C 43 7.35 -32.85 38.94
CA LYS C 43 7.65 -32.27 37.64
C LYS C 43 9.01 -31.58 37.66
N ALA C 44 9.34 -30.90 38.76
CA ALA C 44 10.67 -30.29 38.86
C ALA C 44 11.75 -31.37 38.91
N ILE C 45 11.54 -32.40 39.72
CA ILE C 45 12.52 -33.47 39.79
C ILE C 45 12.71 -34.12 38.42
N SER C 46 11.61 -34.38 37.70
CA SER C 46 11.71 -34.94 36.36
C SER C 46 12.63 -34.10 35.47
N SER C 47 12.43 -32.78 35.49
CA SER C 47 13.27 -31.86 34.72
C SER C 47 14.74 -32.02 35.10
N ALA C 48 15.01 -32.06 36.39
CA ALA C 48 16.39 -32.20 36.84
C ALA C 48 17.01 -33.51 36.38
N VAL C 49 16.23 -34.59 36.39
CA VAL C 49 16.79 -35.91 36.07
C VAL C 49 17.07 -36.05 34.57
N ARG C 50 16.27 -35.43 33.71
CA ARG C 50 16.52 -35.50 32.28
C ARG C 50 17.72 -34.66 31.87
N LYS C 51 18.25 -33.84 32.77
CA LYS C 51 19.38 -32.96 32.48
C LYS C 51 20.52 -33.14 33.49
N ALA C 52 20.66 -34.32 34.07
CA ALA C 52 21.66 -34.56 35.12
C ALA C 52 23.10 -34.45 34.63
N GLY C 53 24.00 -35.21 35.27
CA GLY C 53 25.41 -35.08 35.00
C GLY C 53 25.90 -33.69 35.36
N ILE C 54 26.17 -32.85 34.35
CA ILE C 54 26.61 -31.47 34.51
C ILE C 54 27.63 -31.38 35.65
N ALA C 55 28.87 -31.81 35.38
CA ALA C 55 29.96 -31.75 36.33
C ALA C 55 29.59 -32.31 37.71
N LYS C 73 24.99 -32.34 44.94
CA LYS C 73 24.44 -33.65 44.58
C LYS C 73 22.92 -33.54 44.34
N LEU C 74 22.42 -34.44 43.49
CA LEU C 74 21.08 -34.32 42.91
C LEU C 74 19.97 -34.85 43.83
N ASP C 75 20.21 -35.96 44.52
CA ASP C 75 19.17 -36.41 45.46
C ASP C 75 18.99 -35.45 46.63
N VAL C 76 19.91 -34.52 46.84
CA VAL C 76 19.70 -33.46 47.82
C VAL C 76 18.82 -32.35 47.25
N LEU C 77 18.95 -32.02 45.94
CA LEU C 77 17.95 -31.14 45.31
C LEU C 77 16.56 -31.72 45.49
N SER C 78 16.39 -33.01 45.20
CA SER C 78 15.08 -33.65 45.26
C SER C 78 14.50 -33.62 46.66
N ASN C 79 15.35 -33.80 47.67
CA ASN C 79 14.87 -33.74 49.04
C ASN C 79 14.37 -32.35 49.37
N ASP C 80 15.21 -31.34 49.16
CA ASP C 80 14.83 -29.97 49.52
C ASP C 80 13.63 -29.48 48.71
N LEU C 81 13.52 -29.92 47.46
CA LEU C 81 12.34 -29.59 46.67
C LEU C 81 11.09 -30.11 47.34
N VAL C 82 11.06 -31.41 47.66
CA VAL C 82 9.91 -32.03 48.29
C VAL C 82 9.63 -31.44 49.66
N MET C 83 10.69 -31.23 50.45
CA MET C 83 10.53 -30.68 51.79
C MET C 83 9.81 -29.34 51.76
N ASN C 84 10.25 -28.46 50.88
CA ASN C 84 9.74 -27.09 50.88
C ASN C 84 8.38 -27.02 50.20
N MET C 85 8.16 -27.88 49.21
CA MET C 85 6.84 -27.97 48.59
C MET C 85 5.80 -28.42 49.59
N LEU C 86 6.17 -29.38 50.45
CA LEU C 86 5.27 -29.89 51.48
C LEU C 86 5.10 -28.90 52.64
N LYS C 87 6.22 -28.44 53.22
CA LYS C 87 6.14 -27.49 54.32
C LYS C 87 5.23 -26.31 53.97
N SER C 88 5.35 -25.77 52.75
CA SER C 88 4.54 -24.63 52.37
C SER C 88 3.18 -25.04 51.79
N SER C 89 2.83 -26.33 51.84
CA SER C 89 1.46 -26.73 51.49
C SER C 89 0.47 -26.50 52.64
N PHE C 90 0.98 -26.24 53.85
CA PHE C 90 0.16 -26.03 55.04
C PHE C 90 -0.68 -27.25 55.38
N ALA C 91 -0.32 -28.41 54.83
CA ALA C 91 -1.09 -29.64 55.00
C ALA C 91 -0.28 -30.74 55.69
N THR C 92 0.93 -30.42 56.13
CA THR C 92 1.83 -31.41 56.68
C THR C 92 2.29 -30.94 58.06
N CYS C 93 2.54 -31.88 58.95
CA CYS C 93 3.14 -31.52 60.23
C CYS C 93 4.44 -32.25 60.54
N VAL C 94 4.59 -33.50 60.12
CA VAL C 94 5.80 -34.28 60.35
C VAL C 94 6.21 -34.88 59.02
N LEU C 95 7.48 -34.70 58.62
CA LEU C 95 8.00 -35.23 57.37
C LEU C 95 9.19 -36.14 57.64
N VAL C 96 9.12 -37.37 57.12
CA VAL C 96 10.23 -38.32 57.23
C VAL C 96 10.79 -38.54 55.82
N SER C 97 12.10 -38.28 55.66
CA SER C 97 12.76 -38.45 54.37
C SER C 97 13.99 -39.34 54.51
N GLU C 98 14.29 -40.09 53.44
CA GLU C 98 15.49 -40.92 53.41
C GLU C 98 16.76 -40.10 53.61
N GLU C 99 16.74 -38.84 53.20
CA GLU C 99 17.95 -38.03 53.23
C GLU C 99 18.18 -37.35 54.57
N ASP C 100 17.24 -37.44 55.52
CA ASP C 100 17.36 -36.79 56.83
C ASP C 100 17.33 -37.82 57.95
N LYS C 101 18.21 -37.60 58.95
CA LYS C 101 18.39 -38.57 60.01
C LYS C 101 17.19 -38.63 60.93
N HIS C 102 16.63 -37.48 61.28
CA HIS C 102 15.46 -37.39 62.15
C HIS C 102 14.25 -37.01 61.32
N ALA C 103 13.07 -37.29 61.86
CA ALA C 103 11.87 -36.73 61.28
C ALA C 103 11.96 -35.21 61.31
N ILE C 104 11.31 -34.57 60.35
CA ILE C 104 11.29 -33.11 60.31
C ILE C 104 9.97 -32.63 60.87
N ILE C 105 10.03 -31.72 61.83
CA ILE C 105 8.84 -31.19 62.44
C ILE C 105 8.59 -29.80 61.84
N VAL C 106 7.45 -29.63 61.17
CA VAL C 106 7.17 -28.37 60.51
C VAL C 106 6.89 -27.29 61.56
N GLU C 107 7.37 -26.08 61.30
CA GLU C 107 7.06 -24.94 62.16
C GLU C 107 5.54 -24.72 62.20
N PRO C 108 5.00 -24.21 63.31
CA PRO C 108 3.54 -24.20 63.51
C PRO C 108 2.80 -23.36 62.50
N GLU C 109 3.40 -22.26 62.04
CA GLU C 109 2.69 -21.34 61.15
C GLU C 109 2.23 -22.04 59.88
N LYS C 110 2.97 -23.06 59.45
CA LYS C 110 2.67 -23.82 58.24
C LYS C 110 2.13 -25.22 58.53
N ARG C 111 1.74 -25.48 59.77
CA ARG C 111 1.46 -26.83 60.22
C ARG C 111 0.08 -27.29 59.74
N GLY C 112 -0.01 -28.57 59.41
CA GLY C 112 -1.23 -29.13 58.85
C GLY C 112 -1.46 -30.54 59.36
N LYS C 113 -2.43 -31.26 58.81
CA LYS C 113 -2.87 -32.46 59.50
C LYS C 113 -2.23 -33.76 58.99
N TYR C 114 -1.30 -33.70 58.05
CA TYR C 114 -0.80 -34.92 57.42
C TYR C 114 0.67 -35.15 57.72
N VAL C 115 1.02 -36.44 57.71
CA VAL C 115 2.38 -36.94 57.84
C VAL C 115 2.84 -37.51 56.50
N VAL C 116 4.07 -37.19 56.11
CA VAL C 116 4.59 -37.66 54.83
C VAL C 116 5.90 -38.38 55.10
N CYS C 117 5.98 -39.63 54.66
CA CYS C 117 7.24 -40.37 54.59
C CYS C 117 7.63 -40.50 53.12
N PHE C 118 8.87 -40.20 52.78
CA PHE C 118 9.19 -40.26 51.36
C PHE C 118 10.67 -40.50 51.11
N ASP C 119 10.93 -41.22 50.01
CA ASP C 119 12.24 -41.29 49.37
C ASP C 119 12.19 -40.31 48.22
N PRO C 120 12.90 -39.17 48.30
CA PRO C 120 12.72 -38.15 47.26
C PRO C 120 13.35 -38.55 45.91
N LEU C 121 14.41 -39.40 45.91
CA LEU C 121 15.09 -39.93 44.73
C LEU C 121 15.59 -41.36 44.99
N ASP C 122 14.66 -42.31 44.92
CA ASP C 122 15.01 -43.72 45.10
C ASP C 122 15.86 -44.23 43.94
N GLY C 123 16.96 -44.89 44.28
CA GLY C 123 17.87 -45.36 43.27
C GLY C 123 18.87 -44.33 42.83
N SER C 124 19.02 -43.24 43.59
CA SER C 124 19.92 -42.16 43.20
C SER C 124 21.40 -42.56 43.23
N SER C 125 21.75 -43.68 43.89
CA SER C 125 23.11 -44.20 43.78
C SER C 125 23.37 -44.96 42.46
N ASN C 126 22.32 -45.36 41.73
CA ASN C 126 22.43 -46.00 40.40
C ASN C 126 21.89 -45.10 39.28
N ILE C 127 22.22 -43.81 39.30
CA ILE C 127 21.77 -42.88 38.27
C ILE C 127 22.82 -42.65 37.20
N ASP C 128 24.09 -43.01 37.46
CA ASP C 128 25.10 -42.96 36.40
C ASP C 128 24.75 -43.89 35.25
N CYS C 129 24.14 -45.03 35.54
CA CYS C 129 23.68 -45.95 34.52
C CYS C 129 22.35 -45.54 33.89
N LEU C 130 21.83 -44.35 34.24
CA LEU C 130 20.62 -43.76 33.64
C LEU C 130 19.43 -44.69 33.75
N VAL C 131 19.55 -45.69 34.61
CA VAL C 131 18.48 -46.61 34.93
C VAL C 131 17.53 -45.83 35.83
N SER C 132 16.34 -46.38 36.09
CA SER C 132 15.26 -45.63 36.75
C SER C 132 15.70 -44.95 38.04
N VAL C 133 15.22 -43.74 38.22
CA VAL C 133 15.14 -43.16 39.54
C VAL C 133 13.68 -42.79 39.76
N GLY C 134 13.33 -42.61 41.03
CA GLY C 134 11.95 -42.38 41.37
C GLY C 134 11.76 -41.74 42.72
N THR C 135 10.56 -41.22 42.92
CA THR C 135 10.13 -40.66 44.19
C THR C 135 9.05 -41.57 44.76
N ILE C 136 9.19 -41.94 46.04
CA ILE C 136 8.19 -42.76 46.72
C ILE C 136 7.60 -41.96 47.89
N PHE C 137 6.28 -42.05 48.09
CA PHE C 137 5.70 -41.29 49.19
C PHE C 137 4.59 -42.08 49.87
N GLY C 138 4.49 -41.84 51.16
CA GLY C 138 3.36 -42.34 51.94
C GLY C 138 2.75 -41.21 52.75
N ILE C 139 1.43 -41.17 52.78
CA ILE C 139 0.71 -40.11 53.44
C ILE C 139 -0.17 -40.69 54.53
N TYR C 140 0.02 -40.19 55.76
CA TYR C 140 -0.81 -40.54 56.92
C TYR C 140 -1.46 -39.26 57.42
N ARG C 141 -2.71 -39.39 57.87
CA ARG C 141 -3.25 -38.38 58.76
C ARG C 141 -2.65 -38.61 60.15
N LYS C 142 -2.18 -37.54 60.79
CA LYS C 142 -1.75 -37.60 62.19
C LYS C 142 -2.85 -38.18 63.06
N LYS C 143 -2.52 -39.27 63.78
CA LYS C 143 -3.49 -40.06 64.55
C LYS C 143 -3.60 -39.60 66.01
N SER C 144 -2.47 -39.24 66.61
CA SER C 144 -2.43 -38.78 67.99
C SER C 144 -2.72 -37.29 68.05
N THR C 145 -3.07 -36.82 69.25
CA THR C 145 -3.28 -35.40 69.49
C THR C 145 -2.18 -34.73 70.29
N ASP C 146 -1.04 -35.40 70.51
CA ASP C 146 0.06 -34.70 71.16
C ASP C 146 0.63 -33.65 70.20
N GLU C 147 1.64 -32.94 70.68
CA GLU C 147 2.39 -32.08 69.78
C GLU C 147 3.18 -32.96 68.81
N PRO C 148 3.29 -32.55 67.54
CA PRO C 148 3.90 -33.41 66.54
C PRO C 148 5.32 -33.77 66.89
N SER C 149 5.65 -35.03 66.64
CA SER C 149 6.97 -35.56 66.92
C SER C 149 7.21 -36.70 65.92
N GLU C 150 8.43 -37.24 65.97
CA GLU C 150 8.75 -38.45 65.21
C GLU C 150 7.73 -39.57 65.40
N LYS C 151 7.10 -39.64 66.57
CA LYS C 151 6.19 -40.74 66.86
C LYS C 151 4.99 -40.76 65.91
N ASP C 152 4.60 -39.59 65.40
CA ASP C 152 3.42 -39.54 64.54
C ASP C 152 3.64 -40.23 63.22
N ALA C 153 4.90 -40.46 62.85
CA ALA C 153 5.25 -41.21 61.66
C ALA C 153 5.26 -42.72 61.89
N LEU C 154 5.15 -43.20 63.13
CA LEU C 154 5.30 -44.62 63.36
C LEU C 154 4.00 -45.40 63.20
N GLN C 155 3.06 -44.92 62.39
CA GLN C 155 1.85 -45.68 62.13
C GLN C 155 2.14 -46.84 61.18
N PRO C 156 1.35 -47.90 61.24
CA PRO C 156 1.46 -48.97 60.25
C PRO C 156 0.80 -48.60 58.92
N GLY C 157 1.25 -49.29 57.86
CA GLY C 157 0.78 -49.02 56.51
C GLY C 157 -0.72 -49.12 56.35
N ARG C 158 -1.39 -49.96 57.15
CA ARG C 158 -2.85 -50.02 57.13
C ARG C 158 -3.46 -48.63 57.28
N ASN C 159 -2.78 -47.76 58.01
CA ASN C 159 -3.37 -46.45 58.25
C ASN C 159 -3.15 -45.48 57.11
N LEU C 160 -2.51 -45.90 56.01
CA LEU C 160 -2.18 -44.99 54.93
C LEU C 160 -3.43 -44.41 54.28
N VAL C 161 -3.41 -43.10 54.08
CA VAL C 161 -4.49 -42.45 53.34
C VAL C 161 -4.21 -42.41 51.85
N ALA C 162 -2.95 -42.14 51.46
CA ALA C 162 -2.55 -42.11 50.06
C ALA C 162 -1.09 -42.50 49.97
N ALA C 163 -0.72 -43.16 48.87
CA ALA C 163 0.68 -43.51 48.61
C ALA C 163 0.91 -43.72 47.12
N GLY C 164 2.18 -43.71 46.76
CA GLY C 164 2.51 -44.01 45.39
C GLY C 164 3.92 -43.58 45.05
N TYR C 165 4.16 -43.45 43.75
CA TYR C 165 5.50 -43.15 43.32
C TYR C 165 5.46 -42.37 42.00
N ALA C 166 6.54 -41.64 41.77
CA ALA C 166 6.88 -41.08 40.47
C ALA C 166 8.08 -41.86 39.92
N LEU C 167 7.96 -42.36 38.71
CA LEU C 167 9.06 -43.10 38.07
C LEU C 167 9.62 -42.25 36.94
N TYR C 168 10.88 -41.82 37.10
CA TYR C 168 11.56 -41.02 36.09
C TYR C 168 12.32 -41.95 35.12
N GLY C 169 11.57 -42.49 34.16
CA GLY C 169 12.13 -43.44 33.24
C GLY C 169 12.17 -42.89 31.82
N SER C 170 11.82 -43.75 30.84
CA SER C 170 11.70 -43.28 29.46
C SER C 170 10.67 -42.17 29.37
N ALA C 171 9.63 -42.25 30.19
CA ALA C 171 8.75 -41.14 30.52
C ALA C 171 8.69 -41.03 32.03
N THR C 172 8.18 -39.92 32.51
CA THR C 172 7.94 -39.78 33.93
C THR C 172 6.51 -40.23 34.16
N MET C 173 6.32 -41.26 34.97
CA MET C 173 4.97 -41.73 35.29
C MET C 173 4.69 -41.63 36.78
N LEU C 174 3.53 -41.08 37.13
CA LEU C 174 3.08 -40.97 38.51
C LEU C 174 2.00 -42.02 38.81
N VAL C 175 2.23 -42.81 39.86
CA VAL C 175 1.28 -43.82 40.31
C VAL C 175 0.69 -43.37 41.62
N LEU C 176 -0.63 -43.17 41.65
CA LEU C 176 -1.34 -42.68 42.83
C LEU C 176 -2.33 -43.72 43.31
N ALA C 177 -2.09 -44.24 44.51
CA ALA C 177 -2.96 -45.24 45.11
C ALA C 177 -3.73 -44.60 46.26
N MET C 178 -5.05 -44.77 46.25
CA MET C 178 -5.90 -44.27 47.32
C MET C 178 -6.94 -45.34 47.60
N ASP C 179 -7.92 -44.98 48.45
CA ASP C 179 -8.95 -45.94 48.83
C ASP C 179 -9.74 -46.43 47.62
N CYS C 180 -10.00 -45.54 46.66
CA CYS C 180 -10.78 -45.91 45.50
C CYS C 180 -10.05 -46.90 44.61
N GLY C 181 -8.73 -46.87 44.59
CA GLY C 181 -7.95 -47.79 43.78
C GLY C 181 -6.66 -47.15 43.31
N VAL C 182 -6.10 -47.73 42.25
CA VAL C 182 -4.80 -47.33 41.71
C VAL C 182 -5.01 -46.68 40.34
N ASN C 183 -4.42 -45.49 40.15
CA ASN C 183 -4.47 -44.81 38.87
C ASN C 183 -3.06 -44.37 38.45
N CYS C 184 -2.75 -44.50 37.16
CA CYS C 184 -1.44 -44.17 36.59
C CYS C 184 -1.53 -42.93 35.71
N PHE C 185 -0.69 -41.94 36.00
CA PHE C 185 -0.67 -40.73 35.19
C PHE C 185 0.70 -40.55 34.54
N MET C 186 0.69 -40.20 33.27
CA MET C 186 1.91 -39.95 32.50
C MET C 186 2.13 -38.46 32.39
N LEU C 187 3.34 -38.01 32.72
CA LEU C 187 3.68 -36.60 32.60
C LEU C 187 3.84 -36.22 31.12
N ASP C 188 3.07 -35.21 30.68
CA ASP C 188 3.25 -34.63 29.37
C ASP C 188 4.23 -33.47 29.52
N PRO C 189 5.44 -33.57 28.99
CA PRO C 189 6.43 -32.50 29.20
C PRO C 189 6.12 -31.24 28.42
N ALA C 190 5.34 -31.33 27.33
CA ALA C 190 5.02 -30.13 26.58
C ALA C 190 4.24 -29.14 27.40
N ILE C 191 3.38 -29.65 28.28
CA ILE C 191 2.50 -28.83 29.07
C ILE C 191 2.58 -29.11 30.57
N GLY C 192 3.42 -30.06 30.99
CA GLY C 192 3.59 -30.29 32.41
C GLY C 192 2.32 -30.68 33.14
N GLU C 193 1.59 -31.63 32.59
CA GLU C 193 0.38 -32.15 33.20
C GLU C 193 0.50 -33.64 33.27
N PHE C 194 -0.02 -34.24 34.35
CA PHE C 194 -0.02 -35.69 34.49
C PHE C 194 -1.31 -36.23 33.87
N ILE C 195 -1.17 -36.94 32.74
CA ILE C 195 -2.34 -37.38 31.98
C ILE C 195 -2.76 -38.77 32.43
N LEU C 196 -4.04 -38.95 32.68
CA LEU C 196 -4.49 -40.26 33.10
C LEU C 196 -4.41 -41.26 31.95
N VAL C 197 -3.57 -42.28 32.13
CA VAL C 197 -3.37 -43.30 31.11
C VAL C 197 -3.78 -44.68 31.58
N ASP C 198 -4.15 -44.83 32.86
CA ASP C 198 -4.51 -46.15 33.40
C ASP C 198 -5.45 -45.94 34.60
N LYS C 199 -6.75 -46.13 34.39
CA LYS C 199 -7.73 -46.00 35.47
C LYS C 199 -7.87 -47.32 36.21
N ASP C 200 -7.79 -47.27 37.53
CA ASP C 200 -8.17 -48.39 38.38
C ASP C 200 -7.46 -49.68 37.97
N VAL C 201 -6.13 -49.61 38.06
CA VAL C 201 -5.25 -50.70 37.63
C VAL C 201 -5.43 -51.90 38.54
N LYS C 202 -5.27 -53.10 37.96
CA LYS C 202 -5.38 -54.34 38.70
C LYS C 202 -4.27 -55.26 38.23
N ILE C 203 -3.43 -55.75 39.15
CA ILE C 203 -2.31 -56.58 38.74
C ILE C 203 -2.83 -57.92 38.21
N LYS C 204 -2.08 -58.52 37.29
CA LYS C 204 -2.39 -59.87 36.83
C LYS C 204 -2.49 -60.79 38.02
N LYS C 205 -3.40 -61.75 37.93
CA LYS C 205 -3.59 -62.66 39.04
C LYS C 205 -2.29 -63.45 39.29
N LYS C 206 -1.60 -63.80 38.23
CA LYS C 206 -0.35 -64.56 38.31
C LYS C 206 0.58 -64.03 37.23
N GLY C 207 1.89 -63.98 37.51
CA GLY C 207 2.87 -63.48 36.58
C GLY C 207 3.80 -64.55 35.98
N LYS C 208 4.70 -64.08 35.10
CA LYS C 208 5.71 -64.93 34.48
C LYS C 208 7.13 -64.42 34.78
N ILE C 209 7.30 -63.54 35.75
CA ILE C 209 8.58 -62.90 35.98
C ILE C 209 8.85 -62.78 37.46
N TYR C 210 10.05 -63.17 37.87
CA TYR C 210 10.48 -62.95 39.24
C TYR C 210 11.65 -61.98 39.25
N SER C 211 11.78 -61.25 40.35
CA SER C 211 12.66 -60.09 40.42
C SER C 211 13.35 -60.08 41.77
N LEU C 212 14.66 -60.32 41.78
CA LEU C 212 15.50 -60.18 42.96
C LEU C 212 16.96 -60.22 42.52
N ASN C 213 17.83 -59.79 43.44
CA ASN C 213 19.28 -59.84 43.25
C ASN C 213 19.76 -61.22 43.69
N GLU C 214 20.14 -62.05 42.72
CA GLU C 214 20.57 -63.40 43.03
C GLU C 214 22.03 -63.43 43.47
N GLY C 215 22.70 -62.28 43.51
CA GLY C 215 24.04 -62.21 44.04
C GLY C 215 24.12 -62.61 45.50
N TYR C 216 23.03 -62.41 46.25
CA TYR C 216 22.97 -62.85 47.64
C TYR C 216 22.54 -64.31 47.74
N ALA C 217 22.78 -65.12 46.68
CA ALA C 217 22.30 -66.50 46.69
C ALA C 217 22.97 -67.30 47.81
N LYS C 218 24.26 -67.05 48.06
CA LYS C 218 24.99 -67.71 49.15
C LYS C 218 24.30 -67.48 50.51
N ASP C 219 23.57 -66.37 50.68
CA ASP C 219 22.98 -65.98 51.94
C ASP C 219 21.47 -66.24 52.04
N PHE C 220 20.87 -66.89 51.05
CA PHE C 220 19.42 -67.02 51.04
C PHE C 220 18.90 -67.95 52.12
N ASP C 221 17.88 -67.49 52.81
CA ASP C 221 16.94 -68.36 53.52
C ASP C 221 16.53 -69.51 52.62
N PRO C 222 16.44 -70.74 53.14
CA PRO C 222 16.06 -71.89 52.29
C PRO C 222 14.74 -71.72 51.54
N ALA C 223 13.79 -70.95 52.10
CA ALA C 223 12.50 -70.72 51.46
C ALA C 223 12.65 -69.93 50.17
N VAL C 224 13.46 -68.87 50.19
CA VAL C 224 13.74 -68.14 48.95
C VAL C 224 14.49 -69.04 47.98
N THR C 225 15.49 -69.76 48.49
CA THR C 225 16.22 -70.72 47.67
C THR C 225 15.30 -71.72 47.00
N GLU C 226 14.33 -72.26 47.74
CA GLU C 226 13.42 -73.22 47.11
C GLU C 226 12.48 -72.52 46.14
N TYR C 227 11.99 -71.34 46.51
CA TYR C 227 11.07 -70.66 45.61
C TYR C 227 11.75 -70.29 44.30
N ILE C 228 13.00 -69.83 44.37
CA ILE C 228 13.73 -69.48 43.15
C ILE C 228 14.00 -70.74 42.32
N GLN C 229 14.35 -71.85 42.98
CA GLN C 229 14.53 -73.12 42.28
C GLN C 229 13.26 -73.55 41.56
N ARG C 230 12.09 -73.32 42.16
CA ARG C 230 10.86 -73.66 41.48
C ARG C 230 10.60 -72.77 40.27
N LYS C 231 11.18 -71.58 40.21
CA LYS C 231 10.88 -70.72 39.08
C LYS C 231 11.72 -71.07 37.87
N LYS C 232 12.95 -71.50 38.12
CA LYS C 232 13.85 -71.93 37.05
C LYS C 232 13.57 -73.38 36.63
N PHE C 233 13.21 -74.24 37.57
CA PHE C 233 12.99 -75.67 37.30
C PHE C 233 11.63 -76.08 37.86
N PRO C 234 10.56 -75.79 37.14
CA PRO C 234 9.21 -76.12 37.61
C PRO C 234 9.04 -77.62 37.77
N PRO C 235 8.40 -78.06 38.86
CA PRO C 235 8.07 -79.49 38.99
C PRO C 235 6.88 -79.90 38.13
N ASP C 236 5.92 -78.98 37.92
CA ASP C 236 4.68 -79.28 37.20
C ASP C 236 4.85 -79.35 35.68
N ASN C 237 6.08 -79.31 35.15
CA ASN C 237 6.33 -79.32 33.70
C ASN C 237 5.59 -78.18 32.98
N SER C 238 5.74 -76.97 33.51
CA SER C 238 5.40 -75.72 32.82
C SER C 238 6.68 -74.95 32.47
N ALA C 239 6.50 -73.76 31.92
CA ALA C 239 7.58 -72.88 31.50
C ALA C 239 8.26 -72.22 32.69
N PRO C 240 9.58 -72.04 32.66
CA PRO C 240 10.26 -71.28 33.72
C PRO C 240 9.92 -69.80 33.63
N TYR C 241 10.05 -69.13 34.77
CA TYR C 241 9.82 -67.69 34.79
C TYR C 241 11.00 -66.97 34.19
N GLY C 242 10.75 -65.75 33.72
CA GLY C 242 11.81 -64.86 33.35
C GLY C 242 12.34 -64.08 34.55
N ALA C 243 13.55 -63.56 34.39
CA ALA C 243 14.20 -62.79 35.43
C ALA C 243 14.34 -61.34 34.97
N ARG C 244 14.07 -60.41 35.87
CA ARG C 244 14.36 -59.01 35.66
C ARG C 244 14.78 -58.41 36.99
N TYR C 245 15.81 -57.56 36.98
CA TYR C 245 16.17 -56.85 38.19
C TYR C 245 16.95 -55.61 37.81
N VAL C 246 16.28 -54.46 37.85
CA VAL C 246 16.89 -53.16 37.59
C VAL C 246 17.73 -52.72 38.79
N GLY C 247 17.31 -53.06 40.02
CA GLY C 247 18.02 -52.57 41.19
C GLY C 247 17.57 -51.21 41.67
N SER C 248 16.63 -50.58 40.99
CA SER C 248 15.95 -49.39 41.46
C SER C 248 14.53 -49.81 41.78
N MET C 249 14.11 -49.62 43.04
CA MET C 249 12.87 -50.24 43.50
C MET C 249 11.65 -49.74 42.74
N VAL C 250 11.63 -48.48 42.32
CA VAL C 250 10.47 -48.01 41.57
C VAL C 250 10.28 -48.80 40.30
N ALA C 251 11.37 -49.05 39.57
CA ALA C 251 11.29 -49.77 38.28
C ALA C 251 10.84 -51.21 38.46
N ASP C 252 11.45 -51.92 39.40
CA ASP C 252 11.07 -53.30 39.62
C ASP C 252 9.62 -53.38 40.09
N VAL C 253 9.21 -52.49 40.99
CA VAL C 253 7.82 -52.53 41.42
C VAL C 253 6.92 -52.15 40.26
N HIS C 254 7.29 -51.11 39.52
CA HIS C 254 6.41 -50.70 38.43
C HIS C 254 6.26 -51.81 37.39
N ARG C 255 7.35 -52.48 37.02
CA ARG C 255 7.24 -53.60 36.09
C ARG C 255 6.35 -54.70 36.66
N THR C 256 6.56 -55.06 37.92
CA THR C 256 5.75 -56.11 38.53
C THR C 256 4.28 -55.77 38.43
N LEU C 257 3.93 -54.51 38.72
CA LEU C 257 2.54 -54.05 38.61
C LEU C 257 2.03 -54.14 37.17
N VAL C 258 2.85 -53.67 36.21
CA VAL C 258 2.38 -53.52 34.83
C VAL C 258 2.33 -54.86 34.10
N TYR C 259 3.23 -55.79 34.42
CA TYR C 259 3.26 -57.08 33.73
C TYR C 259 2.86 -58.26 34.60
N GLY C 260 2.81 -58.12 35.92
CA GLY C 260 2.66 -59.25 36.79
C GLY C 260 3.98 -59.97 37.04
N GLY C 261 3.99 -60.78 38.10
CA GLY C 261 5.12 -61.53 38.59
C GLY C 261 5.36 -61.23 40.05
N ILE C 262 6.58 -61.46 40.51
CA ILE C 262 6.87 -61.33 41.94
C ILE C 262 8.23 -60.67 42.11
N PHE C 263 8.30 -59.80 43.11
CA PHE C 263 9.51 -59.08 43.49
C PHE C 263 9.89 -59.43 44.92
N LEU C 264 11.18 -59.66 45.15
CA LEU C 264 11.69 -60.06 46.46
C LEU C 264 12.95 -59.27 46.77
N TYR C 265 12.98 -58.68 47.94
CA TYR C 265 14.22 -58.24 48.56
C TYR C 265 14.22 -58.82 49.96
N PRO C 266 14.58 -60.09 50.10
CA PRO C 266 14.39 -60.78 51.37
C PRO C 266 15.56 -60.46 52.29
N ALA C 267 15.42 -60.82 53.54
CA ALA C 267 16.54 -60.63 54.44
C ALA C 267 17.57 -61.68 54.08
N ASN C 268 18.78 -61.22 53.80
CA ASN C 268 19.92 -62.12 53.68
C ASN C 268 20.69 -62.08 54.99
N LYS C 269 21.77 -62.85 55.08
CA LYS C 269 22.44 -62.99 56.37
C LYS C 269 23.19 -61.71 56.75
N LYS C 270 23.53 -60.87 55.77
CA LYS C 270 24.17 -59.57 56.00
C LYS C 270 23.23 -58.49 56.54
N SER C 271 22.05 -58.33 55.95
CA SER C 271 21.05 -57.38 56.43
C SER C 271 19.87 -58.18 56.98
N PRO C 272 19.93 -58.58 58.25
CA PRO C 272 18.96 -59.57 58.74
C PRO C 272 17.57 -59.00 58.95
N ASN C 273 17.43 -57.68 59.06
CA ASN C 273 16.11 -57.06 59.16
C ASN C 273 15.67 -56.53 57.81
N GLY C 274 16.12 -57.19 56.74
CA GLY C 274 15.87 -56.76 55.39
C GLY C 274 16.73 -55.56 55.02
N LYS C 275 16.50 -55.06 53.83
CA LYS C 275 17.34 -53.96 53.38
C LYS C 275 16.54 -52.72 53.08
N LEU C 276 15.38 -52.87 52.46
CA LEU C 276 14.60 -51.71 52.08
C LEU C 276 13.99 -51.05 53.33
N ARG C 277 13.76 -49.75 53.25
CA ARG C 277 13.20 -49.02 54.37
C ARG C 277 11.68 -49.21 54.41
N LEU C 278 11.16 -49.42 55.64
CA LEU C 278 9.72 -49.68 55.82
C LEU C 278 8.89 -48.42 55.61
N LEU C 279 9.32 -47.29 56.17
CA LEU C 279 8.45 -46.10 56.21
C LEU C 279 8.15 -45.56 54.82
N TYR C 280 9.13 -45.59 53.91
CA TYR C 280 9.00 -44.94 52.61
C TYR C 280 9.39 -45.83 51.42
N GLU C 281 9.60 -47.12 51.60
CA GLU C 281 9.76 -47.96 50.42
C GLU C 281 8.76 -49.10 50.48
N CYS C 282 8.86 -49.94 51.51
CA CYS C 282 8.02 -51.12 51.58
C CYS C 282 6.55 -50.75 51.73
N ASN C 283 6.24 -49.86 52.69
CA ASN C 283 4.84 -49.50 52.97
C ASN C 283 4.16 -48.89 51.76
N PRO C 284 4.67 -47.82 51.14
CA PRO C 284 3.96 -47.28 49.96
C PRO C 284 3.84 -48.28 48.82
N MET C 285 4.85 -49.11 48.58
CA MET C 285 4.74 -50.12 47.51
C MET C 285 3.77 -51.24 47.89
N ALA C 286 3.75 -51.64 49.18
CA ALA C 286 2.77 -52.62 49.65
C ALA C 286 1.34 -52.08 49.49
N TYR C 287 1.15 -50.79 49.79
CA TYR C 287 -0.16 -50.18 49.64
C TYR C 287 -0.61 -50.21 48.19
N VAL C 288 0.26 -49.81 47.27
CA VAL C 288 -0.08 -49.86 45.85
C VAL C 288 -0.39 -51.28 45.41
N MET C 289 0.44 -52.24 45.83
CA MET C 289 0.19 -53.63 45.46
C MET C 289 -1.20 -54.06 45.91
N GLU C 290 -1.48 -53.91 47.21
CA GLU C 290 -2.73 -54.42 47.75
C GLU C 290 -3.92 -53.72 47.12
N LYS C 291 -3.84 -52.41 46.97
CA LYS C 291 -4.94 -51.69 46.35
C LYS C 291 -5.16 -52.05 44.88
N ALA C 292 -4.21 -52.72 44.24
CA ALA C 292 -4.35 -53.17 42.87
C ALA C 292 -4.69 -54.67 42.79
N GLY C 293 -5.12 -55.24 43.90
CA GLY C 293 -5.50 -56.64 43.92
C GLY C 293 -4.36 -57.60 44.14
N GLY C 294 -3.20 -57.09 44.54
CA GLY C 294 -2.03 -57.91 44.78
C GLY C 294 -1.75 -58.09 46.26
N MET C 295 -0.56 -58.63 46.54
CA MET C 295 -0.14 -58.93 47.90
C MET C 295 1.28 -58.44 48.17
N ALA C 296 1.59 -58.28 49.46
CA ALA C 296 2.90 -57.83 49.93
C ALA C 296 3.12 -58.32 51.35
N THR C 297 4.13 -59.16 51.55
CA THR C 297 4.39 -59.83 52.83
C THR C 297 5.87 -59.65 53.23
N THR C 298 6.11 -59.77 54.52
CA THR C 298 7.47 -59.84 55.06
C THR C 298 7.99 -61.27 55.16
N GLY C 299 7.13 -62.26 54.90
CA GLY C 299 7.42 -63.64 55.21
C GLY C 299 6.65 -64.07 56.43
N LYS C 300 6.68 -63.24 57.46
CA LYS C 300 5.97 -63.54 58.70
C LYS C 300 4.55 -62.99 58.69
N GLU C 301 4.31 -61.91 57.98
CA GLU C 301 3.04 -61.21 58.02
C GLU C 301 2.93 -60.34 56.78
N ALA C 302 1.79 -59.69 56.62
CA ALA C 302 1.65 -58.66 55.61
C ALA C 302 2.48 -57.43 55.99
N VAL C 303 3.04 -56.77 54.99
CA VAL C 303 3.92 -55.62 55.23
C VAL C 303 3.17 -54.51 55.95
N LEU C 304 1.95 -54.20 55.49
CA LEU C 304 1.15 -53.11 56.04
C LEU C 304 0.67 -53.35 57.48
N ASP C 305 0.72 -54.59 57.97
CA ASP C 305 0.31 -54.86 59.35
C ASP C 305 1.45 -54.71 60.35
N VAL C 306 2.67 -54.51 59.86
CA VAL C 306 3.83 -54.28 60.72
C VAL C 306 3.73 -52.92 61.39
N ILE C 307 3.94 -52.89 62.70
CA ILE C 307 3.89 -51.67 63.48
C ILE C 307 5.32 -51.17 63.67
N PRO C 308 5.70 -50.05 63.07
CA PRO C 308 7.10 -49.62 63.13
C PRO C 308 7.49 -48.98 64.44
N THR C 309 8.75 -49.18 64.80
CA THR C 309 9.37 -48.54 65.95
C THR C 309 10.45 -47.54 65.59
N ASP C 310 10.96 -47.55 64.35
CA ASP C 310 11.98 -46.59 63.94
C ASP C 310 11.77 -46.11 62.50
N ILE C 311 12.02 -44.81 62.28
CA ILE C 311 11.65 -44.20 61.00
C ILE C 311 12.50 -44.72 59.86
N HIS C 312 13.73 -45.13 60.12
CA HIS C 312 14.54 -45.65 59.04
C HIS C 312 14.65 -47.17 59.15
N GLN C 313 13.77 -47.79 59.90
CA GLN C 313 13.89 -49.22 60.08
C GLN C 313 13.62 -49.95 58.78
N ARG C 314 14.20 -51.13 58.67
CA ARG C 314 14.18 -51.93 57.46
C ARG C 314 13.16 -53.05 57.59
N ALA C 315 12.86 -53.69 56.48
CA ALA C 315 11.90 -54.76 56.48
C ALA C 315 12.21 -55.63 55.29
N PRO C 316 12.14 -56.95 55.45
CA PRO C 316 12.13 -57.82 54.26
C PRO C 316 10.80 -57.68 53.55
N VAL C 317 10.80 -57.90 52.24
CA VAL C 317 9.57 -57.73 51.47
C VAL C 317 9.54 -58.67 50.26
N ILE C 318 8.38 -59.30 50.07
CA ILE C 318 8.08 -60.09 48.88
C ILE C 318 6.71 -59.62 48.42
N LEU C 319 6.63 -59.05 47.22
CA LEU C 319 5.36 -58.48 46.80
C LEU C 319 5.07 -58.82 45.34
N GLY C 320 3.84 -58.56 44.94
CA GLY C 320 3.42 -58.78 43.56
C GLY C 320 2.10 -59.48 43.39
N SER C 321 2.05 -60.34 42.39
CA SER C 321 0.83 -61.05 42.04
C SER C 321 0.36 -61.93 43.20
N PRO C 322 -0.95 -62.02 43.42
CA PRO C 322 -1.45 -62.78 44.56
C PRO C 322 -1.09 -64.26 44.50
N ASP C 323 -1.24 -64.89 43.34
CA ASP C 323 -0.87 -66.30 43.22
C ASP C 323 0.62 -66.48 43.48
N ASP C 324 1.45 -65.53 43.03
CA ASP C 324 2.89 -65.67 43.18
C ASP C 324 3.31 -65.43 44.62
N VAL C 325 2.79 -64.36 45.23
CA VAL C 325 3.09 -64.11 46.62
C VAL C 325 2.61 -65.27 47.48
N LEU C 326 1.42 -65.81 47.17
CA LEU C 326 0.93 -66.96 47.93
C LEU C 326 1.81 -68.19 47.74
N GLU C 327 2.18 -68.50 46.49
CA GLU C 327 3.03 -69.67 46.24
C GLU C 327 4.36 -69.57 46.96
N PHE C 328 4.89 -68.36 47.11
CA PHE C 328 6.07 -68.20 47.95
C PHE C 328 5.75 -68.49 49.42
N LEU C 329 4.63 -67.92 49.90
CA LEU C 329 4.22 -68.13 51.30
C LEU C 329 4.01 -69.61 51.61
N LYS C 330 3.56 -70.40 50.62
CA LYS C 330 3.45 -71.86 50.83
C LYS C 330 4.80 -72.46 51.17
N VAL C 331 5.86 -71.99 50.50
CA VAL C 331 7.18 -72.53 50.79
C VAL C 331 7.71 -71.98 52.11
N TYR C 332 7.33 -70.76 52.51
CA TYR C 332 7.73 -70.26 53.82
C TYR C 332 7.18 -71.14 54.95
N GLU C 333 5.92 -71.57 54.83
CA GLU C 333 5.32 -72.44 55.84
C GLU C 333 6.09 -73.75 55.93
N LYS C 334 6.38 -74.34 54.77
CA LYS C 334 7.06 -75.63 54.70
C LYS C 334 8.35 -75.61 55.51
N HIS C 335 8.99 -74.45 55.64
CA HIS C 335 10.27 -74.32 56.36
C HIS C 335 10.05 -73.81 57.78
N SER C 336 9.34 -74.63 58.58
CA SER C 336 9.01 -74.35 59.98
C SER C 336 8.08 -73.15 60.12
N ASP D 10 36.41 -27.10 28.92
CA ASP D 10 35.55 -26.20 28.14
C ASP D 10 34.25 -26.89 27.69
N VAL D 11 33.35 -26.10 27.12
CA VAL D 11 32.02 -26.58 26.72
C VAL D 11 32.11 -27.30 25.37
N ASN D 12 31.72 -28.57 25.37
CA ASN D 12 31.76 -29.30 24.12
C ASN D 12 30.43 -29.97 23.82
N THR D 13 30.01 -29.83 22.57
CA THR D 13 28.79 -30.44 22.05
C THR D 13 29.20 -31.53 21.09
N LEU D 14 28.30 -32.48 20.84
CA LEU D 14 28.54 -33.50 19.83
C LEU D 14 28.76 -32.89 18.44
N THR D 15 27.94 -31.88 18.09
CA THR D 15 28.05 -31.25 16.78
C THR D 15 29.37 -30.48 16.62
N ARG D 16 29.82 -29.80 17.67
CA ARG D 16 31.16 -29.21 17.63
C ARG D 16 32.23 -30.31 17.57
N PHE D 17 32.06 -31.38 18.34
CA PHE D 17 33.07 -32.45 18.42
C PHE D 17 33.35 -33.03 17.05
N VAL D 18 32.28 -33.38 16.33
CA VAL D 18 32.37 -34.03 15.04
C VAL D 18 32.94 -33.08 13.98
N MET D 19 32.67 -31.80 14.09
CA MET D 19 33.29 -30.85 13.16
C MET D 19 34.78 -30.71 13.41
N GLU D 20 35.19 -30.64 14.68
CA GLU D 20 36.62 -30.48 14.97
C GLU D 20 37.42 -31.66 14.44
N GLU D 21 36.99 -32.87 14.75
CA GLU D 21 37.70 -34.04 14.26
C GLU D 21 37.60 -34.19 12.74
N GLY D 22 36.45 -33.82 12.15
CA GLY D 22 36.31 -33.92 10.71
C GLY D 22 37.17 -32.92 9.97
N ARG D 23 37.33 -31.71 10.54
CA ARG D 23 38.28 -30.78 9.97
C ARG D 23 39.71 -31.30 10.11
N LYS D 24 40.02 -31.88 11.27
CA LYS D 24 41.34 -32.44 11.53
C LYS D 24 41.76 -33.40 10.42
N ALA D 25 40.85 -34.26 9.98
CA ALA D 25 41.20 -35.32 9.03
C ALA D 25 40.97 -34.92 7.58
N ARG D 26 40.52 -33.69 7.31
CA ARG D 26 40.25 -33.22 5.94
C ARG D 26 39.39 -34.21 5.15
N GLY D 27 38.47 -34.90 5.81
CA GLY D 27 37.52 -35.71 5.09
C GLY D 27 36.48 -34.81 4.46
N THR D 28 35.63 -35.42 3.61
CA THR D 28 34.70 -34.63 2.81
C THR D 28 33.51 -34.09 3.60
N GLY D 29 33.27 -34.59 4.80
CA GLY D 29 32.15 -34.19 5.60
C GLY D 29 31.02 -35.18 5.63
N GLU D 30 31.11 -36.23 4.82
CA GLU D 30 29.98 -37.13 4.67
C GLU D 30 29.65 -37.84 5.98
N LEU D 31 30.66 -38.24 6.77
CA LEU D 31 30.39 -38.89 8.05
C LEU D 31 29.80 -37.91 9.07
N THR D 32 30.36 -36.70 9.15
CA THR D 32 29.82 -35.65 9.99
C THR D 32 28.36 -35.36 9.62
N GLN D 33 28.06 -35.29 8.34
CA GLN D 33 26.66 -35.13 7.95
C GLN D 33 25.82 -36.30 8.42
N LEU D 34 26.32 -37.51 8.23
CA LEU D 34 25.61 -38.71 8.64
C LEU D 34 25.30 -38.69 10.13
N LEU D 35 26.30 -38.36 10.94
CA LEU D 35 26.13 -38.42 12.39
C LEU D 35 25.12 -37.39 12.86
N ASN D 36 25.17 -36.17 12.31
CA ASN D 36 24.21 -35.15 12.68
C ASN D 36 22.79 -35.61 12.34
N SER D 37 22.64 -36.27 11.20
CA SER D 37 21.37 -36.83 10.77
C SER D 37 20.87 -37.90 11.75
N LEU D 38 21.77 -38.72 12.26
CA LEU D 38 21.38 -39.71 13.25
C LEU D 38 21.02 -39.04 14.56
N CYS D 39 21.88 -38.10 14.97
CA CYS D 39 21.72 -37.42 16.23
C CYS D 39 20.45 -36.57 16.24
N THR D 40 20.12 -35.93 15.12
CA THR D 40 18.85 -35.21 15.08
C THR D 40 17.67 -36.16 15.16
N ALA D 41 17.78 -37.31 14.50
CA ALA D 41 16.76 -38.36 14.65
C ALA D 41 16.62 -38.81 16.11
N VAL D 42 17.75 -38.92 16.83
CA VAL D 42 17.73 -39.41 18.21
C VAL D 42 16.92 -38.48 19.11
N LYS D 43 17.11 -37.17 18.94
CA LYS D 43 16.36 -36.22 19.72
C LYS D 43 14.88 -36.37 19.46
N ALA D 44 14.48 -36.60 18.21
CA ALA D 44 13.07 -36.76 17.91
C ALA D 44 12.50 -37.98 18.62
N ILE D 45 13.22 -39.10 18.56
CA ILE D 45 12.80 -40.33 19.23
C ILE D 45 12.71 -40.09 20.72
N SER D 46 13.72 -39.43 21.28
CA SER D 46 13.75 -39.08 22.69
C SER D 46 12.49 -38.30 23.07
N SER D 47 12.12 -37.32 22.25
CA SER D 47 10.93 -36.49 22.51
C SER D 47 9.64 -37.31 22.52
N ALA D 48 9.42 -38.14 21.49
CA ALA D 48 8.23 -38.98 21.42
C ALA D 48 8.20 -40.03 22.52
N VAL D 49 9.36 -40.52 22.93
CA VAL D 49 9.42 -41.57 23.96
C VAL D 49 9.02 -41.02 25.34
N ARG D 50 9.23 -39.72 25.60
CA ARG D 50 8.81 -39.20 26.88
C ARG D 50 7.31 -38.95 26.99
N LYS D 51 6.58 -39.04 25.89
CA LYS D 51 5.11 -38.93 25.94
C LYS D 51 4.49 -40.11 25.22
N ALA D 52 5.22 -41.23 25.21
CA ALA D 52 4.86 -42.45 24.50
C ALA D 52 3.68 -43.18 25.13
N GLY D 53 2.47 -42.88 24.70
CA GLY D 53 1.31 -43.44 25.36
C GLY D 53 0.11 -42.55 25.16
N ILE D 54 0.37 -41.25 25.14
CA ILE D 54 -0.69 -40.27 24.92
C ILE D 54 -1.20 -40.45 23.49
N ALA D 55 -2.53 -40.46 23.33
CA ALA D 55 -3.18 -40.59 22.02
C ALA D 55 -2.54 -41.72 21.19
N LYS D 73 2.43 -47.16 15.35
CA LYS D 73 3.10 -47.59 16.57
C LYS D 73 4.29 -46.69 16.82
N LEU D 74 5.15 -47.09 17.77
CA LEU D 74 6.28 -46.27 18.20
C LEU D 74 7.60 -46.74 17.62
N ASP D 75 7.81 -48.05 17.52
CA ASP D 75 9.01 -48.54 16.83
C ASP D 75 8.93 -48.30 15.32
N VAL D 76 7.74 -48.04 14.80
CA VAL D 76 7.60 -47.71 13.38
C VAL D 76 7.90 -46.24 13.13
N LEU D 77 7.46 -45.33 14.02
CA LEU D 77 7.91 -43.94 13.93
C LEU D 77 9.43 -43.86 13.98
N SER D 78 10.03 -44.57 14.93
CA SER D 78 11.48 -44.50 15.11
C SER D 78 12.20 -45.02 13.88
N ASN D 79 11.67 -46.09 13.28
CA ASN D 79 12.28 -46.63 12.08
C ASN D 79 12.21 -45.65 10.91
N ASP D 80 11.03 -45.10 10.65
CA ASP D 80 10.90 -44.19 9.52
C ASP D 80 11.70 -42.91 9.74
N LEU D 81 11.79 -42.44 10.98
CA LEU D 81 12.56 -41.24 11.29
C LEU D 81 14.04 -41.43 10.94
N VAL D 82 14.63 -42.51 11.43
CA VAL D 82 16.04 -42.78 11.16
C VAL D 82 16.25 -43.07 9.68
N MET D 83 15.36 -43.88 9.09
CA MET D 83 15.45 -44.23 7.68
C MET D 83 15.52 -42.99 6.81
N ASN D 84 14.61 -42.04 7.05
CA ASN D 84 14.51 -40.89 6.15
C ASN D 84 15.56 -39.83 6.46
N MET D 85 15.91 -39.64 7.74
CA MET D 85 17.01 -38.74 8.09
C MET D 85 18.34 -39.26 7.54
N LEU D 86 18.52 -40.58 7.52
CA LEU D 86 19.72 -41.14 6.90
C LEU D 86 19.68 -41.05 5.39
N LYS D 87 18.55 -41.41 4.76
CA LYS D 87 18.43 -41.31 3.31
C LYS D 87 18.79 -39.91 2.81
N SER D 88 18.23 -38.88 3.44
CA SER D 88 18.37 -37.50 2.98
C SER D 88 19.60 -36.81 3.56
N SER D 89 20.44 -37.54 4.27
CA SER D 89 21.74 -36.98 4.61
C SER D 89 22.69 -37.01 3.44
N PHE D 90 22.34 -37.75 2.37
CA PHE D 90 23.17 -37.95 1.18
C PHE D 90 24.48 -38.68 1.47
N ALA D 91 24.56 -39.41 2.58
CA ALA D 91 25.79 -40.09 3.00
C ALA D 91 25.64 -41.61 3.07
N THR D 92 24.50 -42.14 2.66
CA THR D 92 24.20 -43.54 2.79
C THR D 92 23.88 -44.12 1.42
N CYS D 93 24.15 -45.40 1.27
CA CYS D 93 23.74 -46.16 0.11
C CYS D 93 22.95 -47.40 0.49
N VAL D 94 23.27 -48.04 1.61
CA VAL D 94 22.54 -49.21 2.09
C VAL D 94 22.26 -49.07 3.59
N LEU D 95 21.00 -49.31 3.97
CA LEU D 95 20.53 -49.22 5.33
C LEU D 95 19.93 -50.58 5.71
N VAL D 96 20.38 -51.12 6.85
CA VAL D 96 19.81 -52.34 7.39
C VAL D 96 19.13 -52.00 8.70
N SER D 97 17.86 -52.36 8.80
CA SER D 97 17.07 -52.10 9.99
C SER D 97 16.51 -53.42 10.49
N GLU D 98 16.35 -53.53 11.80
CA GLU D 98 15.68 -54.70 12.34
C GLU D 98 14.26 -54.82 11.79
N GLU D 99 13.69 -53.70 11.38
CA GLU D 99 12.27 -53.59 11.03
C GLU D 99 11.95 -53.92 9.60
N ASP D 100 12.95 -54.06 8.73
CA ASP D 100 12.74 -54.32 7.31
C ASP D 100 13.39 -55.64 6.93
N LYS D 101 12.65 -56.46 6.16
CA LYS D 101 13.11 -57.82 5.85
C LYS D 101 14.36 -57.80 4.98
N HIS D 102 14.41 -56.94 3.96
CA HIS D 102 15.60 -56.80 3.15
C HIS D 102 16.25 -55.46 3.45
N ALA D 103 17.57 -55.39 3.17
CA ALA D 103 18.29 -54.12 3.29
C ALA D 103 17.64 -53.07 2.40
N ILE D 104 17.80 -51.81 2.79
CA ILE D 104 17.22 -50.72 2.03
C ILE D 104 18.30 -50.12 1.14
N ILE D 105 18.00 -50.02 -0.15
CA ILE D 105 18.93 -49.46 -1.12
C ILE D 105 18.47 -48.03 -1.41
N VAL D 106 19.33 -47.06 -1.12
CA VAL D 106 19.03 -45.65 -1.37
C VAL D 106 19.01 -45.36 -2.88
N GLU D 107 18.08 -44.51 -3.30
CA GLU D 107 18.01 -44.06 -4.69
C GLU D 107 19.30 -43.33 -5.09
N PRO D 108 19.67 -43.35 -6.37
CA PRO D 108 20.99 -42.84 -6.79
C PRO D 108 21.20 -41.36 -6.52
N GLU D 109 20.17 -40.53 -6.64
CA GLU D 109 20.34 -39.09 -6.42
C GLU D 109 20.76 -38.76 -5.00
N LYS D 110 20.39 -39.60 -4.02
CA LYS D 110 20.75 -39.35 -2.63
C LYS D 110 21.84 -40.29 -2.14
N ARG D 111 22.49 -41.00 -3.04
CA ARG D 111 23.36 -42.09 -2.64
C ARG D 111 24.70 -41.54 -2.19
N GLY D 112 25.24 -42.10 -1.10
CA GLY D 112 26.47 -41.63 -0.46
C GLY D 112 27.32 -42.81 -0.03
N LYS D 113 28.42 -42.59 0.69
CA LYS D 113 29.45 -43.63 0.73
C LYS D 113 29.38 -44.60 1.91
N TYR D 114 28.38 -44.49 2.79
CA TYR D 114 28.39 -45.31 4.00
C TYR D 114 27.20 -46.26 4.10
N VAL D 115 27.44 -47.37 4.80
CA VAL D 115 26.41 -48.37 5.09
C VAL D 115 26.06 -48.27 6.58
N VAL D 116 24.75 -48.34 6.87
CA VAL D 116 24.28 -48.13 8.22
C VAL D 116 23.43 -49.33 8.65
N CYS D 117 23.79 -49.91 9.79
CA CYS D 117 22.96 -50.88 10.49
C CYS D 117 22.45 -50.28 11.81
N PHE D 118 21.16 -50.43 12.05
CA PHE D 118 20.60 -49.81 13.26
C PHE D 118 19.38 -50.56 13.76
N ASP D 119 19.26 -50.64 15.09
CA ASP D 119 18.00 -50.96 15.73
C ASP D 119 17.41 -49.64 16.20
N PRO D 120 16.30 -49.16 15.62
CA PRO D 120 15.81 -47.83 15.98
C PRO D 120 15.19 -47.76 17.37
N LEU D 121 14.58 -48.84 17.87
CA LEU D 121 14.05 -48.80 19.23
C LEU D 121 14.14 -50.19 19.87
N ASP D 122 15.35 -50.53 20.33
CA ASP D 122 15.53 -51.78 21.04
C ASP D 122 14.84 -51.74 22.41
N GLY D 123 14.12 -52.80 22.73
CA GLY D 123 13.37 -52.87 23.95
C GLY D 123 11.98 -52.30 23.88
N SER D 124 11.46 -52.04 22.67
CA SER D 124 10.13 -51.49 22.49
C SER D 124 9.02 -52.47 22.86
N SER D 125 9.35 -53.76 22.99
CA SER D 125 8.40 -54.74 23.52
C SER D 125 8.29 -54.67 25.05
N ASN D 126 9.27 -54.07 25.73
CA ASN D 126 9.24 -53.85 27.18
C ASN D 126 9.17 -52.37 27.51
N ILE D 127 8.28 -51.64 26.83
CA ILE D 127 8.12 -50.21 27.02
C ILE D 127 6.93 -49.84 27.90
N ASP D 128 5.99 -50.77 28.12
CA ASP D 128 4.89 -50.52 29.05
C ASP D 128 5.41 -50.31 30.47
N CYS D 129 6.43 -51.06 30.87
CA CYS D 129 7.02 -50.89 32.19
C CYS D 129 7.97 -49.70 32.24
N LEU D 130 8.03 -48.92 31.15
CA LEU D 130 8.75 -47.66 31.06
C LEU D 130 10.22 -47.79 31.40
N VAL D 131 10.74 -49.01 31.39
CA VAL D 131 12.17 -49.20 31.58
C VAL D 131 12.83 -48.80 30.26
N SER D 132 14.16 -48.65 30.26
CA SER D 132 14.90 -48.04 29.17
C SER D 132 14.59 -48.66 27.82
N VAL D 133 14.54 -47.81 26.80
CA VAL D 133 14.61 -48.23 25.41
C VAL D 133 15.78 -47.50 24.73
N GLY D 134 16.18 -48.00 23.57
CA GLY D 134 17.39 -47.43 22.99
C GLY D 134 17.48 -47.62 21.50
N THR D 135 18.36 -46.83 20.90
CA THR D 135 18.70 -46.93 19.48
C THR D 135 20.16 -47.31 19.36
N ILE D 136 20.45 -48.36 18.60
CA ILE D 136 21.81 -48.85 18.36
C ILE D 136 22.17 -48.74 16.88
N PHE D 137 23.39 -48.27 16.58
CA PHE D 137 23.80 -48.10 15.18
C PHE D 137 25.26 -48.47 14.96
N GLY D 138 25.50 -49.01 13.79
CA GLY D 138 26.86 -49.23 13.31
C GLY D 138 27.04 -48.74 11.89
N ILE D 139 28.17 -48.08 11.65
CA ILE D 139 28.42 -47.45 10.36
C ILE D 139 29.61 -48.11 9.69
N TYR D 140 29.43 -48.56 8.45
CA TYR D 140 30.51 -49.14 7.66
C TYR D 140 30.73 -48.29 6.42
N ARG D 141 31.91 -48.42 5.81
CA ARG D 141 32.13 -47.87 4.47
C ARG D 141 31.75 -48.91 3.44
N LYS D 142 31.08 -48.48 2.39
CA LYS D 142 30.96 -49.34 1.21
C LYS D 142 32.35 -49.66 0.65
N LYS D 143 32.67 -50.96 0.56
CA LYS D 143 34.04 -51.34 0.25
C LYS D 143 34.25 -51.57 -1.25
N SER D 144 33.24 -52.12 -1.92
CA SER D 144 33.22 -52.36 -3.36
C SER D 144 32.66 -51.17 -4.13
N THR D 145 32.90 -51.17 -5.45
CA THR D 145 32.30 -50.19 -6.34
C THR D 145 31.14 -50.77 -7.12
N ASP D 146 30.67 -51.97 -6.75
CA ASP D 146 29.51 -52.52 -7.44
C ASP D 146 28.29 -51.65 -7.19
N GLU D 147 27.16 -52.01 -7.79
CA GLU D 147 25.94 -51.31 -7.45
C GLU D 147 25.51 -51.71 -6.04
N PRO D 148 24.95 -50.78 -5.27
CA PRO D 148 24.59 -51.10 -3.88
C PRO D 148 23.59 -52.25 -3.78
N SER D 149 23.84 -53.11 -2.81
CA SER D 149 23.08 -54.32 -2.60
C SER D 149 23.11 -54.71 -1.13
N GLU D 150 22.32 -55.73 -0.79
CA GLU D 150 22.33 -56.29 0.55
C GLU D 150 23.72 -56.71 1.02
N LYS D 151 24.57 -57.21 0.11
CA LYS D 151 25.86 -57.72 0.53
C LYS D 151 26.81 -56.64 1.05
N ASP D 152 26.60 -55.37 0.70
CA ASP D 152 27.49 -54.35 1.24
C ASP D 152 27.36 -54.18 2.76
N ALA D 153 26.28 -54.68 3.35
CA ALA D 153 26.13 -54.66 4.80
C ALA D 153 26.74 -55.87 5.49
N LEU D 154 27.20 -56.88 4.74
CA LEU D 154 27.66 -58.13 5.35
C LEU D 154 29.12 -58.10 5.75
N GLN D 155 29.66 -56.94 6.07
CA GLN D 155 31.05 -56.86 6.49
C GLN D 155 31.25 -57.35 7.94
N PRO D 156 32.46 -57.75 8.28
CA PRO D 156 32.74 -58.07 9.69
C PRO D 156 32.79 -56.79 10.52
N GLY D 157 32.53 -56.97 11.83
CA GLY D 157 32.50 -55.86 12.78
C GLY D 157 33.81 -55.08 12.86
N ARG D 158 34.95 -55.74 12.60
CA ARG D 158 36.25 -55.07 12.55
C ARG D 158 36.21 -53.87 11.63
N ASN D 159 35.40 -53.93 10.57
CA ASN D 159 35.32 -52.87 9.57
C ASN D 159 34.51 -51.67 9.99
N LEU D 160 34.02 -51.61 11.23
CA LEU D 160 33.18 -50.49 11.63
C LEU D 160 33.96 -49.17 11.64
N VAL D 161 33.37 -48.15 11.03
CA VAL D 161 33.95 -46.80 11.06
C VAL D 161 33.54 -46.07 12.34
N ALA D 162 32.28 -46.19 12.74
CA ALA D 162 31.72 -45.59 13.94
C ALA D 162 30.52 -46.43 14.37
N ALA D 163 30.28 -46.48 15.68
CA ALA D 163 29.13 -47.19 16.25
C ALA D 163 28.79 -46.65 17.64
N GLY D 164 27.58 -46.98 18.08
CA GLY D 164 27.19 -46.59 19.42
C GLY D 164 25.68 -46.67 19.59
N TYR D 165 25.20 -45.97 20.61
CA TYR D 165 23.79 -46.05 20.94
C TYR D 165 23.30 -44.77 21.59
N ALA D 166 22.00 -44.59 21.46
CA ALA D 166 21.27 -43.61 22.26
C ALA D 166 20.46 -44.41 23.28
N LEU D 167 20.60 -44.04 24.55
CA LEU D 167 19.84 -44.65 25.64
C LEU D 167 18.81 -43.64 26.12
N TYR D 168 17.53 -43.93 25.93
CA TYR D 168 16.44 -43.06 26.39
C TYR D 168 16.01 -43.52 27.77
N GLY D 169 16.71 -43.03 28.80
CA GLY D 169 16.49 -43.43 30.19
C GLY D 169 16.01 -42.34 31.12
N SER D 170 16.58 -42.27 32.32
CA SER D 170 16.28 -41.14 33.18
C SER D 170 16.68 -39.84 32.50
N ALA D 171 17.77 -39.88 31.75
CA ALA D 171 18.14 -38.85 30.77
C ALA D 171 18.39 -39.54 29.45
N THR D 172 18.51 -38.76 28.39
CA THR D 172 18.88 -39.30 27.09
C THR D 172 20.39 -39.16 26.89
N MET D 173 21.07 -40.28 26.70
CA MET D 173 22.51 -40.28 26.47
C MET D 173 22.87 -40.91 25.14
N LEU D 174 23.75 -40.25 24.40
CA LEU D 174 24.32 -40.80 23.17
C LEU D 174 25.75 -41.24 23.47
N VAL D 175 26.05 -42.49 23.22
CA VAL D 175 27.42 -42.97 23.38
C VAL D 175 28.00 -43.25 21.99
N LEU D 176 29.10 -42.57 21.65
CA LEU D 176 29.67 -42.64 20.31
C LEU D 176 31.08 -43.19 20.37
N ALA D 177 31.29 -44.36 19.77
CA ALA D 177 32.61 -45.00 19.70
C ALA D 177 33.17 -44.90 18.29
N MET D 178 34.40 -44.39 18.16
CA MET D 178 35.07 -44.33 16.87
C MET D 178 36.52 -44.77 17.05
N ASP D 179 37.34 -44.56 16.01
CA ASP D 179 38.73 -45.01 16.08
C ASP D 179 39.47 -44.34 17.24
N CYS D 180 39.20 -43.06 17.49
CA CYS D 180 39.87 -42.35 18.56
C CYS D 180 39.44 -42.84 19.94
N GLY D 181 38.22 -43.35 20.08
CA GLY D 181 37.76 -43.85 21.37
C GLY D 181 36.26 -43.66 21.54
N VAL D 182 35.83 -43.72 22.81
CA VAL D 182 34.40 -43.71 23.17
C VAL D 182 34.08 -42.42 23.92
N ASN D 183 33.03 -41.72 23.47
CA ASN D 183 32.60 -40.49 24.15
C ASN D 183 31.11 -40.54 24.48
N CYS D 184 30.76 -39.98 25.65
CA CYS D 184 29.38 -39.97 26.15
C CYS D 184 28.82 -38.56 26.14
N PHE D 185 27.69 -38.40 25.48
CA PHE D 185 27.03 -37.12 25.39
C PHE D 185 25.67 -37.24 26.04
N MET D 186 25.28 -36.22 26.79
CA MET D 186 23.98 -36.19 27.43
C MET D 186 23.10 -35.21 26.68
N LEU D 187 21.91 -35.65 26.30
CA LEU D 187 21.00 -34.73 25.64
C LEU D 187 20.47 -33.71 26.67
N ASP D 188 20.69 -32.42 26.41
CA ASP D 188 20.03 -31.38 27.18
C ASP D 188 18.74 -31.01 26.46
N PRO D 189 17.57 -31.37 26.99
CA PRO D 189 16.34 -31.08 26.25
C PRO D 189 16.00 -29.59 26.18
N ALA D 190 16.52 -28.78 27.12
CA ALA D 190 16.27 -27.35 27.11
C ALA D 190 16.85 -26.66 25.88
N ILE D 191 17.96 -27.14 25.32
CA ILE D 191 18.55 -26.53 24.13
C ILE D 191 18.74 -27.52 23.01
N GLY D 192 18.36 -28.78 23.19
CA GLY D 192 18.44 -29.76 22.13
C GLY D 192 19.84 -29.98 21.59
N GLU D 193 20.83 -30.05 22.49
CA GLU D 193 22.23 -30.29 22.20
C GLU D 193 22.74 -31.44 23.06
N PHE D 194 23.59 -32.28 22.46
CA PHE D 194 24.20 -33.41 23.16
C PHE D 194 25.50 -32.94 23.79
N ILE D 195 25.53 -32.86 25.11
CA ILE D 195 26.64 -32.26 25.82
C ILE D 195 27.65 -33.35 26.16
N LEU D 196 28.93 -33.09 25.86
CA LEU D 196 29.99 -34.04 26.18
C LEU D 196 30.16 -34.14 27.70
N VAL D 197 29.95 -35.35 28.25
CA VAL D 197 30.03 -35.55 29.69
C VAL D 197 31.06 -36.58 30.11
N ASP D 198 31.66 -37.32 29.19
CA ASP D 198 32.59 -38.38 29.58
C ASP D 198 33.56 -38.57 28.42
N LYS D 199 34.78 -38.04 28.56
CA LYS D 199 35.76 -38.09 27.48
C LYS D 199 36.50 -39.40 27.49
N ASP D 200 36.49 -40.09 26.35
CA ASP D 200 37.30 -41.28 26.11
C ASP D 200 37.14 -42.31 27.21
N VAL D 201 35.90 -42.75 27.45
CA VAL D 201 35.65 -43.62 28.60
C VAL D 201 36.35 -44.96 28.42
N LYS D 202 36.75 -45.57 29.54
CA LYS D 202 37.44 -46.85 29.55
C LYS D 202 36.86 -47.72 30.64
N ILE D 203 36.44 -48.93 30.26
CA ILE D 203 35.75 -49.84 31.17
C ILE D 203 36.74 -50.35 32.22
N LYS D 204 36.22 -50.67 33.42
CA LYS D 204 37.04 -51.28 34.46
C LYS D 204 37.65 -52.61 33.99
N LYS D 205 38.87 -52.89 34.45
CA LYS D 205 39.54 -54.14 34.11
C LYS D 205 38.73 -55.35 34.56
N LYS D 206 38.10 -55.24 35.73
CA LYS D 206 37.28 -56.29 36.32
C LYS D 206 36.12 -55.62 37.04
N GLY D 207 34.94 -56.21 36.93
CA GLY D 207 33.75 -55.69 37.57
C GLY D 207 33.30 -56.57 38.73
N LYS D 208 32.23 -56.11 39.38
CA LYS D 208 31.61 -56.81 40.50
C LYS D 208 30.14 -57.12 40.23
N ILE D 209 29.74 -57.13 38.95
CA ILE D 209 28.34 -57.29 38.55
C ILE D 209 28.24 -58.18 37.31
N TYR D 210 27.28 -59.10 37.33
CA TYR D 210 26.95 -59.94 36.17
C TYR D 210 25.50 -59.75 35.76
N SER D 211 25.24 -59.93 34.47
CA SER D 211 23.96 -59.56 33.88
C SER D 211 23.59 -60.57 32.81
N LEU D 212 22.55 -61.35 33.07
CA LEU D 212 21.94 -62.24 32.10
C LEU D 212 20.62 -62.67 32.71
N ASN D 213 19.76 -63.23 31.87
CA ASN D 213 18.45 -63.71 32.32
C ASN D 213 18.63 -65.11 32.93
N GLU D 214 18.52 -65.22 34.25
CA GLU D 214 18.71 -66.49 34.93
C GLU D 214 17.44 -67.34 34.93
N GLY D 215 16.34 -66.82 34.42
CA GLY D 215 15.14 -67.61 34.40
C GLY D 215 15.26 -68.80 33.50
N TYR D 216 16.04 -68.67 32.42
CA TYR D 216 16.27 -69.75 31.46
C TYR D 216 17.42 -70.66 31.90
N ALA D 217 17.70 -70.73 33.21
CA ALA D 217 18.81 -71.52 33.71
C ALA D 217 18.64 -72.99 33.34
N LYS D 218 17.39 -73.43 33.14
CA LYS D 218 17.09 -74.78 32.68
C LYS D 218 17.76 -75.11 31.35
N ASP D 219 18.00 -74.09 30.49
CA ASP D 219 18.56 -74.28 29.14
C ASP D 219 20.03 -73.88 29.03
N PHE D 220 20.70 -73.58 30.13
CA PHE D 220 22.08 -73.10 30.08
C PHE D 220 23.02 -74.20 29.57
N ASP D 221 23.89 -73.82 28.64
CA ASP D 221 25.15 -74.51 28.44
C ASP D 221 25.85 -74.69 29.79
N PRO D 222 26.43 -75.87 30.07
CA PRO D 222 27.05 -76.09 31.40
C PRO D 222 28.14 -75.10 31.78
N ALA D 223 28.87 -74.57 30.79
CA ALA D 223 29.90 -73.56 31.08
C ALA D 223 29.28 -72.30 31.69
N VAL D 224 28.11 -71.89 31.16
CA VAL D 224 27.41 -70.73 31.71
C VAL D 224 26.97 -71.02 33.14
N THR D 225 26.41 -72.22 33.35
CA THR D 225 26.05 -72.67 34.69
C THR D 225 27.22 -72.58 35.65
N GLU D 226 28.40 -73.03 35.21
CA GLU D 226 29.55 -73.02 36.12
C GLU D 226 30.05 -71.62 36.37
N TYR D 227 30.11 -70.79 35.34
CA TYR D 227 30.61 -69.43 35.53
C TYR D 227 29.68 -68.64 36.47
N ILE D 228 28.36 -68.79 36.32
CA ILE D 228 27.44 -68.06 37.16
C ILE D 228 27.55 -68.52 38.61
N GLN D 229 27.69 -69.83 38.83
CA GLN D 229 27.87 -70.33 40.18
C GLN D 229 29.11 -69.72 40.83
N ARG D 230 30.20 -69.56 40.07
CA ARG D 230 31.40 -68.94 40.64
C ARG D 230 31.21 -67.47 40.97
N LYS D 231 30.22 -66.81 40.39
CA LYS D 231 29.97 -65.43 40.76
C LYS D 231 29.12 -65.36 42.01
N LYS D 232 28.27 -66.35 42.20
CA LYS D 232 27.49 -66.45 43.42
C LYS D 232 28.26 -67.15 44.55
N PHE D 233 29.11 -68.13 44.23
CA PHE D 233 29.84 -68.90 45.23
C PHE D 233 31.34 -68.97 44.93
N PRO D 234 32.08 -67.89 45.19
CA PRO D 234 33.52 -67.91 44.88
C PRO D 234 34.25 -68.96 45.70
N PRO D 235 35.11 -69.76 45.09
CA PRO D 235 35.89 -70.71 45.88
C PRO D 235 36.97 -70.03 46.71
N ASP D 236 37.55 -68.93 46.22
CA ASP D 236 38.61 -68.21 46.90
C ASP D 236 38.10 -67.34 48.05
N ASN D 237 36.81 -67.43 48.36
CA ASN D 237 36.19 -66.69 49.46
C ASN D 237 36.51 -65.20 49.38
N SER D 238 36.24 -64.65 48.21
CA SER D 238 36.14 -63.22 47.97
C SER D 238 34.66 -62.87 47.96
N ALA D 239 34.36 -61.62 47.66
CA ALA D 239 32.96 -61.18 47.68
C ALA D 239 32.22 -61.74 46.47
N PRO D 240 30.98 -62.17 46.64
CA PRO D 240 30.16 -62.52 45.47
C PRO D 240 29.76 -61.31 44.66
N TYR D 241 29.53 -61.54 43.38
CA TYR D 241 29.10 -60.47 42.50
C TYR D 241 27.63 -60.13 42.71
N GLY D 242 27.29 -58.89 42.40
CA GLY D 242 25.91 -58.51 42.26
C GLY D 242 25.36 -58.78 40.87
N ALA D 243 24.04 -58.90 40.82
CA ALA D 243 23.30 -59.19 39.61
C ALA D 243 22.40 -58.02 39.23
N ARG D 244 22.34 -57.70 37.94
CA ARG D 244 21.43 -56.71 37.40
C ARG D 244 20.96 -57.23 36.06
N TYR D 245 19.68 -57.08 35.76
CA TYR D 245 19.22 -57.43 34.42
C TYR D 245 17.95 -56.65 34.11
N VAL D 246 18.12 -55.55 33.37
CA VAL D 246 16.98 -54.76 32.94
C VAL D 246 16.21 -55.49 31.83
N GLY D 247 16.90 -56.27 30.99
CA GLY D 247 16.25 -56.91 29.86
C GLY D 247 16.17 -56.07 28.61
N SER D 248 16.66 -54.82 28.67
CA SER D 248 16.91 -53.95 27.53
C SER D 248 18.41 -53.90 27.29
N MET D 249 18.85 -54.29 26.08
CA MET D 249 20.29 -54.45 25.85
C MET D 249 21.03 -53.14 26.02
N VAL D 250 20.42 -52.03 25.60
CA VAL D 250 21.10 -50.74 25.72
C VAL D 250 21.38 -50.41 27.17
N ALA D 251 20.40 -50.66 28.04
CA ALA D 251 20.60 -50.38 29.45
C ALA D 251 21.62 -51.33 30.05
N ASP D 252 21.46 -52.63 29.81
CA ASP D 252 22.37 -53.61 30.40
C ASP D 252 23.81 -53.35 29.96
N VAL D 253 24.03 -53.07 28.67
CA VAL D 253 25.39 -52.81 28.19
C VAL D 253 25.94 -51.50 28.74
N HIS D 254 25.13 -50.44 28.80
CA HIS D 254 25.63 -49.15 29.26
C HIS D 254 26.11 -49.24 30.70
N ARG D 255 25.36 -49.98 31.53
CA ARG D 255 25.78 -50.24 32.89
C ARG D 255 27.09 -51.03 32.92
N THR D 256 27.23 -52.06 32.08
CA THR D 256 28.50 -52.76 31.99
C THR D 256 29.62 -51.79 31.61
N LEU D 257 29.35 -50.87 30.68
CA LEU D 257 30.36 -49.88 30.32
C LEU D 257 30.69 -48.98 31.50
N VAL D 258 29.67 -48.46 32.18
CA VAL D 258 29.92 -47.37 33.14
C VAL D 258 30.40 -47.87 34.49
N TYR D 259 29.91 -49.02 34.94
CA TYR D 259 30.26 -49.51 36.26
C TYR D 259 31.21 -50.70 36.21
N GLY D 260 31.39 -51.30 35.05
CA GLY D 260 32.18 -52.50 34.91
C GLY D 260 31.38 -53.74 35.16
N GLY D 261 31.96 -54.87 34.75
CA GLY D 261 31.30 -56.15 34.89
C GLY D 261 31.20 -56.97 33.62
N ILE D 262 30.17 -57.82 33.56
CA ILE D 262 29.96 -58.74 32.46
C ILE D 262 28.47 -58.78 32.13
N PHE D 263 28.17 -58.82 30.84
CA PHE D 263 26.82 -59.02 30.32
C PHE D 263 26.86 -60.23 29.41
N LEU D 264 25.88 -61.11 29.50
CA LEU D 264 25.87 -62.33 28.70
C LEU D 264 24.49 -62.54 28.11
N TYR D 265 24.45 -62.74 26.79
CA TYR D 265 23.29 -63.31 26.10
C TYR D 265 23.85 -64.45 25.26
N PRO D 266 24.12 -65.59 25.90
CA PRO D 266 24.91 -66.64 25.27
C PRO D 266 24.08 -67.65 24.46
N ALA D 267 24.81 -68.51 23.75
CA ALA D 267 24.20 -69.62 23.05
C ALA D 267 23.88 -70.74 24.02
N ASN D 268 22.63 -71.19 24.02
CA ASN D 268 22.21 -72.43 24.67
C ASN D 268 22.00 -73.48 23.58
N LYS D 269 21.55 -74.68 23.98
CA LYS D 269 21.35 -75.74 22.99
C LYS D 269 20.12 -75.49 22.11
N LYS D 270 19.12 -74.75 22.59
CA LYS D 270 17.99 -74.41 21.75
C LYS D 270 18.35 -73.33 20.74
N SER D 271 19.07 -72.30 21.20
CA SER D 271 19.53 -71.19 20.37
C SER D 271 21.02 -71.31 20.19
N PRO D 272 21.49 -72.07 19.21
CA PRO D 272 22.93 -72.37 19.13
C PRO D 272 23.75 -71.19 18.69
N ASN D 273 23.13 -70.18 18.07
CA ASN D 273 23.79 -68.94 17.69
C ASN D 273 23.31 -67.76 18.52
N GLY D 274 22.86 -68.00 19.74
CA GLY D 274 22.36 -66.89 20.51
C GLY D 274 21.00 -66.44 19.99
N LYS D 275 20.58 -65.28 20.47
CA LYS D 275 19.31 -64.67 20.08
C LYS D 275 19.48 -63.27 19.50
N LEU D 276 20.42 -62.49 20.00
CA LEU D 276 20.58 -61.12 19.55
C LEU D 276 21.13 -61.10 18.13
N ARG D 277 20.81 -60.04 17.41
CA ARG D 277 21.26 -59.93 16.03
C ARG D 277 22.67 -59.36 15.96
N LEU D 278 23.50 -59.94 15.07
CA LEU D 278 24.89 -59.55 14.97
C LEU D 278 25.03 -58.15 14.40
N LEU D 279 24.32 -57.85 13.31
CA LEU D 279 24.65 -56.64 12.55
C LEU D 279 24.38 -55.36 13.33
N TYR D 280 23.27 -55.32 14.06
CA TYR D 280 22.79 -54.08 14.64
C TYR D 280 22.54 -54.16 16.14
N GLU D 281 22.95 -55.25 16.80
CA GLU D 281 22.95 -55.26 18.26
C GLU D 281 24.32 -55.70 18.77
N CYS D 282 24.76 -56.90 18.39
CA CYS D 282 26.02 -57.45 18.91
C CYS D 282 27.24 -56.66 18.43
N ASN D 283 27.35 -56.42 17.12
CA ASN D 283 28.54 -55.73 16.62
C ASN D 283 28.69 -54.34 17.21
N PRO D 284 27.71 -53.43 17.10
CA PRO D 284 27.96 -52.09 17.62
C PRO D 284 28.27 -52.11 19.12
N MET D 285 27.69 -53.03 19.89
CA MET D 285 28.07 -53.12 21.30
C MET D 285 29.48 -53.68 21.44
N ALA D 286 29.83 -54.68 20.63
CA ALA D 286 31.20 -55.23 20.62
C ALA D 286 32.21 -54.15 20.26
N TYR D 287 31.89 -53.31 19.29
CA TYR D 287 32.79 -52.23 18.91
C TYR D 287 33.00 -51.25 20.05
N VAL D 288 31.90 -50.79 20.68
CA VAL D 288 31.98 -49.84 21.78
C VAL D 288 32.79 -50.44 22.93
N MET D 289 32.49 -51.69 23.28
CA MET D 289 33.25 -52.35 24.31
C MET D 289 34.74 -52.31 23.97
N GLU D 290 35.10 -52.85 22.82
CA GLU D 290 36.52 -52.97 22.52
C GLU D 290 37.20 -51.61 22.52
N LYS D 291 36.56 -50.59 21.93
CA LYS D 291 37.14 -49.24 21.98
C LYS D 291 37.22 -48.69 23.39
N ALA D 292 36.55 -49.30 24.35
CA ALA D 292 36.69 -48.89 25.74
C ALA D 292 37.62 -49.80 26.50
N GLY D 293 38.33 -50.69 25.79
CA GLY D 293 39.26 -51.59 26.43
C GLY D 293 38.67 -52.87 26.96
N GLY D 294 37.44 -53.22 26.54
CA GLY D 294 36.77 -54.41 27.01
C GLY D 294 36.83 -55.51 25.97
N MET D 295 36.04 -56.54 26.19
CA MET D 295 36.03 -57.68 25.28
C MET D 295 34.60 -58.06 24.93
N ALA D 296 34.46 -58.79 23.82
CA ALA D 296 33.15 -59.19 23.33
C ALA D 296 33.31 -60.44 22.47
N THR D 297 32.72 -61.54 22.92
CA THR D 297 32.91 -62.83 22.29
C THR D 297 31.59 -63.56 22.08
N THR D 298 31.63 -64.50 21.14
CA THR D 298 30.62 -65.53 20.93
C THR D 298 30.92 -66.78 21.76
N GLY D 299 32.03 -66.79 22.47
CA GLY D 299 32.52 -67.99 23.13
C GLY D 299 33.63 -68.59 22.30
N LYS D 300 33.39 -68.65 20.99
CA LYS D 300 34.32 -69.25 20.05
C LYS D 300 35.31 -68.26 19.44
N GLU D 301 34.95 -66.98 19.30
CA GLU D 301 35.83 -65.99 18.69
C GLU D 301 35.33 -64.62 19.12
N ALA D 302 36.08 -63.59 18.73
CA ALA D 302 35.63 -62.23 18.96
C ALA D 302 34.43 -61.92 18.08
N VAL D 303 33.45 -61.19 18.66
CA VAL D 303 32.21 -60.91 17.93
C VAL D 303 32.53 -60.15 16.64
N LEU D 304 33.49 -59.22 16.70
CA LEU D 304 33.86 -58.38 15.57
C LEU D 304 34.57 -59.12 14.44
N ASP D 305 35.02 -60.37 14.67
CA ASP D 305 35.62 -61.20 13.61
C ASP D 305 34.61 -62.09 12.91
N VAL D 306 33.36 -62.16 13.37
CA VAL D 306 32.39 -62.96 12.66
C VAL D 306 32.05 -62.30 11.33
N ILE D 307 32.08 -63.09 10.25
CA ILE D 307 31.74 -62.62 8.92
C ILE D 307 30.29 -63.01 8.62
N PRO D 308 29.37 -62.07 8.50
CA PRO D 308 27.97 -62.46 8.30
C PRO D 308 27.64 -62.89 6.88
N THR D 309 26.75 -63.88 6.79
CA THR D 309 26.17 -64.35 5.54
C THR D 309 24.69 -64.01 5.41
N ASP D 310 24.05 -63.60 6.50
CA ASP D 310 22.66 -63.17 6.51
C ASP D 310 22.61 -61.91 7.35
N ILE D 311 21.90 -60.88 6.88
CA ILE D 311 21.91 -59.61 7.59
C ILE D 311 21.11 -59.67 8.88
N HIS D 312 20.15 -60.59 9.00
CA HIS D 312 19.38 -60.74 10.24
C HIS D 312 19.86 -61.93 11.07
N GLN D 313 21.09 -62.39 10.83
CA GLN D 313 21.61 -63.54 11.55
C GLN D 313 21.86 -63.20 13.01
N ARG D 314 21.92 -64.25 13.83
CA ARG D 314 22.13 -64.08 15.27
C ARG D 314 23.56 -64.44 15.67
N ALA D 315 23.90 -64.04 16.90
CA ALA D 315 25.21 -64.25 17.50
C ALA D 315 25.07 -64.31 19.00
N PRO D 316 25.73 -65.25 19.66
CA PRO D 316 25.89 -65.13 21.10
C PRO D 316 26.81 -63.96 21.43
N VAL D 317 26.64 -63.40 22.62
CA VAL D 317 27.45 -62.25 23.02
C VAL D 317 27.71 -62.37 24.52
N ILE D 318 28.96 -62.20 24.88
CA ILE D 318 29.44 -62.03 26.24
C ILE D 318 30.44 -60.91 26.15
N LEU D 319 30.19 -59.84 26.86
CA LEU D 319 31.04 -58.67 26.79
C LEU D 319 31.21 -58.13 28.18
N GLY D 320 32.13 -57.18 28.31
CA GLY D 320 32.38 -56.50 29.56
C GLY D 320 33.83 -56.28 29.89
N SER D 321 34.15 -56.36 31.17
CA SER D 321 35.51 -56.16 31.62
C SER D 321 36.40 -57.31 31.14
N PRO D 322 37.64 -57.01 30.69
CA PRO D 322 38.47 -58.06 30.11
C PRO D 322 38.76 -59.22 31.06
N ASP D 323 39.00 -58.96 32.36
CA ASP D 323 39.21 -60.08 33.28
C ASP D 323 37.97 -60.98 33.36
N ASP D 324 36.78 -60.39 33.29
CA ASP D 324 35.55 -61.17 33.46
C ASP D 324 35.23 -61.94 32.20
N VAL D 325 35.33 -61.27 31.04
CA VAL D 325 35.16 -61.98 29.77
C VAL D 325 36.22 -63.07 29.62
N LEU D 326 37.47 -62.77 29.99
CA LEU D 326 38.51 -63.81 29.98
C LEU D 326 38.18 -64.93 30.94
N GLU D 327 37.78 -64.60 32.18
CA GLU D 327 37.45 -65.66 33.13
C GLU D 327 36.30 -66.48 32.62
N PHE D 328 35.33 -65.84 31.98
CA PHE D 328 34.27 -66.62 31.38
C PHE D 328 34.83 -67.51 30.28
N LEU D 329 35.72 -66.97 29.45
CA LEU D 329 36.35 -67.78 28.42
C LEU D 329 37.12 -68.93 29.04
N LYS D 330 37.76 -68.71 30.20
CA LYS D 330 38.46 -69.80 30.88
C LYS D 330 37.52 -70.96 31.21
N VAL D 331 36.30 -70.67 31.67
CA VAL D 331 35.32 -71.72 31.93
C VAL D 331 34.74 -72.26 30.62
N TYR D 332 34.58 -71.40 29.61
CA TYR D 332 34.09 -71.90 28.31
C TYR D 332 35.05 -72.93 27.73
N GLU D 333 36.36 -72.70 27.87
CA GLU D 333 37.36 -73.64 27.38
C GLU D 333 37.19 -75.01 28.00
N LYS D 334 36.98 -75.05 29.33
CA LYS D 334 36.89 -76.28 30.09
C LYS D 334 35.83 -77.25 29.56
N HIS D 335 34.74 -76.75 28.99
CA HIS D 335 33.64 -77.63 28.58
C HIS D 335 33.75 -77.95 27.09
N SER D 336 34.85 -78.65 26.78
CA SER D 336 35.29 -79.08 25.45
C SER D 336 35.71 -77.94 24.54
N ASP E 10 3.56 37.07 -46.31
CA ASP E 10 2.29 36.35 -46.25
C ASP E 10 2.27 35.44 -45.01
N VAL E 11 1.09 34.89 -44.69
CA VAL E 11 0.91 34.10 -43.48
C VAL E 11 1.41 32.68 -43.72
N ASN E 12 2.33 32.23 -42.88
CA ASN E 12 2.92 30.90 -42.99
C ASN E 12 2.69 30.16 -41.69
N THR E 13 2.31 28.89 -41.79
CA THR E 13 2.10 28.00 -40.66
C THR E 13 3.15 26.89 -40.62
N LEU E 14 3.31 26.29 -39.44
CA LEU E 14 4.23 25.17 -39.33
C LEU E 14 3.85 24.05 -40.29
N THR E 15 2.55 23.74 -40.39
CA THR E 15 2.10 22.62 -41.22
C THR E 15 2.35 22.88 -42.69
N ARG E 16 2.14 24.13 -43.13
CA ARG E 16 2.48 24.49 -44.50
C ARG E 16 3.98 24.42 -44.71
N PHE E 17 4.76 24.98 -43.78
CA PHE E 17 6.21 25.02 -43.91
C PHE E 17 6.81 23.64 -44.03
N VAL E 18 6.40 22.74 -43.13
CA VAL E 18 6.97 21.40 -43.11
C VAL E 18 6.62 20.64 -44.39
N MET E 19 5.43 20.89 -44.96
CA MET E 19 5.08 20.25 -46.23
C MET E 19 5.87 20.80 -47.41
N GLU E 20 6.03 22.13 -47.50
CA GLU E 20 6.78 22.71 -48.62
C GLU E 20 8.22 22.25 -48.62
N GLU E 21 8.90 22.29 -47.47
CA GLU E 21 10.26 21.78 -47.43
C GLU E 21 10.30 20.28 -47.69
N GLY E 22 9.22 19.57 -47.32
CA GLY E 22 9.16 18.13 -47.58
C GLY E 22 8.95 17.76 -49.04
N ARG E 23 8.18 18.57 -49.79
CA ARG E 23 8.04 18.33 -51.24
C ARG E 23 9.32 18.65 -51.99
N LYS E 24 9.99 19.75 -51.62
CA LYS E 24 11.23 20.15 -52.27
C LYS E 24 12.24 19.00 -52.34
N ALA E 25 12.35 18.22 -51.27
CA ALA E 25 13.34 17.15 -51.19
C ALA E 25 12.82 15.80 -51.67
N ARG E 26 11.58 15.74 -52.18
CA ARG E 26 11.00 14.50 -52.71
C ARG E 26 11.16 13.31 -51.77
N GLY E 27 11.06 13.56 -50.45
CA GLY E 27 11.08 12.46 -49.49
C GLY E 27 9.75 11.70 -49.41
N THR E 28 9.77 10.60 -48.65
CA THR E 28 8.58 9.76 -48.55
C THR E 28 7.51 10.37 -47.67
N GLY E 29 7.86 11.37 -46.86
CA GLY E 29 6.89 11.99 -45.99
C GLY E 29 6.93 11.58 -44.54
N GLU E 30 7.78 10.61 -44.16
CA GLU E 30 7.70 10.11 -42.79
C GLU E 30 8.09 11.20 -41.79
N LEU E 31 9.10 12.01 -42.10
CA LEU E 31 9.49 13.05 -41.15
C LEU E 31 8.39 14.10 -41.01
N THR E 32 7.79 14.52 -42.13
CA THR E 32 6.67 15.45 -42.07
C THR E 32 5.54 14.86 -41.23
N GLN E 33 5.23 13.57 -41.43
CA GLN E 33 4.22 12.94 -40.60
C GLN E 33 4.64 12.95 -39.13
N LEU E 34 5.91 12.65 -38.85
CA LEU E 34 6.42 12.70 -37.48
C LEU E 34 6.20 14.08 -36.86
N LEU E 35 6.56 15.15 -37.58
CA LEU E 35 6.45 16.49 -37.03
C LEU E 35 4.99 16.87 -36.79
N ASN E 36 4.09 16.47 -37.69
CA ASN E 36 2.66 16.73 -37.48
C ASN E 36 2.15 15.98 -36.25
N SER E 37 2.57 14.73 -36.06
CA SER E 37 2.20 14.01 -34.85
C SER E 37 2.81 14.67 -33.62
N LEU E 38 4.03 15.16 -33.73
CA LEU E 38 4.63 15.92 -32.62
C LEU E 38 3.89 17.26 -32.39
N CYS E 39 3.57 17.99 -33.46
CA CYS E 39 2.93 19.30 -33.32
C CYS E 39 1.52 19.18 -32.71
N THR E 40 0.80 18.12 -33.05
CA THR E 40 -0.51 17.91 -32.43
C THR E 40 -0.38 17.58 -30.94
N ALA E 41 0.62 16.76 -30.57
CA ALA E 41 0.87 16.52 -29.16
C ALA E 41 1.14 17.82 -28.41
N VAL E 42 1.95 18.70 -29.00
CA VAL E 42 2.27 19.96 -28.34
C VAL E 42 1.00 20.75 -28.09
N LYS E 43 0.09 20.79 -29.07
CA LYS E 43 -1.14 21.56 -28.88
C LYS E 43 -1.97 21.04 -27.72
N ALA E 44 -2.08 19.72 -27.56
CA ALA E 44 -2.84 19.16 -26.45
C ALA E 44 -2.16 19.51 -25.13
N ILE E 45 -0.85 19.32 -25.06
CA ILE E 45 -0.12 19.65 -23.84
C ILE E 45 -0.38 21.10 -23.44
N SER E 46 -0.30 22.02 -24.41
CA SER E 46 -0.56 23.44 -24.14
C SER E 46 -1.95 23.64 -23.56
N SER E 47 -2.94 22.97 -24.14
CA SER E 47 -4.31 23.08 -23.66
C SER E 47 -4.40 22.59 -22.20
N ALA E 48 -3.80 21.44 -21.91
CA ALA E 48 -3.79 20.94 -20.55
C ALA E 48 -2.97 21.84 -19.62
N VAL E 49 -1.89 22.44 -20.12
CA VAL E 49 -1.07 23.24 -19.22
C VAL E 49 -1.80 24.54 -18.83
N ARG E 50 -2.67 25.07 -19.70
CA ARG E 50 -3.41 26.30 -19.35
C ARG E 50 -4.56 26.09 -18.36
N LYS E 51 -4.97 24.85 -18.10
CA LYS E 51 -6.01 24.57 -17.12
C LYS E 51 -5.53 23.49 -16.13
N ALA E 52 -4.24 23.53 -15.79
CA ALA E 52 -3.61 22.41 -15.10
C ALA E 52 -4.25 22.13 -13.74
N GLY E 53 -4.37 23.14 -12.89
CA GLY E 53 -4.78 22.88 -11.54
C GLY E 53 -6.27 22.63 -11.37
N ILE E 54 -6.97 22.37 -12.47
CA ILE E 54 -8.37 22.02 -12.40
C ILE E 54 -8.54 20.66 -11.73
N ALA E 55 -7.54 19.79 -11.86
CA ALA E 55 -7.55 18.50 -11.14
C ALA E 55 -7.27 18.63 -9.62
N VAL E 71 -6.66 11.66 -14.14
CA VAL E 71 -6.58 11.73 -12.69
C VAL E 71 -5.17 11.30 -12.24
N LYS E 72 -4.18 11.55 -13.10
CA LYS E 72 -2.76 11.31 -12.83
C LYS E 72 -2.00 12.63 -12.98
N LYS E 73 -0.69 12.61 -12.70
CA LYS E 73 0.06 13.85 -12.80
C LYS E 73 0.34 14.19 -14.27
N LEU E 74 0.56 15.49 -14.53
CA LEU E 74 0.50 16.02 -15.89
C LEU E 74 1.75 15.72 -16.70
N ASP E 75 2.93 15.69 -16.07
CA ASP E 75 4.09 15.27 -16.84
C ASP E 75 3.99 13.80 -17.26
N VAL E 76 3.11 13.02 -16.63
CA VAL E 76 2.89 11.63 -17.05
C VAL E 76 1.87 11.53 -18.17
N LEU E 77 0.76 12.28 -18.10
CA LEU E 77 -0.16 12.37 -19.23
C LEU E 77 0.55 12.90 -20.47
N SER E 78 1.38 13.93 -20.29
CA SER E 78 2.13 14.49 -21.40
C SER E 78 3.03 13.43 -22.03
N ASN E 79 3.62 12.56 -21.19
CA ASN E 79 4.43 11.47 -21.71
C ASN E 79 3.60 10.45 -22.49
N ASP E 80 2.50 9.97 -21.90
CA ASP E 80 1.63 9.02 -22.59
C ASP E 80 1.05 9.63 -23.87
N LEU E 81 0.84 10.95 -23.90
CA LEU E 81 0.37 11.60 -25.11
C LEU E 81 1.35 11.46 -26.25
N VAL E 82 2.59 11.89 -26.04
CA VAL E 82 3.60 11.84 -27.10
C VAL E 82 3.89 10.40 -27.51
N MET E 83 3.96 9.48 -26.55
CA MET E 83 4.30 8.10 -26.88
C MET E 83 3.37 7.53 -27.94
N ASN E 84 2.06 7.64 -27.73
CA ASN E 84 1.16 7.00 -28.69
C ASN E 84 0.96 7.82 -29.95
N MET E 85 1.00 9.15 -29.85
CA MET E 85 0.94 9.92 -31.09
C MET E 85 2.19 9.70 -31.94
N LEU E 86 3.36 9.52 -31.31
CA LEU E 86 4.53 9.16 -32.09
C LEU E 86 4.42 7.71 -32.57
N LYS E 87 4.06 6.80 -31.66
CA LYS E 87 3.89 5.40 -32.07
C LYS E 87 2.95 5.30 -33.27
N SER E 88 1.83 6.00 -33.22
CA SER E 88 0.82 5.88 -34.26
C SER E 88 1.09 6.78 -35.47
N SER E 89 2.25 7.44 -35.52
CA SER E 89 2.63 8.16 -36.72
C SER E 89 3.15 7.24 -37.80
N PHE E 90 3.44 5.99 -37.46
CA PHE E 90 4.05 5.03 -38.36
C PHE E 90 5.44 5.49 -38.79
N ALA E 91 6.06 6.36 -37.98
CA ALA E 91 7.34 6.95 -38.32
C ALA E 91 8.45 6.68 -37.32
N THR E 92 8.18 5.96 -36.25
CA THR E 92 9.14 5.83 -35.18
C THR E 92 9.40 4.37 -34.88
N CYS E 93 10.62 4.08 -34.46
CA CYS E 93 10.99 2.75 -34.01
C CYS E 93 11.56 2.70 -32.60
N VAL E 94 12.29 3.72 -32.17
CA VAL E 94 12.84 3.76 -30.83
C VAL E 94 12.51 5.12 -30.25
N LEU E 95 11.92 5.11 -29.05
CA LEU E 95 11.49 6.33 -28.34
C LEU E 95 12.13 6.33 -26.96
N VAL E 96 12.87 7.39 -26.65
CA VAL E 96 13.47 7.58 -25.33
C VAL E 96 12.84 8.80 -24.67
N SER E 97 12.34 8.63 -23.45
CA SER E 97 11.69 9.68 -22.68
C SER E 97 12.38 9.83 -21.34
N GLU E 98 12.35 11.05 -20.81
CA GLU E 98 12.84 11.29 -19.45
C GLU E 98 12.04 10.52 -18.41
N GLU E 99 10.77 10.23 -18.67
CA GLU E 99 9.88 9.64 -17.67
C GLU E 99 9.90 8.11 -17.68
N ASP E 100 10.62 7.50 -18.62
CA ASP E 100 10.69 6.05 -18.74
C ASP E 100 12.14 5.62 -18.59
N LYS E 101 12.37 4.55 -17.82
CA LYS E 101 13.74 4.14 -17.54
C LYS E 101 14.43 3.58 -18.77
N HIS E 102 13.74 2.74 -19.52
CA HIS E 102 14.36 2.18 -20.71
C HIS E 102 13.75 2.80 -21.95
N ALA E 103 14.47 2.68 -23.06
CA ALA E 103 13.88 3.04 -24.35
C ALA E 103 12.66 2.18 -24.61
N ILE E 104 11.71 2.74 -25.35
CA ILE E 104 10.52 2.01 -25.77
C ILE E 104 10.68 1.59 -27.23
N ILE E 105 10.43 0.31 -27.50
CA ILE E 105 10.51 -0.24 -28.84
C ILE E 105 9.10 -0.32 -29.40
N VAL E 106 8.89 0.33 -30.55
CA VAL E 106 7.61 0.32 -31.21
C VAL E 106 7.37 -1.07 -31.80
N GLU E 107 6.13 -1.54 -31.73
CA GLU E 107 5.78 -2.77 -32.41
C GLU E 107 6.00 -2.58 -33.92
N PRO E 108 6.31 -3.67 -34.65
CA PRO E 108 6.67 -3.50 -36.06
C PRO E 108 5.55 -2.97 -36.94
N GLU E 109 4.27 -3.28 -36.66
CA GLU E 109 3.20 -2.82 -37.55
C GLU E 109 3.17 -1.30 -37.63
N LYS E 110 3.56 -0.62 -36.55
CA LYS E 110 3.63 0.84 -36.51
C LYS E 110 5.06 1.33 -36.52
N ARG E 111 6.01 0.48 -36.89
CA ARG E 111 7.43 0.80 -36.82
C ARG E 111 7.85 1.67 -38.01
N GLY E 112 8.77 2.60 -37.73
CA GLY E 112 9.23 3.54 -38.72
C GLY E 112 10.71 3.78 -38.56
N LYS E 113 11.25 4.73 -39.32
CA LYS E 113 12.69 4.83 -39.54
C LYS E 113 13.38 5.87 -38.64
N TYR E 114 12.67 6.46 -37.69
CA TYR E 114 13.22 7.56 -36.89
C TYR E 114 13.29 7.21 -35.39
N VAL E 115 14.28 7.80 -34.72
CA VAL E 115 14.44 7.70 -33.27
C VAL E 115 14.14 9.05 -32.64
N VAL E 116 13.42 9.06 -31.51
CA VAL E 116 12.98 10.30 -30.88
C VAL E 116 13.38 10.31 -29.40
N CYS E 117 14.12 11.35 -28.99
CA CYS E 117 14.40 11.64 -27.59
C CYS E 117 13.66 12.90 -27.18
N PHE E 118 12.94 12.84 -26.06
CA PHE E 118 12.12 13.97 -25.70
C PHE E 118 11.94 14.04 -24.19
N ASP E 119 11.84 15.28 -23.69
CA ASP E 119 11.30 15.58 -22.38
C ASP E 119 9.86 16.05 -22.56
N PRO E 120 8.85 15.27 -22.14
CA PRO E 120 7.47 15.67 -22.47
C PRO E 120 7.01 16.89 -21.69
N LEU E 121 7.47 17.09 -20.45
CA LEU E 121 7.10 18.32 -19.74
C LEU E 121 8.26 18.69 -18.80
N ASP E 122 9.27 19.33 -19.38
CA ASP E 122 10.42 19.80 -18.62
C ASP E 122 10.04 20.96 -17.72
N GLY E 123 10.48 20.89 -16.47
CA GLY E 123 10.11 21.89 -15.50
C GLY E 123 8.79 21.64 -14.82
N SER E 124 8.24 20.42 -14.97
CA SER E 124 6.95 20.07 -14.39
C SER E 124 6.99 20.00 -12.86
N SER E 125 8.18 19.98 -12.27
CA SER E 125 8.32 20.09 -10.83
C SER E 125 8.14 21.53 -10.34
N ASN E 126 8.21 22.53 -11.24
CA ASN E 126 7.97 23.91 -10.87
C ASN E 126 6.75 24.52 -11.57
N ILE E 127 5.62 23.81 -11.59
CA ILE E 127 4.40 24.32 -12.20
C ILE E 127 3.42 24.92 -11.18
N ASP E 128 3.60 24.64 -9.88
CA ASP E 128 2.78 25.29 -8.87
C ASP E 128 2.98 26.80 -8.89
N CYS E 129 4.22 27.24 -9.13
CA CYS E 129 4.54 28.65 -9.26
C CYS E 129 4.24 29.19 -10.63
N LEU E 130 3.63 28.37 -11.50
CA LEU E 130 3.21 28.74 -12.86
C LEU E 130 4.38 29.22 -13.72
N VAL E 131 5.60 28.90 -13.31
CA VAL E 131 6.77 29.27 -14.10
C VAL E 131 6.74 28.37 -15.32
N SER E 132 7.54 28.70 -16.34
CA SER E 132 7.46 28.02 -17.62
C SER E 132 7.58 26.51 -17.50
N VAL E 133 6.85 25.82 -18.37
CA VAL E 133 7.09 24.41 -18.68
C VAL E 133 7.36 24.32 -20.18
N GLY E 134 7.89 23.17 -20.60
CA GLY E 134 8.27 23.04 -21.99
C GLY E 134 8.35 21.60 -22.45
N THR E 135 8.36 21.43 -23.77
CA THR E 135 8.59 20.13 -24.40
C THR E 135 9.85 20.21 -25.26
N ILE E 136 10.77 19.27 -25.06
CA ILE E 136 12.02 19.27 -25.79
C ILE E 136 12.13 17.98 -26.57
N PHE E 137 12.62 18.07 -27.80
CA PHE E 137 12.75 16.87 -28.62
C PHE E 137 14.00 16.93 -29.47
N GLY E 138 14.54 15.76 -29.70
CA GLY E 138 15.55 15.56 -30.73
C GLY E 138 15.15 14.36 -31.55
N ILE E 139 15.35 14.46 -32.86
CA ILE E 139 14.96 13.41 -33.81
C ILE E 139 16.20 12.93 -34.55
N TYR E 140 16.42 11.61 -34.56
CA TYR E 140 17.52 10.99 -35.28
C TYR E 140 17.01 9.98 -36.31
N ARG E 141 17.75 9.84 -37.41
CA ARG E 141 17.53 8.74 -38.34
C ARG E 141 18.22 7.51 -37.80
N LYS E 142 17.47 6.42 -37.62
CA LYS E 142 18.11 5.16 -37.23
C LYS E 142 19.17 4.80 -38.27
N LYS E 143 20.39 4.59 -37.79
CA LYS E 143 21.54 4.43 -38.68
C LYS E 143 21.75 2.97 -39.07
N SER E 144 21.56 2.06 -38.13
CA SER E 144 21.75 0.64 -38.38
C SER E 144 20.49 0.00 -38.94
N THR E 145 20.66 -1.18 -39.52
CA THR E 145 19.55 -2.02 -39.94
C THR E 145 19.39 -3.23 -39.02
N ASP E 146 20.07 -3.25 -37.87
CA ASP E 146 19.87 -4.28 -36.87
C ASP E 146 18.45 -4.19 -36.32
N GLU E 147 18.15 -5.06 -35.35
CA GLU E 147 16.89 -4.95 -34.64
C GLU E 147 16.93 -3.71 -33.74
N PRO E 148 15.85 -2.92 -33.70
CA PRO E 148 15.87 -1.69 -32.89
C PRO E 148 16.08 -1.97 -31.42
N SER E 149 16.92 -1.14 -30.80
CA SER E 149 17.25 -1.28 -29.39
C SER E 149 17.63 0.08 -28.83
N GLU E 150 17.82 0.09 -27.50
CA GLU E 150 18.33 1.27 -26.82
C GLU E 150 19.60 1.82 -27.49
N LYS E 151 20.39 0.93 -28.11
CA LYS E 151 21.65 1.33 -28.73
C LYS E 151 21.43 2.36 -29.84
N ASP E 152 20.24 2.34 -30.43
CA ASP E 152 19.93 3.21 -31.56
C ASP E 152 19.86 4.67 -31.16
N ALA E 153 19.58 4.95 -29.88
CA ALA E 153 19.46 6.30 -29.35
C ALA E 153 20.80 6.88 -28.92
N LEU E 154 21.87 6.09 -28.98
CA LEU E 154 23.17 6.52 -28.48
C LEU E 154 23.98 7.28 -29.51
N GLN E 155 23.33 7.97 -30.43
CA GLN E 155 24.03 8.79 -31.41
C GLN E 155 24.46 10.14 -30.81
N PRO E 156 25.54 10.72 -31.31
CA PRO E 156 25.93 12.07 -30.87
C PRO E 156 25.05 13.14 -31.51
N GLY E 157 25.06 14.30 -30.86
CA GLY E 157 24.20 15.40 -31.28
C GLY E 157 24.37 15.82 -32.72
N ARG E 158 25.57 15.64 -33.28
CA ARG E 158 25.81 15.98 -34.69
C ARG E 158 24.82 15.32 -35.62
N ASN E 159 24.38 14.10 -35.29
CA ASN E 159 23.51 13.30 -36.15
C ASN E 159 22.04 13.72 -36.09
N LEU E 160 21.72 14.82 -35.42
CA LEU E 160 20.34 15.24 -35.33
C LEU E 160 19.81 15.63 -36.70
N VAL E 161 18.62 15.12 -37.03
CA VAL E 161 17.92 15.54 -38.24
C VAL E 161 17.12 16.81 -37.97
N ALA E 162 16.44 16.86 -36.82
CA ALA E 162 15.66 18.00 -36.37
C ALA E 162 15.58 18.00 -34.85
N ALA E 163 15.47 19.20 -34.29
CA ALA E 163 15.29 19.34 -32.86
C ALA E 163 14.65 20.69 -32.57
N GLY E 164 14.13 20.81 -31.36
CA GLY E 164 13.56 22.08 -30.94
C GLY E 164 12.74 21.91 -29.68
N TYR E 165 11.87 22.88 -29.43
CA TYR E 165 11.13 22.85 -28.18
C TYR E 165 9.81 23.60 -28.30
N ALA E 166 8.90 23.23 -27.42
CA ALA E 166 7.71 24.02 -27.14
C ALA E 166 7.89 24.69 -25.79
N LEU E 167 7.71 25.99 -25.75
CA LEU E 167 7.73 26.77 -24.52
C LEU E 167 6.28 27.16 -24.26
N TYR E 168 5.68 26.56 -23.22
CA TYR E 168 4.31 26.90 -22.83
C TYR E 168 4.40 28.01 -21.81
N GLY E 169 4.47 29.24 -22.32
CA GLY E 169 4.61 30.41 -21.47
C GLY E 169 3.38 31.29 -21.56
N SER E 170 3.61 32.60 -21.63
CA SER E 170 2.51 33.54 -21.87
C SER E 170 1.79 33.20 -23.16
N ALA E 171 2.52 32.73 -24.16
CA ALA E 171 1.95 32.06 -25.32
C ALA E 171 2.68 30.76 -25.53
N THR E 172 2.13 29.91 -26.40
CA THR E 172 2.81 28.68 -26.76
C THR E 172 3.63 28.94 -28.03
N MET E 173 4.94 28.75 -27.93
CA MET E 173 5.83 28.92 -29.06
C MET E 173 6.60 27.64 -29.34
N LEU E 174 6.57 27.22 -30.60
CA LEU E 174 7.31 26.06 -31.05
C LEU E 174 8.54 26.50 -31.83
N VAL E 175 9.70 26.08 -31.36
CA VAL E 175 10.97 26.37 -31.99
C VAL E 175 11.45 25.09 -32.64
N LEU E 176 11.60 25.13 -33.97
CA LEU E 176 12.01 23.98 -34.76
C LEU E 176 13.32 24.31 -35.46
N ALA E 177 14.38 23.60 -35.10
CA ALA E 177 15.68 23.76 -35.74
C ALA E 177 15.94 22.55 -36.60
N MET E 178 16.31 22.79 -37.85
CA MET E 178 16.64 21.75 -38.79
C MET E 178 17.92 22.15 -39.51
N ASP E 179 18.28 21.43 -40.58
CA ASP E 179 19.51 21.77 -41.30
C ASP E 179 19.45 23.18 -41.86
N CYS E 180 18.30 23.57 -42.42
CA CYS E 180 18.20 24.90 -43.02
C CYS E 180 18.26 26.01 -41.97
N GLY E 181 17.86 25.74 -40.73
CA GLY E 181 17.94 26.74 -39.68
C GLY E 181 16.85 26.57 -38.63
N VAL E 182 16.60 27.65 -37.92
CA VAL E 182 15.68 27.68 -36.79
C VAL E 182 14.49 28.55 -37.16
N ASN E 183 13.28 28.05 -36.90
CA ASN E 183 12.09 28.86 -37.11
C ASN E 183 11.19 28.81 -35.88
N CYS E 184 10.63 29.96 -35.50
CA CYS E 184 9.77 30.07 -34.32
C CYS E 184 8.33 30.23 -34.75
N PHE E 185 7.48 29.33 -34.28
CA PHE E 185 6.06 29.35 -34.57
C PHE E 185 5.30 29.58 -33.28
N MET E 186 4.30 30.45 -33.34
CA MET E 186 3.44 30.77 -32.20
C MET E 186 2.09 30.08 -32.36
N LEU E 187 1.68 29.35 -31.33
CA LEU E 187 0.38 28.70 -31.36
C LEU E 187 -0.72 29.75 -31.30
N ASP E 188 -1.64 29.69 -32.27
CA ASP E 188 -2.85 30.49 -32.21
C ASP E 188 -3.93 29.59 -31.65
N PRO E 189 -4.40 29.84 -30.44
CA PRO E 189 -5.38 28.92 -29.84
C PRO E 189 -6.74 28.97 -30.52
N ALA E 190 -7.07 30.09 -31.16
CA ALA E 190 -8.35 30.19 -31.84
C ALA E 190 -8.47 29.19 -32.98
N ILE E 191 -7.36 28.88 -33.66
CA ILE E 191 -7.44 28.02 -34.83
C ILE E 191 -6.52 26.81 -34.74
N GLY E 192 -5.73 26.69 -33.68
CA GLY E 192 -4.91 25.52 -33.55
C GLY E 192 -3.91 25.38 -34.69
N GLU E 193 -3.25 26.48 -35.02
CA GLU E 193 -2.20 26.48 -36.04
C GLU E 193 -0.98 27.16 -35.47
N PHE E 194 0.20 26.62 -35.79
CA PHE E 194 1.46 27.24 -35.38
C PHE E 194 1.85 28.25 -36.46
N ILE E 195 1.78 29.54 -36.14
CA ILE E 195 2.02 30.61 -37.12
C ILE E 195 3.47 31.02 -37.06
N LEU E 196 4.13 31.02 -38.23
CA LEU E 196 5.52 31.38 -38.34
C LEU E 196 5.69 32.87 -38.05
N VAL E 197 6.43 33.19 -37.00
CA VAL E 197 6.64 34.58 -36.60
C VAL E 197 8.09 34.98 -36.59
N ASP E 198 9.01 34.04 -36.77
CA ASP E 198 10.44 34.34 -36.69
C ASP E 198 11.17 33.34 -37.59
N LYS E 199 11.53 33.80 -38.79
CA LYS E 199 12.15 32.99 -39.85
C LYS E 199 13.66 32.96 -39.65
N ASP E 200 14.23 31.77 -39.67
CA ASP E 200 15.68 31.58 -39.77
C ASP E 200 16.40 32.48 -38.75
N VAL E 201 16.02 32.30 -37.48
CA VAL E 201 16.52 33.17 -36.42
C VAL E 201 18.01 32.93 -36.23
N LYS E 202 18.72 33.97 -35.79
CA LYS E 202 20.15 33.88 -35.54
C LYS E 202 20.45 34.60 -34.24
N ILE E 203 21.14 33.92 -33.32
CA ILE E 203 21.40 34.50 -31.99
C ILE E 203 22.36 35.68 -32.13
N LYS E 204 22.21 36.63 -31.22
CA LYS E 204 23.12 37.75 -31.14
C LYS E 204 24.55 37.25 -30.95
N LYS E 205 25.50 38.01 -31.52
CA LYS E 205 26.91 37.66 -31.37
C LYS E 205 27.37 37.78 -29.92
N LYS E 206 26.89 38.80 -29.20
CA LYS E 206 27.30 38.99 -27.82
C LYS E 206 26.08 39.46 -27.04
N GLY E 207 25.93 38.97 -25.80
CA GLY E 207 24.78 39.28 -24.99
C GLY E 207 25.10 40.21 -23.82
N LYS E 208 24.02 40.58 -23.12
CA LYS E 208 24.11 41.43 -21.94
C LYS E 208 23.47 40.78 -20.72
N ILE E 209 23.27 39.46 -20.77
CA ILE E 209 22.61 38.72 -19.69
C ILE E 209 23.32 37.38 -19.52
N TYR E 210 23.61 37.03 -18.27
CA TYR E 210 24.16 35.72 -17.92
C TYR E 210 23.12 34.99 -17.07
N SER E 211 23.13 33.68 -17.16
CA SER E 211 22.03 32.86 -16.65
C SER E 211 22.58 31.58 -16.05
N LEU E 212 22.52 31.48 -14.71
CA LEU E 212 22.83 30.23 -14.04
C LEU E 212 22.37 30.34 -12.60
N ASN E 213 22.29 29.19 -11.93
CA ASN E 213 21.90 29.12 -10.53
C ASN E 213 23.12 29.45 -9.68
N GLU E 214 23.14 30.63 -9.07
CA GLU E 214 24.24 31.09 -8.24
C GLU E 214 24.14 30.61 -6.79
N GLY E 215 23.08 29.88 -6.44
CA GLY E 215 22.99 29.30 -5.11
C GLY E 215 24.05 28.25 -4.86
N TYR E 216 24.53 27.60 -5.92
CA TYR E 216 25.58 26.60 -5.82
C TYR E 216 26.99 27.22 -5.84
N ALA E 217 27.17 28.49 -5.47
CA ALA E 217 28.48 29.12 -5.59
C ALA E 217 29.55 28.49 -4.69
N LYS E 218 29.17 27.97 -3.52
CA LYS E 218 30.13 27.26 -2.69
C LYS E 218 30.82 26.13 -3.44
N ASP E 219 30.13 25.56 -4.43
CA ASP E 219 30.54 24.36 -5.14
C ASP E 219 31.08 24.63 -6.55
N PHE E 220 31.23 25.90 -6.94
CA PHE E 220 31.62 26.23 -8.31
C PHE E 220 33.08 25.89 -8.61
N ASP E 221 33.31 25.26 -9.77
CA ASP E 221 34.59 25.22 -10.44
C ASP E 221 35.18 26.63 -10.43
N PRO E 222 36.45 26.80 -10.06
CA PRO E 222 37.02 28.16 -9.97
C PRO E 222 36.98 28.96 -11.26
N ALA E 223 37.00 28.32 -12.42
CA ALA E 223 36.86 29.05 -13.68
C ALA E 223 35.50 29.73 -13.78
N VAL E 224 34.44 29.04 -13.32
CA VAL E 224 33.09 29.60 -13.33
C VAL E 224 33.00 30.81 -12.40
N THR E 225 33.56 30.69 -11.19
CA THR E 225 33.63 31.81 -10.27
C THR E 225 34.30 33.00 -10.94
N GLU E 226 35.36 32.73 -11.69
CA GLU E 226 36.09 33.79 -12.36
C GLU E 226 35.28 34.38 -13.51
N TYR E 227 34.62 33.55 -14.31
CA TYR E 227 33.83 34.11 -15.40
C TYR E 227 32.64 34.92 -14.87
N ILE E 228 31.96 34.41 -13.83
CA ILE E 228 30.82 35.16 -13.29
C ILE E 228 31.28 36.46 -12.69
N GLN E 229 32.41 36.44 -11.97
CA GLN E 229 32.98 37.66 -11.40
C GLN E 229 33.30 38.69 -12.49
N ARG E 230 33.73 38.24 -13.66
CA ARG E 230 33.99 39.18 -14.75
C ARG E 230 32.72 39.85 -15.22
N LYS E 231 31.56 39.21 -14.99
CA LYS E 231 30.31 39.78 -15.47
C LYS E 231 29.74 40.81 -14.51
N LYS E 232 30.00 40.67 -13.19
CA LYS E 232 29.52 41.64 -12.22
C LYS E 232 30.46 42.84 -12.11
N PHE E 233 31.77 42.60 -12.22
CA PHE E 233 32.81 43.63 -12.10
C PHE E 233 33.71 43.50 -13.32
N PRO E 234 33.34 44.12 -14.43
CA PRO E 234 34.12 43.96 -15.66
C PRO E 234 35.52 44.53 -15.51
N PRO E 235 36.54 43.78 -15.97
CA PRO E 235 37.89 44.36 -15.97
C PRO E 235 38.06 45.42 -17.04
N ASP E 236 37.36 45.27 -18.17
CA ASP E 236 37.43 46.25 -19.25
C ASP E 236 36.58 47.49 -18.97
N ASN E 237 35.98 47.59 -17.78
CA ASN E 237 35.15 48.73 -17.39
C ASN E 237 34.08 49.05 -18.44
N SER E 238 33.38 48.01 -18.87
CA SER E 238 32.16 48.17 -19.64
C SER E 238 30.98 47.92 -18.70
N ALA E 239 29.77 47.90 -19.26
CA ALA E 239 28.59 47.74 -18.42
C ALA E 239 28.52 46.31 -17.89
N PRO E 240 28.13 46.12 -16.63
CA PRO E 240 27.95 44.75 -16.11
C PRO E 240 26.75 44.08 -16.75
N TYR E 241 26.81 42.76 -16.81
CA TYR E 241 25.70 42.01 -17.35
C TYR E 241 24.60 41.91 -16.31
N GLY E 242 23.37 41.80 -16.78
CA GLY E 242 22.26 41.46 -15.92
C GLY E 242 22.10 39.95 -15.85
N ALA E 243 21.44 39.48 -14.79
CA ALA E 243 21.19 38.05 -14.63
C ALA E 243 19.69 37.77 -14.65
N ARG E 244 19.34 36.62 -15.23
CA ARG E 244 18.00 36.05 -15.21
C ARG E 244 18.18 34.55 -15.04
N TYR E 245 17.34 33.92 -14.23
CA TYR E 245 17.40 32.46 -14.16
C TYR E 245 16.01 31.99 -13.75
N VAL E 246 15.26 31.48 -14.72
CA VAL E 246 13.94 30.93 -14.46
C VAL E 246 14.03 29.54 -13.86
N GLY E 247 15.03 28.74 -14.22
CA GLY E 247 15.16 27.38 -13.75
C GLY E 247 14.39 26.33 -14.56
N SER E 248 13.61 26.75 -15.56
CA SER E 248 13.07 25.84 -16.57
C SER E 248 13.90 26.02 -17.83
N MET E 249 14.53 24.96 -18.28
CA MET E 249 15.52 25.09 -19.33
C MET E 249 14.91 25.59 -20.63
N VAL E 250 13.66 25.21 -20.91
CA VAL E 250 13.04 25.69 -22.13
C VAL E 250 12.95 27.20 -22.10
N ALA E 251 12.60 27.76 -20.95
CA ALA E 251 12.51 29.21 -20.83
C ALA E 251 13.88 29.87 -20.93
N ASP E 252 14.87 29.36 -20.20
CA ASP E 252 16.18 29.99 -20.18
C ASP E 252 16.85 29.91 -21.55
N VAL E 253 16.83 28.74 -22.18
CA VAL E 253 17.46 28.63 -23.49
C VAL E 253 16.77 29.57 -24.48
N HIS E 254 15.43 29.59 -24.47
CA HIS E 254 14.72 30.42 -25.44
C HIS E 254 15.03 31.89 -25.29
N ARG E 255 15.04 32.39 -24.04
CA ARG E 255 15.41 33.78 -23.84
C ARG E 255 16.82 34.04 -24.34
N THR E 256 17.76 33.12 -24.05
CA THR E 256 19.11 33.26 -24.57
C THR E 256 19.09 33.30 -26.10
N LEU E 257 18.29 32.44 -26.72
CA LEU E 257 18.11 32.49 -28.17
C LEU E 257 17.59 33.86 -28.61
N VAL E 258 16.58 34.36 -27.92
CA VAL E 258 15.88 35.55 -28.39
C VAL E 258 16.61 36.85 -28.01
N TYR E 259 17.27 36.89 -26.84
CA TYR E 259 17.92 38.10 -26.37
C TYR E 259 19.44 38.06 -26.42
N GLY E 260 20.04 36.90 -26.63
CA GLY E 260 21.48 36.78 -26.58
C GLY E 260 21.97 36.65 -25.15
N GLY E 261 23.22 36.20 -25.03
CA GLY E 261 23.78 35.97 -23.71
C GLY E 261 24.30 34.57 -23.57
N ILE E 262 24.36 34.06 -22.35
CA ILE E 262 24.93 32.74 -22.09
C ILE E 262 24.13 32.05 -21.00
N PHE E 263 23.95 30.74 -21.14
CA PHE E 263 23.28 29.90 -20.15
C PHE E 263 24.25 28.81 -19.68
N LEU E 264 24.31 28.59 -18.36
CA LEU E 264 25.24 27.66 -17.75
C LEU E 264 24.52 26.77 -16.75
N TYR E 265 24.67 25.45 -16.89
CA TYR E 265 24.40 24.50 -15.82
C TYR E 265 25.62 23.60 -15.78
N PRO E 266 26.71 24.07 -15.19
CA PRO E 266 28.02 23.45 -15.40
C PRO E 266 28.35 22.29 -14.46
N ALA E 267 29.45 21.62 -14.77
CA ALA E 267 29.96 20.55 -13.94
C ALA E 267 30.71 21.11 -12.74
N ASN E 268 30.24 20.75 -11.53
CA ASN E 268 31.03 20.88 -10.31
C ASN E 268 31.52 19.48 -9.94
N LYS E 269 32.32 19.38 -8.88
CA LYS E 269 32.76 18.03 -8.52
C LYS E 269 31.69 17.23 -7.80
N LYS E 270 30.68 17.89 -7.24
CA LYS E 270 29.60 17.16 -6.56
C LYS E 270 28.76 16.39 -7.57
N SER E 271 28.41 17.03 -8.70
CA SER E 271 27.78 16.39 -9.85
C SER E 271 28.80 16.48 -10.97
N PRO E 272 29.72 15.52 -11.08
CA PRO E 272 30.88 15.73 -11.96
C PRO E 272 30.54 15.70 -13.43
N ASN E 273 29.39 15.13 -13.81
CA ASN E 273 28.94 15.14 -15.20
C ASN E 273 27.73 16.06 -15.40
N GLY E 274 27.64 17.13 -14.64
CA GLY E 274 26.52 18.05 -14.77
C GLY E 274 25.23 17.44 -14.25
N LYS E 275 24.14 18.14 -14.50
CA LYS E 275 22.83 17.68 -14.05
C LYS E 275 21.84 17.44 -15.18
N LEU E 276 21.84 18.28 -16.21
CA LEU E 276 20.86 18.08 -17.28
C LEU E 276 21.23 16.85 -18.09
N ARG E 277 20.21 16.21 -18.66
CA ARG E 277 20.40 14.98 -19.43
C ARG E 277 20.84 15.30 -20.85
N LEU E 278 21.78 14.49 -21.34
CA LEU E 278 22.40 14.74 -22.64
C LEU E 278 21.44 14.49 -23.80
N LEU E 279 20.73 13.36 -23.76
CA LEU E 279 20.02 12.92 -24.95
C LEU E 279 18.84 13.83 -25.28
N TYR E 280 18.10 14.28 -24.26
CA TYR E 280 16.83 14.98 -24.45
C TYR E 280 16.74 16.34 -23.77
N GLU E 281 17.85 16.88 -23.27
CA GLU E 281 17.84 18.27 -22.85
C GLU E 281 18.97 19.00 -23.53
N CYS E 282 20.19 18.52 -23.30
CA CYS E 282 21.38 19.19 -23.83
C CYS E 282 21.46 19.09 -25.35
N ASN E 283 21.31 17.88 -25.92
CA ASN E 283 21.49 17.74 -27.36
C ASN E 283 20.53 18.62 -28.15
N PRO E 284 19.20 18.53 -27.97
CA PRO E 284 18.32 19.38 -28.79
C PRO E 284 18.56 20.86 -28.57
N MET E 285 18.90 21.26 -27.34
CA MET E 285 19.22 22.65 -27.08
C MET E 285 20.51 23.07 -27.73
N ALA E 286 21.53 22.21 -27.66
CA ALA E 286 22.79 22.49 -28.34
C ALA E 286 22.59 22.59 -29.85
N TYR E 287 21.76 21.70 -30.40
CA TYR E 287 21.48 21.72 -31.83
C TYR E 287 20.82 23.02 -32.25
N VAL E 288 19.79 23.43 -31.52
CA VAL E 288 19.07 24.67 -31.86
C VAL E 288 20.01 25.87 -31.78
N MET E 289 20.80 25.96 -30.71
CA MET E 289 21.78 27.04 -30.59
C MET E 289 22.69 27.12 -31.81
N GLU E 290 23.36 26.00 -32.16
CA GLU E 290 24.32 26.01 -33.25
C GLU E 290 23.66 26.34 -34.58
N LYS E 291 22.50 25.73 -34.86
CA LYS E 291 21.81 26.05 -36.11
C LYS E 291 21.29 27.48 -36.14
N ALA E 292 21.31 28.18 -35.01
CA ALA E 292 20.96 29.60 -34.95
C ALA E 292 22.20 30.48 -34.87
N GLY E 293 23.38 29.91 -35.14
CA GLY E 293 24.62 30.66 -35.12
C GLY E 293 25.33 30.78 -33.79
N GLY E 294 24.95 29.99 -32.78
CA GLY E 294 25.59 30.04 -31.48
C GLY E 294 26.51 28.86 -31.25
N MET E 295 26.95 28.74 -29.98
CA MET E 295 27.84 27.67 -29.56
C MET E 295 27.31 27.04 -28.28
N ALA E 296 27.72 25.79 -28.05
CA ALA E 296 27.27 25.03 -26.88
C ALA E 296 28.32 23.98 -26.55
N THR E 297 28.94 24.12 -25.39
CA THR E 297 30.06 23.30 -24.99
C THR E 297 29.81 22.76 -23.59
N THR E 298 30.50 21.67 -23.27
CA THR E 298 30.60 21.19 -21.91
C THR E 298 31.80 21.78 -21.17
N GLY E 299 32.65 22.53 -21.87
CA GLY E 299 33.95 22.89 -21.33
C GLY E 299 35.08 22.13 -21.97
N LYS E 300 34.91 20.82 -22.15
CA LYS E 300 35.94 20.00 -22.80
C LYS E 300 35.75 19.86 -24.31
N GLU E 301 34.52 19.97 -24.80
CA GLU E 301 34.19 19.73 -26.20
C GLU E 301 32.82 20.32 -26.50
N ALA E 302 32.41 20.23 -27.77
CA ALA E 302 31.04 20.58 -28.14
C ALA E 302 30.06 19.52 -27.63
N VAL E 303 28.89 19.96 -27.16
CA VAL E 303 27.91 19.03 -26.61
C VAL E 303 27.52 17.99 -27.63
N LEU E 304 27.32 18.42 -28.88
CA LEU E 304 26.87 17.52 -29.92
C LEU E 304 27.93 16.49 -30.31
N ASP E 305 29.19 16.68 -29.89
CA ASP E 305 30.26 15.72 -30.16
C ASP E 305 30.39 14.67 -29.06
N VAL E 306 29.68 14.84 -27.94
CA VAL E 306 29.68 13.82 -26.89
C VAL E 306 28.96 12.59 -27.40
N ILE E 307 29.61 11.44 -27.26
CA ILE E 307 29.05 10.16 -27.69
C ILE E 307 28.45 9.48 -26.46
N PRO E 308 27.14 9.30 -26.40
CA PRO E 308 26.53 8.79 -25.18
C PRO E 308 26.77 7.30 -25.01
N THR E 309 26.90 6.91 -23.74
CA THR E 309 26.96 5.51 -23.34
C THR E 309 25.75 5.07 -22.51
N ASP E 310 24.93 6.02 -22.03
CA ASP E 310 23.71 5.76 -21.25
C ASP E 310 22.60 6.70 -21.70
N ILE E 311 21.37 6.20 -21.85
CA ILE E 311 20.34 7.08 -22.40
C ILE E 311 19.96 8.17 -21.43
N HIS E 312 20.18 7.95 -20.13
CA HIS E 312 19.90 8.96 -19.13
C HIS E 312 21.17 9.63 -18.60
N GLN E 313 22.28 9.51 -19.32
CA GLN E 313 23.52 10.07 -18.81
C GLN E 313 23.45 11.59 -18.80
N ARG E 314 24.25 12.20 -17.94
CA ARG E 314 24.22 13.64 -17.77
C ARG E 314 25.39 14.30 -18.47
N ALA E 315 25.28 15.62 -18.64
CA ALA E 315 26.29 16.43 -19.29
C ALA E 315 26.19 17.86 -18.78
N PRO E 316 27.32 18.50 -18.48
CA PRO E 316 27.31 19.95 -18.26
C PRO E 316 27.10 20.64 -19.59
N VAL E 317 26.62 21.88 -19.54
CA VAL E 317 26.35 22.60 -20.78
C VAL E 317 26.53 24.10 -20.55
N ILE E 318 27.24 24.75 -21.45
CA ILE E 318 27.36 26.21 -21.50
C ILE E 318 27.07 26.63 -22.93
N LEU E 319 25.99 27.39 -23.13
CA LEU E 319 25.53 27.67 -24.49
C LEU E 319 25.10 29.13 -24.61
N GLY E 320 24.93 29.55 -25.86
CA GLY E 320 24.41 30.88 -26.14
C GLY E 320 25.17 31.67 -27.18
N SER E 321 25.23 32.98 -26.97
CA SER E 321 25.87 33.84 -27.95
C SER E 321 27.33 33.44 -28.13
N PRO E 322 27.82 33.40 -29.37
CA PRO E 322 29.15 32.81 -29.60
C PRO E 322 30.30 33.51 -28.87
N ASP E 323 30.32 34.84 -28.83
CA ASP E 323 31.39 35.54 -28.13
C ASP E 323 31.44 35.18 -26.66
N ASP E 324 30.28 34.96 -26.04
CA ASP E 324 30.26 34.70 -24.61
C ASP E 324 30.72 33.31 -24.28
N VAL E 325 30.28 32.30 -25.03
CA VAL E 325 30.81 30.96 -24.83
C VAL E 325 32.31 30.96 -25.06
N LEU E 326 32.77 31.78 -26.01
CA LEU E 326 34.21 31.93 -26.22
C LEU E 326 34.89 32.55 -25.00
N GLU E 327 34.32 33.65 -24.50
CA GLU E 327 34.92 34.30 -23.33
C GLU E 327 34.98 33.36 -22.15
N PHE E 328 34.00 32.48 -22.03
CA PHE E 328 34.06 31.43 -21.01
C PHE E 328 35.17 30.43 -21.32
N LEU E 329 35.24 29.95 -22.55
CA LEU E 329 36.25 28.95 -22.89
C LEU E 329 37.67 29.46 -22.69
N LYS E 330 37.93 30.75 -22.95
CA LYS E 330 39.26 31.29 -22.66
C LYS E 330 39.56 31.20 -21.16
N VAL E 331 38.54 31.40 -20.33
CA VAL E 331 38.71 31.31 -18.89
C VAL E 331 38.86 29.85 -18.44
N TYR E 332 38.25 28.91 -19.16
CA TYR E 332 38.44 27.49 -18.86
C TYR E 332 39.88 27.03 -19.15
N GLU E 333 40.50 27.52 -20.25
CA GLU E 333 41.88 27.13 -20.51
C GLU E 333 42.80 27.54 -19.36
N LYS E 334 42.62 28.75 -18.84
CA LYS E 334 43.46 29.24 -17.76
C LYS E 334 43.47 28.29 -16.56
N HIS E 335 42.36 27.60 -16.30
CA HIS E 335 42.26 26.73 -15.13
C HIS E 335 42.50 25.27 -15.49
N SER E 336 43.71 25.01 -16.00
CA SER E 336 44.17 23.68 -16.39
C SER E 336 43.32 23.04 -17.49
N ASP F 10 -16.83 21.58 -3.18
CA ASP F 10 -17.70 21.99 -4.28
C ASP F 10 -16.96 22.99 -5.18
N VAL F 11 -17.55 23.26 -6.36
CA VAL F 11 -16.95 24.16 -7.33
C VAL F 11 -17.32 25.61 -6.99
N ASN F 12 -16.29 26.45 -6.76
CA ASN F 12 -16.50 27.85 -6.44
C ASN F 12 -15.70 28.74 -7.37
N THR F 13 -16.33 29.78 -7.89
CA THR F 13 -15.67 30.73 -8.78
C THR F 13 -15.51 32.09 -8.10
N LEU F 14 -14.63 32.91 -8.67
CA LEU F 14 -14.44 34.24 -8.13
C LEU F 14 -15.75 35.02 -8.03
N THR F 15 -16.59 34.97 -9.06
CA THR F 15 -17.82 35.75 -9.06
C THR F 15 -18.80 35.25 -8.00
N ARG F 16 -18.90 33.93 -7.86
CA ARG F 16 -19.75 33.37 -6.81
C ARG F 16 -19.16 33.74 -5.44
N PHE F 17 -17.84 33.58 -5.30
CA PHE F 17 -17.15 33.91 -4.05
C PHE F 17 -17.35 35.37 -3.71
N VAL F 18 -17.13 36.24 -4.69
CA VAL F 18 -17.23 37.66 -4.40
C VAL F 18 -18.67 38.01 -4.04
N MET F 19 -19.63 37.32 -4.63
CA MET F 19 -21.02 37.55 -4.25
C MET F 19 -21.35 37.04 -2.86
N GLU F 20 -20.87 35.84 -2.48
CA GLU F 20 -21.20 35.35 -1.14
C GLU F 20 -20.67 36.30 -0.08
N GLU F 21 -19.40 36.67 -0.18
CA GLU F 21 -18.82 37.57 0.81
C GLU F 21 -19.45 38.95 0.76
N GLY F 22 -19.90 39.39 -0.41
CA GLY F 22 -20.55 40.69 -0.52
C GLY F 22 -21.95 40.73 0.08
N ARG F 23 -22.72 39.65 -0.09
CA ARG F 23 -24.04 39.61 0.55
C ARG F 23 -23.92 39.54 2.07
N LYS F 24 -22.94 38.78 2.57
CA LYS F 24 -22.75 38.67 4.01
C LYS F 24 -22.64 40.04 4.67
N ALA F 25 -21.86 40.94 4.07
CA ALA F 25 -21.62 42.24 4.68
C ALA F 25 -22.61 43.30 4.25
N ARG F 26 -23.56 42.96 3.38
CA ARG F 26 -24.64 43.86 2.95
C ARG F 26 -24.12 45.26 2.58
N GLY F 27 -22.95 45.30 1.95
CA GLY F 27 -22.42 46.53 1.41
C GLY F 27 -23.17 46.88 0.12
N THR F 28 -22.84 48.03 -0.46
CA THR F 28 -23.63 48.53 -1.56
C THR F 28 -23.48 47.69 -2.83
N GLY F 29 -22.40 46.91 -2.96
CA GLY F 29 -22.15 46.13 -4.15
C GLY F 29 -21.09 46.71 -5.05
N GLU F 30 -20.62 47.91 -4.72
CA GLU F 30 -19.71 48.63 -5.60
C GLU F 30 -18.38 47.91 -5.72
N LEU F 31 -17.91 47.29 -4.63
CA LEU F 31 -16.65 46.56 -4.71
C LEU F 31 -16.79 45.32 -5.58
N THR F 32 -17.89 44.58 -5.41
CA THR F 32 -18.17 43.44 -6.28
C THR F 32 -18.24 43.86 -7.74
N GLN F 33 -18.91 44.97 -8.02
CA GLN F 33 -18.92 45.50 -9.37
C GLN F 33 -17.51 45.84 -9.84
N LEU F 34 -16.72 46.51 -8.97
CA LEU F 34 -15.34 46.80 -9.30
C LEU F 34 -14.54 45.53 -9.60
N LEU F 35 -14.64 44.52 -8.74
CA LEU F 35 -13.81 43.34 -8.92
C LEU F 35 -14.19 42.61 -10.20
N ASN F 36 -15.49 42.54 -10.51
CA ASN F 36 -15.92 41.84 -11.73
C ASN F 36 -15.41 42.54 -12.98
N SER F 37 -15.47 43.87 -13.03
CA SER F 37 -14.94 44.56 -14.19
C SER F 37 -13.45 44.29 -14.34
N LEU F 38 -12.74 44.25 -13.22
CA LEU F 38 -11.31 43.97 -13.28
C LEU F 38 -11.04 42.57 -13.81
N CYS F 39 -11.75 41.58 -13.28
CA CYS F 39 -11.52 40.22 -13.71
C CYS F 39 -11.85 40.05 -15.18
N THR F 40 -12.92 40.69 -15.64
CA THR F 40 -13.28 40.60 -17.05
C THR F 40 -12.21 41.24 -17.92
N ALA F 41 -11.64 42.37 -17.49
CA ALA F 41 -10.50 42.92 -18.21
C ALA F 41 -9.34 41.92 -18.23
N VAL F 42 -9.07 41.25 -17.11
CA VAL F 42 -7.95 40.32 -17.05
C VAL F 42 -8.11 39.19 -18.05
N LYS F 43 -9.33 38.64 -18.19
CA LYS F 43 -9.56 37.56 -19.14
C LYS F 43 -9.23 37.99 -20.57
N ALA F 44 -9.63 39.21 -20.93
CA ALA F 44 -9.34 39.75 -22.25
C ALA F 44 -7.84 39.96 -22.43
N ILE F 45 -7.18 40.56 -21.45
CA ILE F 45 -5.74 40.74 -21.53
C ILE F 45 -5.07 39.39 -21.66
N SER F 46 -5.50 38.43 -20.84
CA SER F 46 -4.97 37.08 -20.95
C SER F 46 -5.11 36.55 -22.38
N SER F 47 -6.29 36.74 -22.96
CA SER F 47 -6.57 36.25 -24.30
C SER F 47 -5.64 36.88 -25.32
N ALA F 48 -5.45 38.19 -25.24
CA ALA F 48 -4.52 38.87 -26.15
C ALA F 48 -3.09 38.42 -25.91
N VAL F 49 -2.72 38.15 -24.66
CA VAL F 49 -1.32 37.84 -24.37
C VAL F 49 -0.91 36.50 -24.98
N ARG F 50 -1.85 35.56 -25.14
CA ARG F 50 -1.56 34.29 -25.79
C ARG F 50 -1.43 34.40 -27.30
N LYS F 51 -1.77 35.55 -27.89
CA LYS F 51 -1.62 35.79 -29.31
C LYS F 51 -0.78 37.02 -29.60
N ALA F 52 -0.05 37.51 -28.60
CA ALA F 52 0.88 38.61 -28.80
C ALA F 52 2.10 38.07 -29.52
N GLY F 53 2.40 38.65 -30.67
CA GLY F 53 3.46 38.14 -31.51
C GLY F 53 2.87 38.10 -32.89
N ILE F 54 1.64 37.60 -32.95
CA ILE F 54 0.83 37.65 -34.15
C ILE F 54 0.25 39.05 -34.24
N ALA F 55 1.06 40.02 -34.68
CA ALA F 55 0.61 41.40 -34.87
C ALA F 55 1.51 42.14 -35.86
N LYS F 73 1.45 49.65 -29.00
CA LYS F 73 1.98 48.43 -28.44
C LYS F 73 0.91 47.79 -27.53
N LEU F 74 1.27 46.74 -26.78
CA LEU F 74 0.31 45.93 -26.05
C LEU F 74 -0.01 46.43 -24.65
N ASP F 75 0.98 46.96 -23.92
CA ASP F 75 0.66 47.51 -22.61
C ASP F 75 -0.27 48.71 -22.71
N VAL F 76 -0.43 49.27 -23.90
CA VAL F 76 -1.39 50.33 -24.09
C VAL F 76 -2.80 49.75 -24.29
N LEU F 77 -2.93 48.63 -25.02
CA LEU F 77 -4.22 47.94 -25.08
C LEU F 77 -4.72 47.67 -23.68
N SER F 78 -3.85 47.12 -22.84
CA SER F 78 -4.21 46.74 -21.48
C SER F 78 -4.61 47.95 -20.64
N ASN F 79 -3.89 49.06 -20.77
CA ASN F 79 -4.24 50.23 -19.98
C ASN F 79 -5.64 50.71 -20.34
N ASP F 80 -5.91 50.81 -21.65
CA ASP F 80 -7.23 51.26 -22.09
C ASP F 80 -8.32 50.27 -21.68
N LEU F 81 -8.02 48.96 -21.70
CA LEU F 81 -8.98 47.95 -21.26
C LEU F 81 -9.36 48.15 -19.81
N VAL F 82 -8.36 48.20 -18.94
CA VAL F 82 -8.63 48.37 -17.51
C VAL F 82 -9.28 49.73 -17.27
N MET F 83 -8.77 50.76 -17.93
CA MET F 83 -9.28 52.11 -17.70
C MET F 83 -10.79 52.20 -17.91
N ASN F 84 -11.27 51.72 -19.05
CA ASN F 84 -12.67 51.93 -19.36
C ASN F 84 -13.56 50.91 -18.68
N MET F 85 -13.04 49.70 -18.40
CA MET F 85 -13.80 48.74 -17.59
C MET F 85 -14.01 49.25 -16.15
N LEU F 86 -12.99 49.90 -15.57
CA LEU F 86 -13.13 50.46 -14.24
C LEU F 86 -14.03 51.69 -14.25
N LYS F 87 -13.79 52.60 -15.20
CA LYS F 87 -14.60 53.82 -15.35
C LYS F 87 -16.09 53.50 -15.41
N SER F 88 -16.48 52.54 -16.25
CA SER F 88 -17.88 52.23 -16.49
C SER F 88 -18.43 51.20 -15.51
N SER F 89 -17.65 50.87 -14.47
CA SER F 89 -18.12 50.02 -13.39
C SER F 89 -18.97 50.75 -12.36
N PHE F 90 -18.95 52.08 -12.34
CA PHE F 90 -19.64 52.88 -11.35
C PHE F 90 -19.07 52.65 -9.96
N ALA F 91 -17.82 52.20 -9.88
CA ALA F 91 -17.19 51.89 -8.61
C ALA F 91 -15.92 52.68 -8.33
N THR F 92 -15.53 53.63 -9.17
CA THR F 92 -14.24 54.30 -9.02
C THR F 92 -14.40 55.81 -9.02
N CYS F 93 -13.48 56.49 -8.33
CA CYS F 93 -13.33 57.93 -8.47
C CYS F 93 -11.91 58.34 -8.85
N VAL F 94 -10.89 57.61 -8.45
CA VAL F 94 -9.50 57.92 -8.79
C VAL F 94 -8.82 56.66 -9.30
N LEU F 95 -8.21 56.73 -10.49
CA LEU F 95 -7.46 55.62 -11.07
C LEU F 95 -6.04 56.07 -11.37
N VAL F 96 -5.07 55.39 -10.79
CA VAL F 96 -3.64 55.65 -11.01
C VAL F 96 -3.06 54.47 -11.75
N SER F 97 -2.41 54.73 -12.87
CA SER F 97 -1.83 53.69 -13.68
C SER F 97 -0.35 53.95 -13.86
N GLU F 98 0.41 52.87 -14.01
CA GLU F 98 1.81 53.02 -14.36
C GLU F 98 1.95 53.76 -15.69
N GLU F 99 0.93 53.68 -16.55
CA GLU F 99 0.98 54.16 -17.93
C GLU F 99 0.57 55.62 -18.12
N ASP F 100 0.11 56.32 -17.08
CA ASP F 100 -0.35 57.71 -17.20
C ASP F 100 0.41 58.65 -16.27
N LYS F 101 0.69 59.87 -16.78
CA LYS F 101 1.51 60.83 -16.05
C LYS F 101 0.79 61.33 -14.80
N HIS F 102 -0.48 61.70 -14.93
CA HIS F 102 -1.28 62.17 -13.82
C HIS F 102 -2.30 61.11 -13.46
N ALA F 103 -2.86 61.24 -12.26
CA ALA F 103 -4.02 60.44 -11.89
C ALA F 103 -5.18 60.76 -12.83
N ILE F 104 -6.04 59.77 -13.04
CA ILE F 104 -7.23 59.95 -13.86
C ILE F 104 -8.41 60.10 -12.93
N ILE F 105 -9.17 61.19 -13.11
CA ILE F 105 -10.34 61.48 -12.29
C ILE F 105 -11.57 61.07 -13.06
N VAL F 106 -12.36 60.17 -12.48
CA VAL F 106 -13.56 59.66 -13.13
C VAL F 106 -14.58 60.78 -13.28
N GLU F 107 -15.28 60.80 -14.40
CA GLU F 107 -16.38 61.74 -14.62
C GLU F 107 -17.50 61.45 -13.62
N PRO F 108 -18.30 62.48 -13.28
CA PRO F 108 -19.30 62.31 -12.20
C PRO F 108 -20.40 61.30 -12.52
N GLU F 109 -20.84 61.18 -13.77
CA GLU F 109 -21.96 60.31 -14.09
C GLU F 109 -21.67 58.85 -13.76
N LYS F 110 -20.42 58.43 -13.89
CA LYS F 110 -20.02 57.04 -13.68
C LYS F 110 -19.22 56.84 -12.40
N ARG F 111 -19.30 57.80 -11.47
CA ARG F 111 -18.40 57.86 -10.31
C ARG F 111 -18.80 56.86 -9.21
N GLY F 112 -17.79 56.40 -8.47
CA GLY F 112 -17.96 55.44 -7.38
C GLY F 112 -17.05 55.75 -6.22
N LYS F 113 -17.01 54.91 -5.18
CA LYS F 113 -16.40 55.29 -3.91
C LYS F 113 -14.99 54.73 -3.68
N TYR F 114 -14.39 54.06 -4.68
CA TYR F 114 -13.12 53.36 -4.51
C TYR F 114 -12.04 53.97 -5.40
N VAL F 115 -10.79 53.88 -4.93
CA VAL F 115 -9.58 54.28 -5.66
C VAL F 115 -8.78 53.04 -6.06
N VAL F 116 -8.31 53.02 -7.32
CA VAL F 116 -7.60 51.89 -7.92
C VAL F 116 -6.25 52.36 -8.46
N CYS F 117 -5.18 51.69 -8.05
CA CYS F 117 -3.86 51.82 -8.63
C CYS F 117 -3.53 50.53 -9.36
N PHE F 118 -2.95 50.62 -10.57
CA PHE F 118 -2.68 49.37 -11.28
C PHE F 118 -1.54 49.50 -12.28
N ASP F 119 -0.79 48.41 -12.44
CA ASP F 119 0.10 48.20 -13.57
C ASP F 119 -0.60 47.25 -14.53
N PRO F 120 -1.05 47.71 -15.69
CA PRO F 120 -1.85 46.82 -16.56
C PRO F 120 -1.06 45.71 -17.20
N LEU F 121 0.23 45.89 -17.47
CA LEU F 121 1.02 44.78 -18.08
C LEU F 121 2.45 44.90 -17.56
N ASP F 122 2.66 44.44 -16.33
CA ASP F 122 3.99 44.45 -15.74
C ASP F 122 4.85 43.42 -16.46
N GLY F 123 6.06 43.83 -16.82
CA GLY F 123 6.94 42.95 -17.55
C GLY F 123 6.77 42.95 -19.06
N SER F 124 6.09 43.95 -19.61
CA SER F 124 5.87 43.99 -21.04
C SER F 124 7.14 44.23 -21.85
N SER F 125 8.19 44.77 -21.23
CA SER F 125 9.44 44.95 -21.97
C SER F 125 10.19 43.65 -22.17
N ASN F 126 9.90 42.62 -21.36
CA ASN F 126 10.54 41.33 -21.57
C ASN F 126 9.48 40.30 -21.95
N ILE F 127 8.59 40.67 -22.88
CA ILE F 127 7.51 39.77 -23.33
C ILE F 127 7.87 39.02 -24.61
N ASP F 128 8.89 39.47 -25.35
CA ASP F 128 9.35 38.76 -26.55
C ASP F 128 9.87 37.37 -26.20
N CYS F 129 10.49 37.21 -25.04
CA CYS F 129 10.97 35.89 -24.60
C CYS F 129 9.85 35.03 -24.00
N LEU F 130 8.60 35.47 -24.09
CA LEU F 130 7.41 34.76 -23.61
C LEU F 130 7.47 34.44 -22.12
N VAL F 131 8.35 35.12 -21.39
CA VAL F 131 8.31 34.96 -19.97
C VAL F 131 7.09 35.69 -19.41
N SER F 132 6.75 35.36 -18.17
CA SER F 132 5.48 35.81 -17.57
C SER F 132 5.32 37.31 -17.65
N VAL F 133 4.08 37.76 -17.88
CA VAL F 133 3.67 39.14 -17.63
C VAL F 133 2.49 39.12 -16.66
N GLY F 134 2.14 40.29 -16.15
CA GLY F 134 1.10 40.27 -15.14
C GLY F 134 0.38 41.59 -15.02
N THR F 135 -0.74 41.53 -14.32
CA THR F 135 -1.54 42.70 -13.97
C THR F 135 -1.51 42.79 -12.45
N ILE F 136 -1.19 43.97 -11.91
CA ILE F 136 -1.19 44.21 -10.47
C ILE F 136 -2.18 45.32 -10.13
N PHE F 137 -2.91 45.17 -9.01
CA PHE F 137 -3.90 46.16 -8.59
C PHE F 137 -3.93 46.34 -7.07
N GLY F 138 -4.17 47.57 -6.64
CA GLY F 138 -4.50 47.85 -5.25
C GLY F 138 -5.69 48.78 -5.16
N ILE F 139 -6.59 48.48 -4.23
CA ILE F 139 -7.87 49.18 -4.10
C ILE F 139 -7.97 49.85 -2.72
N TYR F 140 -8.28 51.15 -2.71
CA TYR F 140 -8.47 51.93 -1.49
C TYR F 140 -9.88 52.51 -1.42
N ARG F 141 -10.32 52.80 -0.20
CA ARG F 141 -11.56 53.54 -0.02
C ARG F 141 -11.24 55.02 0.05
N LYS F 142 -12.10 55.83 -0.56
CA LYS F 142 -11.89 57.27 -0.55
C LYS F 142 -11.99 57.81 0.87
N LYS F 143 -10.95 58.52 1.29
CA LYS F 143 -10.84 58.95 2.68
C LYS F 143 -11.49 60.30 2.91
N SER F 144 -11.34 61.23 1.97
CA SER F 144 -11.92 62.55 2.10
C SER F 144 -13.35 62.59 1.56
N THR F 145 -14.07 63.65 1.94
CA THR F 145 -15.40 63.94 1.41
C THR F 145 -15.38 65.08 0.42
N ASP F 146 -14.17 65.55 0.06
CA ASP F 146 -13.93 66.61 -0.91
C ASP F 146 -14.31 66.15 -2.31
N GLU F 147 -13.96 66.98 -3.29
CA GLU F 147 -13.97 66.54 -4.68
C GLU F 147 -12.86 65.51 -4.90
N PRO F 148 -13.13 64.44 -5.65
CA PRO F 148 -12.10 63.41 -5.88
C PRO F 148 -10.86 63.98 -6.56
N SER F 149 -9.69 63.55 -6.09
CA SER F 149 -8.43 64.12 -6.56
C SER F 149 -7.29 63.10 -6.44
N GLU F 150 -6.14 63.50 -6.99
CA GLU F 150 -4.89 62.75 -6.85
C GLU F 150 -4.54 62.46 -5.40
N LYS F 151 -4.92 63.36 -4.50
CA LYS F 151 -4.57 63.20 -3.10
C LYS F 151 -5.12 61.92 -2.52
N ASP F 152 -6.29 61.49 -3.01
CA ASP F 152 -6.97 60.34 -2.45
C ASP F 152 -6.22 59.06 -2.74
N ALA F 153 -5.39 59.05 -3.77
CA ALA F 153 -4.59 57.88 -4.11
C ALA F 153 -3.31 57.83 -3.32
N LEU F 154 -3.00 58.88 -2.56
CA LEU F 154 -1.78 58.94 -1.77
C LEU F 154 -1.95 58.36 -0.38
N GLN F 155 -2.83 57.37 -0.23
CA GLN F 155 -2.94 56.68 1.04
C GLN F 155 -1.80 55.68 1.18
N PRO F 156 -1.44 55.33 2.41
CA PRO F 156 -0.40 54.32 2.62
C PRO F 156 -0.92 52.93 2.33
N GLY F 157 0.02 51.99 2.17
CA GLY F 157 -0.37 50.63 1.86
C GLY F 157 -1.31 50.01 2.87
N ARG F 158 -1.18 50.40 4.16
CA ARG F 158 -2.03 49.86 5.23
C ARG F 158 -3.52 50.03 4.94
N ASN F 159 -3.91 51.16 4.36
CA ASN F 159 -5.32 51.48 4.15
C ASN F 159 -5.93 50.73 2.98
N LEU F 160 -5.25 49.73 2.42
CA LEU F 160 -5.76 48.98 1.27
C LEU F 160 -7.00 48.17 1.62
N VAL F 161 -8.02 48.27 0.76
CA VAL F 161 -9.22 47.46 0.91
C VAL F 161 -9.04 46.09 0.30
N ALA F 162 -8.39 46.02 -0.86
CA ALA F 162 -8.11 44.77 -1.58
C ALA F 162 -6.91 44.99 -2.50
N ALA F 163 -6.16 43.92 -2.75
CA ALA F 163 -5.04 43.95 -3.70
C ALA F 163 -4.80 42.53 -4.19
N GLY F 164 -4.04 42.44 -5.28
CA GLY F 164 -3.66 41.15 -5.81
C GLY F 164 -3.12 41.30 -7.22
N TYR F 165 -3.08 40.18 -7.95
CA TYR F 165 -2.44 40.25 -9.26
C TYR F 165 -3.01 39.15 -10.15
N ALA F 166 -2.90 39.39 -11.45
CA ALA F 166 -3.15 38.37 -12.45
C ALA F 166 -1.82 37.93 -13.00
N LEU F 167 -1.60 36.62 -13.07
CA LEU F 167 -0.37 36.08 -13.62
C LEU F 167 -0.69 35.38 -14.95
N TYR F 168 -0.21 35.97 -16.05
CA TYR F 168 -0.38 35.40 -17.38
C TYR F 168 0.84 34.53 -17.65
N GLY F 169 0.77 33.30 -17.14
CA GLY F 169 1.85 32.35 -17.27
C GLY F 169 1.43 31.10 -18.01
N SER F 170 1.99 29.96 -17.61
CA SER F 170 1.57 28.68 -18.19
C SER F 170 0.07 28.49 -18.06
N ALA F 171 -0.51 28.96 -16.96
CA ALA F 171 -1.94 29.21 -16.86
C ALA F 171 -2.12 30.62 -16.32
N THR F 172 -3.32 31.15 -16.46
CA THR F 172 -3.60 32.48 -15.96
C THR F 172 -4.13 32.36 -14.55
N MET F 173 -3.45 32.99 -13.60
CA MET F 173 -3.86 32.94 -12.22
C MET F 173 -4.11 34.33 -11.68
N LEU F 174 -5.24 34.45 -10.99
CA LEU F 174 -5.60 35.65 -10.27
C LEU F 174 -5.44 35.36 -8.78
N VAL F 175 -4.62 36.17 -8.11
CA VAL F 175 -4.44 36.06 -6.68
C VAL F 175 -5.11 37.29 -6.08
N LEU F 176 -6.09 37.08 -5.22
CA LEU F 176 -6.89 38.15 -4.64
C LEU F 176 -6.70 38.17 -3.14
N ALA F 177 -6.14 39.25 -2.63
CA ALA F 177 -5.92 39.42 -1.20
C ALA F 177 -6.86 40.47 -0.63
N MET F 178 -7.54 40.12 0.45
CA MET F 178 -8.43 41.04 1.14
C MET F 178 -8.18 40.88 2.62
N ASP F 179 -9.06 41.49 3.43
CA ASP F 179 -8.88 41.42 4.89
C ASP F 179 -8.97 39.98 5.40
N CYS F 180 -9.86 39.17 4.82
CA CYS F 180 -10.02 37.80 5.30
C CYS F 180 -8.80 36.92 5.01
N GLY F 181 -8.03 37.22 3.97
CA GLY F 181 -6.86 36.43 3.63
C GLY F 181 -6.60 36.46 2.14
N VAL F 182 -5.82 35.48 1.67
CA VAL F 182 -5.36 35.43 0.27
C VAL F 182 -6.01 34.25 -0.43
N ASN F 183 -6.56 34.49 -1.63
CA ASN F 183 -7.15 33.42 -2.42
C ASN F 183 -6.61 33.40 -3.85
N CYS F 184 -6.40 32.19 -4.37
CA CYS F 184 -5.86 31.98 -5.71
C CYS F 184 -6.90 31.37 -6.64
N PHE F 185 -7.12 32.02 -7.76
CA PHE F 185 -8.05 31.53 -8.76
C PHE F 185 -7.33 31.25 -10.07
N MET F 186 -7.73 30.17 -10.71
CA MET F 186 -7.25 29.78 -12.02
C MET F 186 -8.33 30.00 -13.08
N LEU F 187 -7.95 30.69 -14.17
CA LEU F 187 -8.83 30.89 -15.31
C LEU F 187 -9.06 29.59 -16.04
N ASP F 188 -10.31 29.18 -16.21
CA ASP F 188 -10.60 28.03 -17.08
C ASP F 188 -10.90 28.57 -18.45
N PRO F 189 -10.07 28.31 -19.45
CA PRO F 189 -10.29 28.91 -20.77
C PRO F 189 -11.51 28.35 -21.49
N ALA F 190 -11.93 27.12 -21.18
CA ALA F 190 -13.13 26.59 -21.80
C ALA F 190 -14.38 27.38 -21.43
N ILE F 191 -14.45 27.98 -20.24
CA ILE F 191 -15.66 28.67 -19.80
C ILE F 191 -15.42 30.09 -19.34
N GLY F 192 -14.18 30.56 -19.35
CA GLY F 192 -13.90 31.93 -18.98
C GLY F 192 -14.33 32.27 -17.57
N GLU F 193 -14.05 31.39 -16.62
CA GLU F 193 -14.36 31.61 -15.22
C GLU F 193 -13.12 31.34 -14.36
N PHE F 194 -12.93 32.14 -13.32
CA PHE F 194 -11.81 31.94 -12.40
C PHE F 194 -12.22 30.97 -11.30
N ILE F 195 -11.63 29.78 -11.33
CA ILE F 195 -11.96 28.70 -10.41
C ILE F 195 -11.07 28.84 -9.19
N LEU F 196 -11.67 28.76 -8.01
CA LEU F 196 -10.92 28.81 -6.76
C LEU F 196 -10.11 27.53 -6.57
N VAL F 197 -8.79 27.67 -6.47
CA VAL F 197 -7.90 26.52 -6.34
C VAL F 197 -7.06 26.57 -5.07
N ASP F 198 -7.07 27.67 -4.33
CA ASP F 198 -6.20 27.83 -3.16
C ASP F 198 -6.93 28.75 -2.20
N LYS F 199 -7.56 28.16 -1.16
CA LYS F 199 -8.28 28.91 -0.13
C LYS F 199 -7.31 29.33 0.95
N ASP F 200 -7.34 30.62 1.32
CA ASP F 200 -6.65 31.12 2.51
C ASP F 200 -5.17 30.73 2.53
N VAL F 201 -4.44 31.20 1.50
CA VAL F 201 -3.04 30.84 1.33
C VAL F 201 -2.17 31.49 2.41
N LYS F 202 -1.12 30.78 2.82
CA LYS F 202 -0.18 31.24 3.84
C LYS F 202 1.23 30.86 3.43
N ILE F 203 2.15 31.83 3.43
CA ILE F 203 3.52 31.56 2.99
C ILE F 203 4.23 30.69 4.01
N LYS F 204 5.16 29.86 3.52
CA LYS F 204 6.04 29.10 4.39
C LYS F 204 6.76 30.06 5.33
N LYS F 205 7.02 29.58 6.55
CA LYS F 205 7.69 30.42 7.53
C LYS F 205 9.08 30.82 7.05
N LYS F 206 9.80 29.91 6.42
CA LYS F 206 11.15 30.15 5.92
C LYS F 206 11.31 29.36 4.62
N GLY F 207 12.01 29.95 3.64
CA GLY F 207 12.23 29.34 2.35
C GLY F 207 13.67 28.91 2.10
N LYS F 208 13.88 28.32 0.92
CA LYS F 208 15.17 27.82 0.51
C LYS F 208 15.63 28.45 -0.82
N ILE F 209 15.02 29.57 -1.20
CA ILE F 209 15.21 30.20 -2.50
C ILE F 209 15.28 31.71 -2.31
N TYR F 210 16.31 32.35 -2.88
CA TYR F 210 16.41 33.81 -2.86
C TYR F 210 16.35 34.34 -4.29
N SER F 211 15.83 35.56 -4.44
CA SER F 211 15.45 36.08 -5.75
C SER F 211 15.81 37.55 -5.84
N LEU F 212 16.83 37.87 -6.63
CA LEU F 212 17.16 39.25 -6.94
C LEU F 212 18.11 39.24 -8.14
N ASN F 213 18.30 40.41 -8.75
CA ASN F 213 19.22 40.52 -9.87
C ASN F 213 20.62 40.68 -9.33
N GLU F 214 21.45 39.64 -9.48
CA GLU F 214 22.83 39.71 -9.00
C GLU F 214 23.76 40.33 -10.01
N GLY F 215 23.28 40.69 -11.21
CA GLY F 215 24.13 41.38 -12.15
C GLY F 215 24.52 42.76 -11.67
N TYR F 216 23.63 43.43 -10.93
CA TYR F 216 23.90 44.76 -10.39
C TYR F 216 24.62 44.71 -9.05
N ALA F 217 25.38 43.64 -8.81
CA ALA F 217 26.12 43.48 -7.56
C ALA F 217 27.16 44.57 -7.37
N LYS F 218 27.69 45.10 -8.47
CA LYS F 218 28.68 46.17 -8.37
C LYS F 218 28.18 47.35 -7.55
N ASP F 219 26.86 47.57 -7.51
CA ASP F 219 26.28 48.72 -6.83
C ASP F 219 25.76 48.38 -5.45
N PHE F 220 26.03 47.17 -4.96
CA PHE F 220 25.36 46.71 -3.76
C PHE F 220 25.76 47.53 -2.55
N ASP F 221 24.75 48.01 -1.85
CA ASP F 221 24.87 48.31 -0.44
C ASP F 221 25.56 47.12 0.24
N PRO F 222 26.49 47.37 1.17
CA PRO F 222 27.14 46.23 1.83
C PRO F 222 26.16 45.27 2.52
N ALA F 223 24.99 45.76 2.95
CA ALA F 223 24.00 44.88 3.55
C ALA F 223 23.50 43.82 2.57
N VAL F 224 23.31 44.20 1.30
CA VAL F 224 22.88 43.26 0.27
C VAL F 224 23.96 42.21 0.00
N THR F 225 25.21 42.65 -0.20
CA THR F 225 26.30 41.71 -0.45
C THR F 225 26.41 40.70 0.69
N GLU F 226 26.26 41.16 1.93
CA GLU F 226 26.43 40.29 3.10
C GLU F 226 25.30 39.27 3.21
N TYR F 227 24.04 39.70 3.01
CA TYR F 227 22.93 38.76 3.09
C TYR F 227 22.98 37.72 1.98
N ILE F 228 23.27 38.18 0.74
CA ILE F 228 23.37 37.23 -0.38
C ILE F 228 24.55 36.30 -0.15
N GLN F 229 25.64 36.83 0.40
CA GLN F 229 26.79 35.99 0.71
C GLN F 229 26.42 34.92 1.74
N ARG F 230 25.59 35.26 2.74
CA ARG F 230 25.18 34.29 3.75
C ARG F 230 24.31 33.17 3.17
N LYS F 231 23.68 33.38 2.02
CA LYS F 231 22.84 32.36 1.43
C LYS F 231 23.65 31.32 0.64
N LYS F 232 24.79 31.74 0.07
CA LYS F 232 25.64 30.82 -0.68
C LYS F 232 26.55 30.02 0.25
N PHE F 233 26.99 30.66 1.33
CA PHE F 233 27.90 30.10 2.32
C PHE F 233 27.25 30.31 3.68
N PRO F 234 26.37 29.40 4.09
CA PRO F 234 25.66 29.58 5.35
C PRO F 234 26.59 29.65 6.54
N PRO F 235 26.36 30.61 7.46
CA PRO F 235 27.17 30.63 8.69
C PRO F 235 26.80 29.55 9.67
N ASP F 236 25.51 29.19 9.76
CA ASP F 236 25.07 28.13 10.66
C ASP F 236 25.26 26.73 10.06
N ASN F 237 25.86 26.64 8.88
CA ASN F 237 26.04 25.36 8.19
C ASN F 237 24.72 24.62 8.04
N SER F 238 23.72 25.33 7.52
CA SER F 238 22.49 24.74 7.03
C SER F 238 22.61 24.61 5.52
N ALA F 239 21.51 24.23 4.87
CA ALA F 239 21.58 24.06 3.43
C ALA F 239 21.71 25.42 2.75
N PRO F 240 22.54 25.54 1.72
CA PRO F 240 22.62 26.82 1.00
C PRO F 240 21.34 27.08 0.20
N TYR F 241 21.03 28.36 0.02
CA TYR F 241 19.81 28.68 -0.70
C TYR F 241 19.97 28.52 -2.21
N GLY F 242 18.85 28.22 -2.89
CA GLY F 242 18.79 28.27 -4.33
C GLY F 242 18.38 29.63 -4.87
N ALA F 243 18.72 29.90 -6.11
CA ALA F 243 18.40 31.18 -6.75
C ALA F 243 17.42 31.00 -7.90
N ARG F 244 16.50 31.93 -8.02
CA ARG F 244 15.63 32.07 -9.17
C ARG F 244 15.41 33.56 -9.38
N TYR F 245 15.42 34.01 -10.63
CA TYR F 245 15.09 35.41 -10.91
C TYR F 245 14.55 35.49 -12.32
N VAL F 246 13.22 35.58 -12.42
CA VAL F 246 12.54 35.71 -13.71
C VAL F 246 12.64 37.12 -14.27
N GLY F 247 12.65 38.13 -13.41
CA GLY F 247 12.69 39.50 -13.87
C GLY F 247 11.35 40.12 -14.16
N SER F 248 10.24 39.37 -14.06
CA SER F 248 8.90 39.95 -14.02
C SER F 248 8.42 39.88 -12.58
N MET F 249 8.04 41.04 -12.03
CA MET F 249 7.78 41.10 -10.60
C MET F 249 6.66 40.16 -10.19
N VAL F 250 5.63 40.01 -11.02
CA VAL F 250 4.54 39.13 -10.66
C VAL F 250 5.02 37.68 -10.55
N ALA F 251 5.85 37.25 -11.51
CA ALA F 251 6.30 35.87 -11.53
C ALA F 251 7.21 35.57 -10.34
N ASP F 252 8.18 36.45 -10.05
CA ASP F 252 9.07 36.22 -8.91
C ASP F 252 8.29 36.29 -7.58
N VAL F 253 7.38 37.25 -7.44
CA VAL F 253 6.59 37.32 -6.23
C VAL F 253 5.69 36.10 -6.09
N HIS F 254 5.06 35.64 -7.19
CA HIS F 254 4.15 34.49 -7.09
C HIS F 254 4.91 33.25 -6.65
N ARG F 255 6.08 33.01 -7.25
CA ARG F 255 6.92 31.90 -6.84
C ARG F 255 7.29 32.04 -5.36
N THR F 256 7.63 33.25 -4.94
CA THR F 256 7.88 33.48 -3.52
C THR F 256 6.67 33.10 -2.67
N LEU F 257 5.47 33.49 -3.10
CA LEU F 257 4.25 33.17 -2.35
C LEU F 257 4.02 31.67 -2.25
N VAL F 258 4.16 30.97 -3.37
CA VAL F 258 3.71 29.58 -3.46
C VAL F 258 4.73 28.64 -2.82
N TYR F 259 6.02 28.97 -2.91
CA TYR F 259 7.09 28.12 -2.41
C TYR F 259 7.82 28.66 -1.20
N GLY F 260 7.64 29.93 -0.87
CA GLY F 260 8.44 30.53 0.17
C GLY F 260 9.81 30.94 -0.34
N GLY F 261 10.47 31.79 0.44
CA GLY F 261 11.77 32.36 0.18
C GLY F 261 11.70 33.85 0.31
N ILE F 262 12.63 34.55 -0.34
CA ILE F 262 12.71 35.99 -0.19
C ILE F 262 12.99 36.60 -1.55
N PHE F 263 12.32 37.71 -1.84
CA PHE F 263 12.52 38.44 -3.09
C PHE F 263 12.99 39.84 -2.75
N LEU F 264 14.04 40.29 -3.45
CA LEU F 264 14.68 41.55 -3.11
C LEU F 264 14.87 42.38 -4.38
N TYR F 265 14.37 43.60 -4.35
CA TYR F 265 14.72 44.66 -5.30
C TYR F 265 15.10 45.84 -4.43
N PRO F 266 16.32 45.83 -3.89
CA PRO F 266 16.67 46.78 -2.83
C PRO F 266 17.21 48.10 -3.35
N ALA F 267 17.36 49.04 -2.42
CA ALA F 267 18.04 50.27 -2.75
C ALA F 267 19.53 50.01 -2.83
N ASN F 268 20.12 50.39 -3.97
CA ASN F 268 21.57 50.42 -4.12
C ASN F 268 22.05 51.86 -3.99
N LYS F 269 23.35 52.06 -4.21
CA LYS F 269 23.90 53.40 -4.11
C LYS F 269 23.56 54.26 -5.31
N LYS F 270 23.25 53.63 -6.46
CA LYS F 270 22.81 54.33 -7.66
C LYS F 270 21.34 54.78 -7.56
N SER F 271 20.44 53.88 -7.15
CA SER F 271 19.02 54.18 -7.00
C SER F 271 18.61 54.13 -5.53
N PRO F 272 18.68 55.25 -4.80
CA PRO F 272 18.52 55.19 -3.34
C PRO F 272 17.10 54.93 -2.86
N ASN F 273 16.08 55.20 -3.67
CA ASN F 273 14.71 54.86 -3.34
C ASN F 273 14.19 53.71 -4.20
N GLY F 274 15.09 52.82 -4.62
CA GLY F 274 14.70 51.68 -5.42
C GLY F 274 14.31 52.07 -6.83
N LYS F 275 13.75 51.08 -7.52
CA LYS F 275 13.26 51.21 -8.89
C LYS F 275 11.77 50.93 -9.00
N LEU F 276 11.23 49.98 -8.24
CA LEU F 276 9.82 49.64 -8.38
C LEU F 276 8.89 50.75 -7.88
N ARG F 277 7.72 50.81 -8.49
CA ARG F 277 6.76 51.85 -8.17
C ARG F 277 5.96 51.48 -6.93
N LEU F 278 5.75 52.45 -6.05
CA LEU F 278 5.09 52.15 -4.79
C LEU F 278 3.60 51.88 -4.97
N LEU F 279 2.89 52.77 -5.69
CA LEU F 279 1.43 52.74 -5.65
C LEU F 279 0.86 51.46 -6.25
N TYR F 280 1.46 50.96 -7.33
CA TYR F 280 0.87 49.87 -8.09
C TYR F 280 1.84 48.71 -8.32
N GLU F 281 2.98 48.69 -7.64
CA GLU F 281 3.80 47.48 -7.63
C GLU F 281 4.11 47.03 -6.22
N CYS F 282 4.78 47.87 -5.42
CA CYS F 282 5.23 47.44 -4.09
C CYS F 282 4.05 47.24 -3.13
N ASN F 283 3.21 48.27 -2.96
CA ASN F 283 2.12 48.20 -1.99
C ASN F 283 1.21 47.00 -2.24
N PRO F 284 0.70 46.76 -3.45
CA PRO F 284 -0.17 45.59 -3.61
C PRO F 284 0.52 44.28 -3.25
N MET F 285 1.80 44.15 -3.60
CA MET F 285 2.53 42.93 -3.28
C MET F 285 2.83 42.84 -1.78
N ALA F 286 3.15 43.97 -1.15
CA ALA F 286 3.33 43.98 0.30
C ALA F 286 2.05 43.53 1.00
N TYR F 287 0.91 44.00 0.51
CA TYR F 287 -0.39 43.62 1.07
C TYR F 287 -0.64 42.13 0.91
N VAL F 288 -0.40 41.59 -0.29
CA VAL F 288 -0.60 40.17 -0.53
C VAL F 288 0.30 39.35 0.39
N MET F 289 1.58 39.74 0.49
CA MET F 289 2.50 39.05 1.38
C MET F 289 1.97 39.03 2.82
N GLU F 290 1.69 40.21 3.37
CA GLU F 290 1.30 40.27 4.78
C GLU F 290 -0.01 39.53 5.04
N LYS F 291 -0.99 39.68 4.16
CA LYS F 291 -2.22 38.93 4.35
C LYS F 291 -2.01 37.44 4.17
N ALA F 292 -0.86 37.04 3.64
CA ALA F 292 -0.48 35.65 3.50
C ALA F 292 0.47 35.20 4.60
N GLY F 293 0.65 36.03 5.62
CA GLY F 293 1.53 35.73 6.73
C GLY F 293 2.99 36.04 6.51
N GLY F 294 3.34 36.77 5.44
CA GLY F 294 4.71 37.11 5.14
C GLY F 294 5.03 38.55 5.50
N MET F 295 6.20 39.01 5.06
CA MET F 295 6.66 40.35 5.40
C MET F 295 7.11 41.10 4.15
N ALA F 296 7.17 42.42 4.29
CA ALA F 296 7.54 43.26 3.16
C ALA F 296 8.09 44.57 3.72
N THR F 297 9.38 44.80 3.50
CA THR F 297 10.10 45.90 4.10
C THR F 297 10.86 46.68 3.04
N THR F 298 11.13 47.96 3.36
CA THR F 298 12.04 48.80 2.59
C THR F 298 13.47 48.76 3.14
N GLY F 299 13.68 48.10 4.27
CA GLY F 299 14.94 48.22 4.99
C GLY F 299 14.77 49.13 6.18
N LYS F 300 14.09 50.27 5.96
CA LYS F 300 13.84 51.27 6.99
C LYS F 300 12.49 51.09 7.68
N GLU F 301 11.48 50.54 6.99
CA GLU F 301 10.13 50.40 7.55
C GLU F 301 9.36 49.38 6.71
N ALA F 302 8.13 49.11 7.11
CA ALA F 302 7.23 48.33 6.27
C ALA F 302 6.71 49.17 5.10
N VAL F 303 6.63 48.54 3.92
CA VAL F 303 6.19 49.24 2.71
C VAL F 303 4.79 49.80 2.92
N LEU F 304 3.92 49.01 3.56
CA LEU F 304 2.56 49.47 3.81
C LEU F 304 2.53 50.66 4.75
N ASP F 305 3.63 50.91 5.48
CA ASP F 305 3.70 52.05 6.37
C ASP F 305 4.26 53.30 5.68
N VAL F 306 4.79 53.17 4.46
CA VAL F 306 5.24 54.34 3.73
C VAL F 306 4.04 55.15 3.24
N ILE F 307 4.09 56.45 3.48
CA ILE F 307 3.06 57.37 2.99
C ILE F 307 3.60 58.03 1.73
N PRO F 308 2.99 57.80 0.56
CA PRO F 308 3.55 58.33 -0.68
C PRO F 308 3.25 59.83 -0.80
N THR F 309 4.22 60.55 -1.37
CA THR F 309 4.11 61.97 -1.64
C THR F 309 3.96 62.27 -3.13
N ASP F 310 4.24 61.29 -3.98
CA ASP F 310 4.14 61.39 -5.43
C ASP F 310 3.52 60.08 -5.90
N ILE F 311 2.61 60.15 -6.88
CA ILE F 311 1.89 58.92 -7.24
C ILE F 311 2.79 57.91 -7.97
N HIS F 312 3.83 58.38 -8.66
CA HIS F 312 4.76 57.50 -9.37
C HIS F 312 6.07 57.34 -8.63
N GLN F 313 6.09 57.64 -7.34
CA GLN F 313 7.33 57.56 -6.59
C GLN F 313 7.75 56.09 -6.45
N ARG F 314 9.05 55.90 -6.23
CA ARG F 314 9.65 54.57 -6.17
C ARG F 314 9.90 54.15 -4.72
N ALA F 315 10.13 52.85 -4.53
CA ALA F 315 10.37 52.29 -3.22
C ALA F 315 11.21 51.03 -3.34
N PRO F 316 12.22 50.86 -2.49
CA PRO F 316 12.89 49.56 -2.40
C PRO F 316 11.97 48.56 -1.72
N VAL F 317 12.16 47.29 -2.03
CA VAL F 317 11.27 46.27 -1.49
C VAL F 317 12.04 44.97 -1.29
N ILE F 318 11.89 44.40 -0.11
CA ILE F 318 12.36 43.04 0.22
C ILE F 318 11.19 42.35 0.89
N LEU F 319 10.71 41.28 0.27
CA LEU F 319 9.51 40.64 0.76
C LEU F 319 9.63 39.12 0.71
N GLY F 320 8.67 38.46 1.38
CA GLY F 320 8.54 37.02 1.39
C GLY F 320 8.37 36.38 2.76
N SER F 321 8.95 35.20 2.90
CA SER F 321 8.83 34.45 4.14
C SER F 321 9.42 35.24 5.30
N PRO F 322 8.73 35.26 6.45
CA PRO F 322 9.13 36.14 7.58
C PRO F 322 10.47 35.80 8.21
N ASP F 323 10.82 34.52 8.34
CA ASP F 323 12.13 34.18 8.87
C ASP F 323 13.25 34.72 7.97
N ASP F 324 12.99 34.77 6.66
CA ASP F 324 13.96 35.25 5.69
C ASP F 324 14.03 36.78 5.67
N VAL F 325 12.87 37.45 5.66
CA VAL F 325 12.85 38.92 5.68
C VAL F 325 13.49 39.46 6.94
N LEU F 326 13.26 38.80 8.07
CA LEU F 326 13.92 39.18 9.32
C LEU F 326 15.43 39.02 9.23
N GLU F 327 15.88 37.88 8.70
CA GLU F 327 17.32 37.65 8.58
C GLU F 327 17.99 38.71 7.71
N PHE F 328 17.29 39.24 6.70
CA PHE F 328 17.85 40.37 5.97
C PHE F 328 17.92 41.60 6.85
N LEU F 329 16.81 41.95 7.51
CA LEU F 329 16.81 43.14 8.34
C LEU F 329 17.88 43.08 9.43
N LYS F 330 18.18 41.88 9.94
CA LYS F 330 19.30 41.77 10.88
C LYS F 330 20.59 42.23 10.23
N VAL F 331 20.78 41.88 8.96
CA VAL F 331 21.99 42.28 8.25
C VAL F 331 21.92 43.76 7.86
N TYR F 332 20.73 44.27 7.55
CA TYR F 332 20.61 45.68 7.22
C TYR F 332 20.89 46.57 8.44
N GLU F 333 20.42 46.15 9.62
CA GLU F 333 20.65 46.94 10.84
C GLU F 333 22.13 47.04 11.19
N LYS F 334 22.87 45.94 11.03
CA LYS F 334 24.30 45.95 11.39
C LYS F 334 25.07 47.07 10.69
N HIS F 335 24.66 47.44 9.47
CA HIS F 335 25.38 48.43 8.67
C HIS F 335 24.75 49.82 8.80
N SER F 336 24.75 50.34 10.03
CA SER F 336 24.17 51.66 10.33
C SER F 336 22.66 51.70 10.09
N ASP G 10 -8.08 3.61 -32.98
CA ASP G 10 -7.18 4.69 -32.60
C ASP G 10 -7.69 6.01 -33.13
N VAL G 11 -7.08 7.10 -32.66
CA VAL G 11 -7.47 8.45 -33.02
C VAL G 11 -6.80 8.86 -34.33
N ASN G 12 -7.60 9.31 -35.29
CA ASN G 12 -7.10 9.79 -36.57
C ASN G 12 -7.60 11.21 -36.79
N THR G 13 -6.73 12.08 -37.27
CA THR G 13 -7.08 13.45 -37.61
C THR G 13 -7.10 13.65 -39.12
N LEU G 14 -7.77 14.72 -39.55
CA LEU G 14 -7.87 15.04 -40.98
C LEU G 14 -6.49 15.18 -41.61
N THR G 15 -5.58 15.89 -40.93
CA THR G 15 -4.25 16.12 -41.44
C THR G 15 -3.44 14.83 -41.51
N ARG G 16 -3.60 13.96 -40.51
CA ARG G 16 -2.92 12.67 -40.56
C ARG G 16 -3.50 11.82 -41.68
N PHE G 17 -4.83 11.77 -41.81
CA PHE G 17 -5.53 10.94 -42.78
C PHE G 17 -5.19 11.32 -44.22
N VAL G 18 -5.21 12.62 -44.52
CA VAL G 18 -4.98 13.05 -45.89
C VAL G 18 -3.55 12.73 -46.33
N MET G 19 -2.59 12.79 -45.40
CA MET G 19 -1.23 12.39 -45.69
C MET G 19 -1.11 10.88 -45.90
N GLU G 20 -1.78 10.08 -45.07
CA GLU G 20 -1.70 8.63 -45.24
C GLU G 20 -2.20 8.23 -46.64
N GLU G 21 -3.30 8.82 -47.09
CA GLU G 21 -3.77 8.56 -48.46
C GLU G 21 -2.86 9.18 -49.52
N GLY G 22 -2.27 10.35 -49.23
CA GLY G 22 -1.38 10.98 -50.21
C GLY G 22 -0.05 10.28 -50.35
N ARG G 23 0.50 9.80 -49.24
CA ARG G 23 1.68 8.94 -49.32
C ARG G 23 1.34 7.65 -50.02
N LYS G 24 0.15 7.10 -49.74
CA LYS G 24 -0.28 5.86 -50.36
C LYS G 24 -0.23 5.94 -51.88
N ALA G 25 -0.65 7.06 -52.45
CA ALA G 25 -0.70 7.19 -53.90
C ALA G 25 0.57 7.76 -54.51
N ARG G 26 1.55 8.13 -53.67
CA ARG G 26 2.85 8.70 -54.11
C ARG G 26 2.66 9.87 -55.08
N GLY G 27 1.61 10.66 -54.85
CA GLY G 27 1.35 11.85 -55.63
C GLY G 27 2.30 12.98 -55.27
N THR G 28 2.18 14.09 -56.00
CA THR G 28 3.15 15.16 -55.84
C THR G 28 3.00 15.91 -54.51
N GLY G 29 1.83 15.80 -53.85
CA GLY G 29 1.56 16.51 -52.62
C GLY G 29 0.68 17.73 -52.76
N GLU G 30 0.36 18.12 -54.00
CA GLU G 30 -0.35 19.37 -54.24
C GLU G 30 -1.76 19.31 -53.65
N LEU G 31 -2.43 18.16 -53.75
CA LEU G 31 -3.78 18.08 -53.27
C LEU G 31 -3.81 18.20 -51.76
N THR G 32 -2.87 17.53 -51.10
CA THR G 32 -2.75 17.64 -49.65
C THR G 32 -2.47 19.07 -49.22
N GLN G 33 -1.60 19.77 -49.93
CA GLN G 33 -1.36 21.17 -49.62
C GLN G 33 -2.64 21.99 -49.74
N LEU G 34 -3.38 21.79 -50.83
CA LEU G 34 -4.64 22.50 -51.05
C LEU G 34 -5.63 22.21 -49.93
N LEU G 35 -5.78 20.94 -49.55
CA LEU G 35 -6.74 20.59 -48.51
C LEU G 35 -6.35 21.16 -47.16
N ASN G 36 -5.07 21.15 -46.79
CA ASN G 36 -4.70 21.76 -45.51
C ASN G 36 -5.01 23.25 -45.47
N SER G 37 -4.74 23.96 -46.58
CA SER G 37 -5.05 25.39 -46.63
C SER G 37 -6.55 25.60 -46.45
N LEU G 38 -7.35 24.73 -47.06
CA LEU G 38 -8.79 24.82 -46.92
C LEU G 38 -9.20 24.54 -45.47
N CYS G 39 -8.62 23.50 -44.88
CA CYS G 39 -8.96 23.13 -43.51
C CYS G 39 -8.56 24.24 -42.54
N THR G 40 -7.42 24.88 -42.77
CA THR G 40 -7.02 26.03 -41.94
C THR G 40 -7.97 27.20 -42.10
N ALA G 41 -8.42 27.45 -43.34
CA ALA G 41 -9.45 28.46 -43.54
C ALA G 41 -10.73 28.16 -42.75
N VAL G 42 -11.15 26.89 -42.72
CA VAL G 42 -12.38 26.55 -42.02
C VAL G 42 -12.24 26.83 -40.53
N LYS G 43 -11.11 26.45 -39.95
CA LYS G 43 -10.92 26.66 -38.52
C LYS G 43 -11.03 28.14 -38.20
N ALA G 44 -10.48 29.00 -39.06
CA ALA G 44 -10.62 30.43 -38.85
C ALA G 44 -12.06 30.87 -39.02
N ILE G 45 -12.75 30.39 -40.06
CA ILE G 45 -14.14 30.79 -40.27
C ILE G 45 -15.00 30.39 -39.08
N SER G 46 -14.84 29.14 -38.61
CA SER G 46 -15.58 28.72 -37.44
C SER G 46 -15.35 29.70 -36.29
N SER G 47 -14.07 30.03 -36.06
CA SER G 47 -13.74 30.91 -34.95
C SER G 47 -14.44 32.25 -35.08
N ALA G 48 -14.44 32.83 -36.27
CA ALA G 48 -15.12 34.09 -36.48
C ALA G 48 -16.64 33.94 -36.36
N VAL G 49 -17.16 32.78 -36.80
CA VAL G 49 -18.60 32.60 -36.80
C VAL G 49 -19.17 32.45 -35.38
N ARG G 50 -18.41 31.87 -34.45
CA ARG G 50 -18.85 31.78 -33.06
C ARG G 50 -18.79 33.11 -32.32
N LYS G 51 -18.25 34.14 -32.95
CA LYS G 51 -18.09 35.47 -32.39
C LYS G 51 -18.69 36.53 -33.31
N ALA G 52 -19.75 36.20 -34.05
CA ALA G 52 -20.19 37.03 -35.18
C ALA G 52 -20.66 38.43 -34.77
N GLY G 53 -21.70 38.51 -33.93
CA GLY G 53 -22.31 39.81 -33.60
C GLY G 53 -21.35 40.81 -33.00
N ILE G 54 -20.41 40.34 -32.18
CA ILE G 54 -19.36 41.18 -31.63
C ILE G 54 -18.42 41.62 -32.75
N ALA G 55 -18.83 42.64 -33.50
CA ALA G 55 -18.02 43.20 -34.58
C ALA G 55 -18.55 44.57 -35.04
N LYS G 73 -18.72 42.75 -44.70
CA LYS G 73 -19.51 41.77 -43.96
C LYS G 73 -18.66 40.53 -43.66
N LEU G 74 -19.30 39.50 -43.10
CA LEU G 74 -18.58 38.36 -42.55
C LEU G 74 -18.28 37.35 -43.64
N ASP G 75 -19.25 37.14 -44.53
CA ASP G 75 -19.06 36.26 -45.67
C ASP G 75 -18.02 36.79 -46.64
N VAL G 76 -17.62 38.07 -46.49
CA VAL G 76 -16.47 38.62 -47.22
C VAL G 76 -15.16 38.25 -46.53
N LEU G 77 -15.10 38.24 -45.17
CA LEU G 77 -13.93 37.65 -44.50
C LEU G 77 -13.76 36.23 -45.00
N SER G 78 -14.86 35.47 -45.03
CA SER G 78 -14.80 34.09 -45.48
C SER G 78 -14.28 34.00 -46.91
N ASN G 79 -14.70 34.92 -47.77
CA ASN G 79 -14.21 34.94 -49.12
C ASN G 79 -12.72 35.26 -49.16
N ASP G 80 -12.30 36.36 -48.52
CA ASP G 80 -10.88 36.71 -48.56
C ASP G 80 -10.01 35.65 -47.87
N LEU G 81 -10.51 35.04 -46.78
CA LEU G 81 -9.76 33.97 -46.12
C LEU G 81 -9.54 32.79 -47.05
N VAL G 82 -10.61 32.26 -47.64
CA VAL G 82 -10.48 31.11 -48.53
C VAL G 82 -9.67 31.46 -49.79
N MET G 83 -9.91 32.62 -50.38
CA MET G 83 -9.19 33.02 -51.60
C MET G 83 -7.68 33.03 -51.39
N ASN G 84 -7.22 33.71 -50.33
CA ASN G 84 -5.77 33.87 -50.15
C ASN G 84 -5.13 32.62 -49.58
N MET G 85 -5.86 31.86 -48.76
CA MET G 85 -5.37 30.57 -48.32
C MET G 85 -5.19 29.62 -49.50
N LEU G 86 -6.12 29.66 -50.46
CA LEU G 86 -6.01 28.82 -51.65
C LEU G 86 -4.92 29.32 -52.61
N LYS G 87 -4.90 30.62 -52.89
CA LYS G 87 -3.88 31.21 -53.74
C LYS G 87 -2.48 30.85 -53.27
N SER G 88 -2.24 30.92 -51.97
CA SER G 88 -0.91 30.71 -51.41
C SER G 88 -0.60 29.24 -51.08
N SER G 89 -1.49 28.32 -51.43
CA SER G 89 -1.16 26.90 -51.31
C SER G 89 -0.28 26.45 -52.47
N PHE G 90 -0.24 27.24 -53.54
CA PHE G 90 0.46 26.96 -54.78
C PHE G 90 -0.11 25.75 -55.53
N ALA G 91 -1.38 25.40 -55.27
CA ALA G 91 -2.02 24.22 -55.86
C ALA G 91 -3.26 24.55 -56.69
N THR G 92 -3.53 25.84 -56.94
CA THR G 92 -4.74 26.27 -57.62
C THR G 92 -4.40 27.15 -58.83
N CYS G 93 -5.26 27.12 -59.84
CA CYS G 93 -5.10 28.04 -60.97
C CYS G 93 -6.33 28.90 -61.26
N VAL G 94 -7.53 28.37 -61.01
CA VAL G 94 -8.79 29.07 -61.19
C VAL G 94 -9.63 28.89 -59.93
N LEU G 95 -10.20 29.99 -59.42
CA LEU G 95 -11.07 29.93 -58.23
C LEU G 95 -12.43 30.56 -58.53
N VAL G 96 -13.50 29.83 -58.31
CA VAL G 96 -14.86 30.35 -58.46
C VAL G 96 -15.52 30.46 -57.08
N SER G 97 -16.01 31.65 -56.76
CA SER G 97 -16.67 31.85 -55.47
C SER G 97 -18.04 32.51 -55.66
N GLU G 98 -18.95 32.20 -54.74
CA GLU G 98 -20.27 32.85 -54.69
C GLU G 98 -20.15 34.35 -54.52
N GLU G 99 -19.08 34.81 -53.88
CA GLU G 99 -18.93 36.22 -53.53
C GLU G 99 -18.30 37.05 -54.63
N ASP G 100 -17.80 36.44 -55.71
CA ASP G 100 -17.15 37.16 -56.80
C ASP G 100 -17.86 36.92 -58.13
N LYS G 101 -18.01 37.99 -58.92
CA LYS G 101 -18.80 37.88 -60.14
C LYS G 101 -18.09 37.01 -61.18
N HIS G 102 -16.79 37.19 -61.33
CA HIS G 102 -15.99 36.39 -62.26
C HIS G 102 -15.11 35.41 -61.53
N ALA G 103 -14.64 34.42 -62.30
CA ALA G 103 -13.59 33.52 -61.83
C ALA G 103 -12.36 34.31 -61.48
N ILE G 104 -11.62 33.81 -60.50
CA ILE G 104 -10.38 34.42 -60.08
C ILE G 104 -9.26 33.58 -60.66
N ILE G 105 -8.33 34.24 -61.35
CA ILE G 105 -7.18 33.61 -61.98
C ILE G 105 -5.98 33.84 -61.08
N VAL G 106 -5.34 32.75 -60.67
CA VAL G 106 -4.17 32.84 -59.79
C VAL G 106 -3.02 33.51 -60.54
N GLU G 107 -2.26 34.34 -59.83
CA GLU G 107 -1.08 34.91 -60.43
C GLU G 107 -0.15 33.77 -60.82
N PRO G 108 0.62 33.92 -61.91
CA PRO G 108 1.37 32.77 -62.42
C PRO G 108 2.38 32.24 -61.44
N GLU G 109 2.96 33.12 -60.63
CA GLU G 109 4.00 32.67 -59.72
C GLU G 109 3.47 31.66 -58.70
N LYS G 110 2.17 31.71 -58.40
CA LYS G 110 1.58 30.81 -57.40
C LYS G 110 0.71 29.72 -58.01
N ARG G 111 0.81 29.48 -59.32
CA ARG G 111 -0.16 28.67 -60.05
C ARG G 111 0.07 27.17 -59.88
N GLY G 112 -1.01 26.41 -59.83
CA GLY G 112 -1.00 24.99 -59.55
C GLY G 112 -2.04 24.27 -60.37
N LYS G 113 -2.26 22.98 -60.13
CA LYS G 113 -3.00 22.16 -61.09
C LYS G 113 -4.48 21.99 -60.77
N TYR G 114 -5.00 22.65 -59.74
CA TYR G 114 -6.36 22.38 -59.32
C TYR G 114 -7.26 23.60 -59.52
N VAL G 115 -8.54 23.30 -59.75
CA VAL G 115 -9.62 24.29 -59.82
C VAL G 115 -10.55 24.12 -58.61
N VAL G 116 -10.94 25.24 -58.01
CA VAL G 116 -11.73 25.21 -56.79
C VAL G 116 -12.99 26.06 -56.94
N CYS G 117 -14.14 25.45 -56.68
CA CYS G 117 -15.42 26.17 -56.53
C CYS G 117 -15.92 26.10 -55.09
N PHE G 118 -16.31 27.25 -54.52
CA PHE G 118 -16.68 27.26 -53.10
C PHE G 118 -17.63 28.39 -52.77
N ASP G 119 -18.58 28.12 -51.84
CA ASP G 119 -19.32 29.18 -51.16
C ASP G 119 -18.66 29.36 -49.80
N PRO G 120 -17.97 30.48 -49.57
CA PRO G 120 -17.17 30.60 -48.36
C PRO G 120 -18.03 30.77 -47.10
N LEU G 121 -19.29 31.27 -47.21
CA LEU G 121 -20.18 31.32 -46.05
C LEU G 121 -21.63 31.14 -46.52
N ASP G 122 -22.01 29.89 -46.82
CA ASP G 122 -23.37 29.61 -47.26
C ASP G 122 -24.36 29.78 -46.10
N GLY G 123 -25.47 30.43 -46.41
CA GLY G 123 -26.48 30.73 -45.42
C GLY G 123 -26.26 32.00 -44.64
N SER G 124 -25.33 32.87 -45.09
CA SER G 124 -25.01 34.09 -44.38
C SER G 124 -26.16 35.12 -44.40
N SER G 125 -27.21 34.90 -45.21
CA SER G 125 -28.39 35.75 -45.09
C SER G 125 -29.27 35.40 -43.89
N ASN G 126 -29.15 34.18 -43.35
CA ASN G 126 -29.84 33.76 -42.13
C ASN G 126 -28.84 33.46 -40.99
N ILE G 127 -27.88 34.36 -40.77
CA ILE G 127 -26.91 34.14 -39.71
C ILE G 127 -27.26 34.86 -38.42
N ASP G 128 -28.15 35.86 -38.46
CA ASP G 128 -28.64 36.47 -37.22
C ASP G 128 -29.43 35.47 -36.38
N CYS G 129 -30.16 34.55 -37.02
CA CYS G 129 -30.88 33.53 -36.26
C CYS G 129 -29.98 32.37 -35.81
N LEU G 130 -28.65 32.47 -36.01
CA LEU G 130 -27.65 31.52 -35.50
C LEU G 130 -27.91 30.07 -35.88
N VAL G 131 -28.80 29.85 -36.82
CA VAL G 131 -28.97 28.52 -37.38
C VAL G 131 -27.76 28.29 -38.29
N SER G 132 -27.60 27.07 -38.78
CA SER G 132 -26.37 26.66 -39.44
C SER G 132 -25.92 27.61 -40.53
N VAL G 133 -24.60 27.80 -40.60
CA VAL G 133 -23.93 28.30 -41.80
C VAL G 133 -22.85 27.29 -42.17
N GLY G 134 -22.37 27.40 -43.40
CA GLY G 134 -21.42 26.41 -43.85
C GLY G 134 -20.57 26.84 -45.04
N THR G 135 -19.48 26.12 -45.21
CA THR G 135 -18.57 26.29 -46.34
C THR G 135 -18.65 25.04 -47.18
N ILE G 136 -18.88 25.21 -48.48
CA ILE G 136 -18.99 24.13 -49.46
C ILE G 136 -17.87 24.29 -50.50
N PHE G 137 -17.26 23.17 -50.92
CA PHE G 137 -16.18 23.23 -51.90
C PHE G 137 -16.19 22.01 -52.82
N GLY G 138 -15.76 22.24 -54.04
CA GLY G 138 -15.47 21.17 -54.97
C GLY G 138 -14.13 21.40 -55.64
N ILE G 139 -13.37 20.32 -55.81
CA ILE G 139 -12.01 20.43 -56.34
C ILE G 139 -11.88 19.68 -57.67
N TYR G 140 -11.40 20.37 -58.71
CA TYR G 140 -11.15 19.81 -60.03
C TYR G 140 -9.68 19.95 -60.40
N ARG G 141 -9.11 18.89 -60.97
CA ARG G 141 -7.91 19.04 -61.80
C ARG G 141 -8.23 19.89 -63.03
N LYS G 142 -7.35 20.84 -63.36
CA LYS G 142 -7.51 21.60 -64.61
C LYS G 142 -7.40 20.66 -65.81
N LYS G 143 -8.43 20.65 -66.67
CA LYS G 143 -8.47 19.66 -67.74
C LYS G 143 -7.89 20.15 -69.06
N SER G 144 -8.09 21.41 -69.41
CA SER G 144 -7.51 21.86 -70.65
C SER G 144 -6.08 22.28 -70.41
N THR G 145 -5.35 22.41 -71.50
CA THR G 145 -4.00 22.91 -71.44
C THR G 145 -3.90 24.34 -71.89
N ASP G 146 -5.03 25.00 -72.12
CA ASP G 146 -4.96 26.41 -72.49
C ASP G 146 -4.47 27.23 -71.30
N GLU G 147 -4.41 28.54 -71.50
CA GLU G 147 -4.13 29.41 -70.37
C GLU G 147 -5.32 29.36 -69.40
N PRO G 148 -5.07 29.32 -68.10
CA PRO G 148 -6.18 29.13 -67.16
C PRO G 148 -7.18 30.27 -67.28
N SER G 149 -8.45 29.91 -67.29
CA SER G 149 -9.50 30.90 -67.43
C SER G 149 -10.78 30.31 -66.85
N GLU G 150 -11.84 31.12 -66.87
CA GLU G 150 -13.16 30.67 -66.47
C GLU G 150 -13.58 29.33 -67.06
N LYS G 151 -13.18 29.01 -68.28
CA LYS G 151 -13.63 27.78 -68.92
C LYS G 151 -13.18 26.53 -68.18
N ASP G 152 -12.11 26.64 -67.38
CA ASP G 152 -11.61 25.50 -66.60
C ASP G 152 -12.51 25.10 -65.45
N ALA G 153 -13.38 26.01 -65.00
CA ALA G 153 -14.30 25.69 -63.94
C ALA G 153 -15.58 25.05 -64.47
N LEU G 154 -15.78 25.03 -65.79
CA LEU G 154 -17.04 24.58 -66.37
C LEU G 154 -17.08 23.07 -66.61
N GLN G 155 -16.34 22.27 -65.84
CA GLN G 155 -16.43 20.82 -65.96
C GLN G 155 -17.67 20.30 -65.23
N PRO G 156 -18.20 19.15 -65.67
CA PRO G 156 -19.31 18.53 -64.96
C PRO G 156 -18.84 17.83 -63.70
N GLY G 157 -19.79 17.68 -62.76
CA GLY G 157 -19.50 17.19 -61.42
C GLY G 157 -18.78 15.85 -61.36
N ARG G 158 -19.00 14.97 -62.35
CA ARG G 158 -18.27 13.70 -62.37
C ARG G 158 -16.77 13.89 -62.25
N ASN G 159 -16.25 15.01 -62.77
CA ASN G 159 -14.83 15.28 -62.84
C ASN G 159 -14.21 15.73 -61.53
N LEU G 160 -14.98 15.70 -60.45
CA LEU G 160 -14.49 16.13 -59.14
C LEU G 160 -13.42 15.18 -58.61
N VAL G 161 -12.34 15.74 -58.06
CA VAL G 161 -11.36 14.92 -57.36
C VAL G 161 -11.75 14.74 -55.90
N ALA G 162 -12.21 15.83 -55.30
CA ALA G 162 -12.60 15.88 -53.91
C ALA G 162 -13.65 16.97 -53.77
N ALA G 163 -14.53 16.81 -52.77
CA ALA G 163 -15.54 17.82 -52.47
C ALA G 163 -15.98 17.65 -51.02
N GLY G 164 -16.68 18.65 -50.52
CA GLY G 164 -17.26 18.48 -49.21
C GLY G 164 -17.71 19.81 -48.63
N TYR G 165 -17.91 19.80 -47.31
CA TYR G 165 -18.44 20.98 -46.67
C TYR G 165 -17.95 21.07 -45.24
N ALA G 166 -17.91 22.30 -44.74
CA ALA G 166 -17.77 22.59 -43.33
C ALA G 166 -19.11 23.08 -42.78
N LEU G 167 -19.60 22.45 -41.72
CA LEU G 167 -20.86 22.86 -41.09
C LEU G 167 -20.55 23.50 -39.75
N TYR G 168 -20.80 24.81 -39.64
CA TYR G 168 -20.57 25.54 -38.39
C TYR G 168 -21.88 25.54 -37.61
N GLY G 169 -22.11 24.42 -36.92
CA GLY G 169 -23.36 24.27 -36.21
C GLY G 169 -23.13 24.27 -34.71
N SER G 170 -23.84 23.41 -33.97
CA SER G 170 -23.54 23.26 -32.56
C SER G 170 -22.10 22.82 -32.38
N ALA G 171 -21.62 21.97 -33.28
CA ALA G 171 -20.19 21.73 -33.45
C ALA G 171 -19.84 22.00 -34.89
N THR G 172 -18.56 22.20 -35.13
CA THR G 172 -18.08 22.38 -36.50
C THR G 172 -17.67 21.02 -37.04
N MET G 173 -18.30 20.61 -38.13
CA MET G 173 -18.00 19.32 -38.76
C MET G 173 -17.53 19.54 -40.18
N LEU G 174 -16.46 18.86 -40.57
CA LEU G 174 -15.98 18.86 -41.95
C LEU G 174 -16.33 17.52 -42.58
N VAL G 175 -17.06 17.55 -43.68
CA VAL G 175 -17.40 16.33 -44.41
C VAL G 175 -16.59 16.33 -45.69
N LEU G 176 -15.71 15.34 -45.84
CA LEU G 176 -14.80 15.27 -46.99
C LEU G 176 -15.06 14.01 -47.78
N ALA G 177 -15.51 14.19 -49.02
CA ALA G 177 -15.79 13.08 -49.93
C ALA G 177 -14.77 13.03 -51.05
N MET G 178 -14.18 11.85 -51.26
CA MET G 178 -13.19 11.62 -52.32
C MET G 178 -13.51 10.27 -52.95
N ASP G 179 -12.60 9.79 -53.79
CA ASP G 179 -12.84 8.54 -54.50
C ASP G 179 -13.07 7.37 -53.54
N CYS G 180 -12.35 7.34 -52.42
CA CYS G 180 -12.50 6.24 -51.47
C CYS G 180 -13.84 6.28 -50.74
N GLY G 181 -14.41 7.45 -50.51
CA GLY G 181 -15.69 7.54 -49.84
C GLY G 181 -15.79 8.83 -49.03
N VAL G 182 -16.74 8.84 -48.10
CA VAL G 182 -17.09 10.03 -47.34
C VAL G 182 -16.69 9.84 -45.89
N ASN G 183 -15.96 10.82 -45.33
CA ASN G 183 -15.54 10.79 -43.93
C ASN G 183 -15.90 12.10 -43.25
N CYS G 184 -16.32 12.01 -41.99
CA CYS G 184 -16.75 13.15 -41.20
C CYS G 184 -15.76 13.46 -40.09
N PHE G 185 -15.30 14.69 -40.03
CA PHE G 185 -14.36 15.15 -39.02
C PHE G 185 -14.99 16.27 -38.21
N MET G 186 -14.85 16.20 -36.88
CA MET G 186 -15.39 17.25 -36.04
C MET G 186 -14.26 18.10 -35.49
N LEU G 187 -14.37 19.41 -35.65
CA LEU G 187 -13.34 20.31 -35.14
C LEU G 187 -13.33 20.26 -33.60
N ASP G 188 -12.17 19.88 -33.05
CA ASP G 188 -11.96 19.96 -31.62
C ASP G 188 -11.37 21.33 -31.38
N PRO G 189 -12.12 22.25 -30.77
CA PRO G 189 -11.61 23.62 -30.62
C PRO G 189 -10.47 23.73 -29.62
N ALA G 190 -10.32 22.77 -28.71
CA ALA G 190 -9.24 22.81 -27.73
C ALA G 190 -7.86 22.74 -28.38
N ILE G 191 -7.72 22.01 -29.50
CA ILE G 191 -6.44 21.83 -30.18
C ILE G 191 -6.49 22.20 -31.66
N GLY G 192 -7.63 22.65 -32.17
CA GLY G 192 -7.70 23.06 -33.55
C GLY G 192 -7.37 21.94 -34.52
N GLU G 193 -7.92 20.77 -34.27
CA GLU G 193 -7.72 19.59 -35.08
C GLU G 193 -9.03 18.92 -35.44
N PHE G 194 -9.14 18.40 -36.67
CA PHE G 194 -10.35 17.71 -37.12
C PHE G 194 -10.26 16.23 -36.77
N ILE G 195 -11.11 15.80 -35.86
CA ILE G 195 -11.09 14.43 -35.37
C ILE G 195 -12.07 13.62 -36.19
N LEU G 196 -11.59 12.49 -36.72
CA LEU G 196 -12.43 11.58 -37.49
C LEU G 196 -13.46 10.94 -36.58
N VAL G 197 -14.74 11.16 -36.88
CA VAL G 197 -15.84 10.66 -36.07
C VAL G 197 -16.79 9.75 -36.83
N ASP G 198 -16.61 9.59 -38.14
CA ASP G 198 -17.52 8.79 -38.96
C ASP G 198 -16.71 8.29 -40.14
N LYS G 199 -16.34 7.02 -40.10
CA LYS G 199 -15.52 6.39 -41.13
C LYS G 199 -16.40 5.87 -42.26
N ASP G 200 -16.09 6.31 -43.48
CA ASP G 200 -16.68 5.73 -44.68
C ASP G 200 -18.22 5.71 -44.60
N VAL G 201 -18.79 6.92 -44.51
CA VAL G 201 -20.21 7.10 -44.25
C VAL G 201 -21.06 6.60 -45.41
N LYS G 202 -22.23 6.05 -45.09
CA LYS G 202 -23.15 5.51 -46.07
C LYS G 202 -24.57 5.95 -45.69
N ILE G 203 -25.27 6.58 -46.62
CA ILE G 203 -26.59 7.09 -46.32
C ILE G 203 -27.55 5.91 -46.14
N LYS G 204 -28.57 6.11 -45.30
CA LYS G 204 -29.60 5.10 -45.19
C LYS G 204 -30.21 4.84 -46.56
N LYS G 205 -30.58 3.59 -46.80
CA LYS G 205 -31.18 3.26 -48.08
C LYS G 205 -32.47 4.03 -48.28
N LYS G 206 -33.27 4.18 -47.23
CA LYS G 206 -34.52 4.92 -47.31
C LYS G 206 -34.73 5.66 -46.01
N GLY G 207 -35.24 6.90 -46.11
CA GLY G 207 -35.44 7.74 -44.96
C GLY G 207 -36.91 7.90 -44.61
N LYS G 208 -37.13 8.63 -43.50
CA LYS G 208 -38.46 8.96 -43.00
C LYS G 208 -38.67 10.47 -42.87
N ILE G 209 -37.85 11.24 -43.58
CA ILE G 209 -37.84 12.70 -43.50
C ILE G 209 -37.70 13.27 -44.90
N TYR G 210 -38.52 14.26 -45.23
CA TYR G 210 -38.36 15.01 -46.47
C TYR G 210 -38.06 16.45 -46.12
N SER G 211 -37.36 17.14 -47.02
CA SER G 211 -36.78 18.43 -46.68
C SER G 211 -36.95 19.39 -47.86
N LEU G 212 -37.83 20.37 -47.71
CA LEU G 212 -37.96 21.46 -48.67
C LEU G 212 -38.83 22.57 -48.10
N ASN G 213 -38.75 23.74 -48.74
CA ASN G 213 -39.53 24.93 -48.42
C ASN G 213 -40.90 24.82 -49.05
N GLU G 214 -41.94 24.61 -48.23
CA GLU G 214 -43.29 24.45 -48.78
C GLU G 214 -44.00 25.77 -49.04
N GLY G 215 -43.37 26.91 -48.76
CA GLY G 215 -43.97 28.19 -49.13
C GLY G 215 -44.12 28.39 -50.62
N TYR G 216 -43.25 27.76 -51.42
CA TYR G 216 -43.36 27.78 -52.88
C TYR G 216 -44.35 26.72 -53.41
N ALA G 217 -45.29 26.25 -52.59
CA ALA G 217 -46.20 25.19 -53.02
C ALA G 217 -47.09 25.62 -54.19
N LYS G 218 -47.47 26.91 -54.22
CA LYS G 218 -48.27 27.45 -55.33
C LYS G 218 -47.54 27.28 -56.68
N ASP G 219 -46.20 27.26 -56.67
CA ASP G 219 -45.39 27.22 -57.88
C ASP G 219 -44.79 25.85 -58.21
N PHE G 220 -45.17 24.79 -57.48
CA PHE G 220 -44.50 23.50 -57.63
C PHE G 220 -44.85 22.85 -58.98
N ASP G 221 -43.82 22.33 -59.64
CA ASP G 221 -43.98 21.32 -60.69
C ASP G 221 -44.97 20.26 -60.19
N PRO G 222 -45.91 19.82 -61.02
CA PRO G 222 -46.91 18.83 -60.54
C PRO G 222 -46.34 17.52 -60.03
N ALA G 223 -45.20 17.06 -60.55
CA ALA G 223 -44.62 15.81 -60.04
C ALA G 223 -44.18 15.95 -58.59
N VAL G 224 -43.60 17.10 -58.26
CA VAL G 224 -43.23 17.36 -56.88
C VAL G 224 -44.46 17.37 -56.00
N THR G 225 -45.54 18.00 -56.47
CA THR G 225 -46.80 17.97 -55.75
C THR G 225 -47.27 16.54 -55.46
N GLU G 226 -47.13 15.63 -56.42
CA GLU G 226 -47.58 14.27 -56.15
C GLU G 226 -46.68 13.58 -55.14
N TYR G 227 -45.36 13.80 -55.24
CA TYR G 227 -44.43 13.14 -54.33
C TYR G 227 -44.63 13.58 -52.87
N ILE G 228 -44.84 14.88 -52.64
CA ILE G 228 -45.07 15.39 -51.29
C ILE G 228 -46.40 14.89 -50.75
N GLN G 229 -47.42 14.84 -51.61
CA GLN G 229 -48.70 14.27 -51.19
C GLN G 229 -48.50 12.85 -50.67
N ARG G 230 -47.61 12.10 -51.31
CA ARG G 230 -47.34 10.72 -50.90
C ARG G 230 -46.62 10.65 -49.56
N LYS G 231 -45.89 11.70 -49.16
CA LYS G 231 -45.14 11.65 -47.92
C LYS G 231 -46.01 11.98 -46.71
N LYS G 232 -46.98 12.87 -46.89
CA LYS G 232 -47.95 13.22 -45.85
C LYS G 232 -49.10 12.24 -45.77
N PHE G 233 -49.50 11.68 -46.93
CA PHE G 233 -50.61 10.74 -47.04
C PHE G 233 -50.16 9.53 -47.85
N PRO G 234 -49.49 8.57 -47.23
CA PRO G 234 -49.02 7.39 -47.97
C PRO G 234 -50.19 6.61 -48.54
N PRO G 235 -50.09 6.17 -49.80
CA PRO G 235 -51.15 5.31 -50.35
C PRO G 235 -51.11 3.90 -49.81
N ASP G 236 -49.93 3.34 -49.54
CA ASP G 236 -49.79 1.97 -49.05
C ASP G 236 -50.09 1.85 -47.54
N ASN G 237 -50.57 2.92 -46.92
CA ASN G 237 -50.89 2.94 -45.49
C ASN G 237 -49.68 2.51 -44.64
N SER G 238 -48.56 3.16 -44.89
CA SER G 238 -47.45 3.16 -43.97
C SER G 238 -47.45 4.52 -43.24
N ALA G 239 -46.43 4.76 -42.42
CA ALA G 239 -46.33 5.97 -41.60
C ALA G 239 -45.92 7.17 -42.46
N PRO G 240 -46.47 8.36 -42.17
CA PRO G 240 -46.04 9.58 -42.87
C PRO G 240 -44.62 9.98 -42.52
N TYR G 241 -44.00 10.72 -43.43
CA TYR G 241 -42.67 11.26 -43.18
C TYR G 241 -42.76 12.53 -42.36
N GLY G 242 -41.69 12.82 -41.63
CA GLY G 242 -41.54 14.13 -41.03
C GLY G 242 -40.79 15.08 -41.93
N ALA G 243 -41.00 16.36 -41.72
CA ALA G 243 -40.38 17.40 -42.51
C ALA G 243 -39.40 18.22 -41.68
N ARG G 244 -38.31 18.63 -42.30
CA ARG G 244 -37.36 19.55 -41.72
C ARG G 244 -36.90 20.45 -42.83
N TYR G 245 -36.74 21.74 -42.53
CA TYR G 245 -36.19 22.65 -43.51
C TYR G 245 -35.54 23.80 -42.76
N VAL G 246 -34.22 23.76 -42.69
CA VAL G 246 -33.44 24.82 -42.07
C VAL G 246 -33.32 26.03 -42.98
N GLY G 247 -33.22 25.82 -44.29
CA GLY G 247 -32.97 26.94 -45.19
C GLY G 247 -31.50 27.28 -45.36
N SER G 248 -30.61 26.61 -44.65
CA SER G 248 -29.19 26.63 -44.94
C SER G 248 -28.83 25.26 -45.52
N MET G 249 -28.35 25.25 -46.78
CA MET G 249 -28.20 23.99 -47.51
C MET G 249 -27.22 23.03 -46.82
N VAL G 250 -26.18 23.54 -46.16
CA VAL G 250 -25.24 22.65 -45.49
C VAL G 250 -25.93 21.85 -44.40
N ALA G 251 -26.77 22.52 -43.56
CA ALA G 251 -27.50 21.81 -42.49
C ALA G 251 -28.50 20.81 -43.05
N ASP G 252 -29.28 21.26 -44.04
CA ASP G 252 -30.28 20.39 -44.64
C ASP G 252 -29.62 19.19 -45.30
N VAL G 253 -28.53 19.40 -46.04
CA VAL G 253 -27.86 18.26 -46.67
C VAL G 253 -27.21 17.40 -45.59
N HIS G 254 -26.59 18.03 -44.59
CA HIS G 254 -25.90 17.24 -43.57
C HIS G 254 -26.87 16.34 -42.81
N ARG G 255 -28.04 16.87 -42.46
CA ARG G 255 -29.04 16.03 -41.81
C ARG G 255 -29.45 14.88 -42.72
N THR G 256 -29.70 15.18 -44.00
CA THR G 256 -30.06 14.17 -44.99
C THR G 256 -29.00 13.08 -45.07
N LEU G 257 -27.73 13.46 -45.04
CA LEU G 257 -26.66 12.45 -45.03
C LEU G 257 -26.75 11.59 -43.78
N VAL G 258 -26.88 12.23 -42.61
CA VAL G 258 -26.73 11.53 -41.33
C VAL G 258 -27.98 10.77 -40.92
N TYR G 259 -29.17 11.24 -41.30
CA TYR G 259 -30.39 10.54 -40.89
C TYR G 259 -31.10 9.80 -42.01
N GLY G 260 -30.76 10.04 -43.27
CA GLY G 260 -31.51 9.47 -44.37
C GLY G 260 -32.73 10.32 -44.71
N GLY G 261 -33.29 10.08 -45.88
CA GLY G 261 -34.41 10.88 -46.33
C GLY G 261 -34.16 11.56 -47.67
N ILE G 262 -34.84 12.68 -47.93
CA ILE G 262 -34.75 13.37 -49.20
C ILE G 262 -34.84 14.88 -49.00
N PHE G 263 -34.01 15.61 -49.73
CA PHE G 263 -33.97 17.08 -49.72
C PHE G 263 -34.28 17.57 -51.14
N LEU G 264 -35.13 18.59 -51.25
CA LEU G 264 -35.55 19.09 -52.55
C LEU G 264 -35.47 20.60 -52.58
N TYR G 265 -34.82 21.12 -53.61
CA TYR G 265 -34.95 22.52 -54.00
C TYR G 265 -35.27 22.55 -55.49
N PRO G 266 -36.52 22.36 -55.84
CA PRO G 266 -36.89 22.21 -57.25
C PRO G 266 -37.07 23.60 -57.84
N ALA G 267 -37.23 23.63 -59.15
CA ALA G 267 -37.51 24.89 -59.81
C ALA G 267 -38.96 25.25 -59.56
N ASN G 268 -39.18 26.44 -59.06
CA ASN G 268 -40.52 27.01 -59.01
C ASN G 268 -40.65 27.99 -60.18
N LYS G 269 -41.83 28.56 -60.34
CA LYS G 269 -42.01 29.47 -61.46
C LYS G 269 -41.31 30.80 -61.21
N LYS G 270 -40.99 31.10 -59.95
CA LYS G 270 -40.18 32.28 -59.62
C LYS G 270 -38.74 32.09 -60.08
N SER G 271 -38.15 30.92 -59.83
CA SER G 271 -36.83 30.54 -60.30
C SER G 271 -36.88 29.37 -61.28
N PRO G 272 -37.03 29.64 -62.59
CA PRO G 272 -37.33 28.55 -63.53
C PRO G 272 -36.15 27.65 -63.81
N ASN G 273 -34.92 28.06 -63.48
CA ASN G 273 -33.76 27.19 -63.61
C ASN G 273 -33.29 26.69 -62.25
N GLY G 274 -34.22 26.60 -61.30
CA GLY G 274 -33.89 26.27 -59.95
C GLY G 274 -33.25 27.44 -59.22
N LYS G 275 -32.86 27.19 -57.98
CA LYS G 275 -32.34 28.27 -57.16
C LYS G 275 -30.90 28.07 -56.75
N LEU G 276 -30.54 26.86 -56.35
CA LEU G 276 -29.18 26.67 -55.87
C LEU G 276 -28.21 26.71 -57.05
N ARG G 277 -26.99 27.13 -56.75
CA ARG G 277 -25.96 27.20 -57.74
C ARG G 277 -25.34 25.82 -57.96
N LEU G 278 -25.08 25.52 -59.24
CA LEU G 278 -24.60 24.20 -59.64
C LEU G 278 -23.15 23.98 -59.22
N LEU G 279 -22.29 24.96 -59.46
CA LEU G 279 -20.86 24.73 -59.35
C LEU G 279 -20.44 24.51 -57.91
N TYR G 280 -20.97 25.32 -56.99
CA TYR G 280 -20.44 25.36 -55.64
C TYR G 280 -21.55 25.13 -54.60
N GLU G 281 -22.73 24.68 -55.02
CA GLU G 281 -23.69 24.17 -54.07
C GLU G 281 -24.13 22.78 -54.52
N CYS G 282 -24.74 22.71 -55.70
CA CYS G 282 -25.39 21.49 -56.14
C CYS G 282 -24.39 20.39 -56.41
N ASN G 283 -23.33 20.69 -57.17
CA ASN G 283 -22.37 19.63 -57.50
C ASN G 283 -21.71 19.05 -56.24
N PRO G 284 -21.07 19.85 -55.37
CA PRO G 284 -20.38 19.24 -54.24
C PRO G 284 -21.29 18.42 -53.34
N MET G 285 -22.56 18.80 -53.19
CA MET G 285 -23.46 17.92 -52.45
C MET G 285 -23.79 16.67 -53.26
N ALA G 286 -23.92 16.81 -54.58
CA ALA G 286 -24.18 15.67 -55.46
C ALA G 286 -23.06 14.63 -55.37
N TYR G 287 -21.81 15.09 -55.39
CA TYR G 287 -20.70 14.18 -55.25
C TYR G 287 -20.72 13.50 -53.89
N VAL G 288 -20.89 14.30 -52.81
CA VAL G 288 -20.93 13.77 -51.44
C VAL G 288 -22.04 12.73 -51.31
N MET G 289 -23.23 13.04 -51.82
CA MET G 289 -24.31 12.06 -51.78
C MET G 289 -23.90 10.77 -52.47
N GLU G 290 -23.52 10.88 -53.76
CA GLU G 290 -23.21 9.69 -54.55
C GLU G 290 -22.06 8.93 -53.94
N LYS G 291 -21.04 9.65 -53.47
CA LYS G 291 -19.95 8.95 -52.79
C LYS G 291 -20.35 8.35 -51.46
N ALA G 292 -21.52 8.72 -50.91
CA ALA G 292 -22.02 8.10 -49.69
C ALA G 292 -23.09 7.06 -49.97
N GLY G 293 -23.26 6.68 -51.23
CA GLY G 293 -24.24 5.72 -51.64
C GLY G 293 -25.60 6.28 -51.97
N GLY G 294 -25.72 7.60 -52.09
CA GLY G 294 -26.99 8.24 -52.37
C GLY G 294 -27.14 8.68 -53.82
N MET G 295 -28.14 9.53 -54.05
CA MET G 295 -28.47 10.00 -55.39
C MET G 295 -28.67 11.51 -55.39
N ALA G 296 -28.51 12.12 -56.56
CA ALA G 296 -28.69 13.57 -56.73
C ALA G 296 -29.01 13.86 -58.19
N THR G 297 -30.24 14.30 -58.47
CA THR G 297 -30.76 14.51 -59.82
C THR G 297 -31.51 15.83 -59.87
N THR G 298 -31.64 16.36 -61.09
CA THR G 298 -32.51 17.48 -61.44
C THR G 298 -33.91 17.05 -61.89
N GLY G 299 -34.14 15.74 -62.03
CA GLY G 299 -35.33 15.20 -62.67
C GLY G 299 -35.07 14.69 -64.09
N LYS G 300 -34.39 15.47 -64.92
CA LYS G 300 -34.07 15.02 -66.28
C LYS G 300 -32.74 14.31 -66.34
N GLU G 301 -31.85 14.54 -65.37
CA GLU G 301 -30.55 13.91 -65.37
C GLU G 301 -29.99 13.97 -63.96
N ALA G 302 -28.86 13.30 -63.78
CA ALA G 302 -28.07 13.40 -62.57
C ALA G 302 -27.35 14.73 -62.53
N VAL G 303 -27.16 15.27 -61.32
CA VAL G 303 -26.52 16.58 -61.19
C VAL G 303 -25.08 16.54 -61.71
N LEU G 304 -24.32 15.51 -61.34
CA LEU G 304 -22.90 15.43 -61.69
C LEU G 304 -22.67 15.28 -63.20
N ASP G 305 -23.71 14.94 -63.96
CA ASP G 305 -23.65 14.84 -65.41
C ASP G 305 -24.01 16.13 -66.14
N VAL G 306 -24.48 17.16 -65.45
CA VAL G 306 -24.79 18.42 -66.11
C VAL G 306 -23.51 19.15 -66.50
N ILE G 307 -23.45 19.61 -67.75
CA ILE G 307 -22.29 20.32 -68.26
C ILE G 307 -22.55 21.80 -68.14
N PRO G 308 -21.83 22.52 -67.29
CA PRO G 308 -22.13 23.93 -67.05
C PRO G 308 -21.64 24.85 -68.15
N THR G 309 -22.40 25.91 -68.39
CA THR G 309 -21.97 26.97 -69.30
C THR G 309 -21.69 28.29 -68.60
N ASP G 310 -22.15 28.45 -67.37
CA ASP G 310 -21.93 29.66 -66.60
C ASP G 310 -21.56 29.27 -65.19
N ILE G 311 -20.60 29.99 -64.60
CA ILE G 311 -20.09 29.58 -63.29
C ILE G 311 -21.13 29.80 -62.20
N HIS G 312 -22.03 30.77 -62.37
CA HIS G 312 -23.05 31.02 -61.37
C HIS G 312 -24.41 30.51 -61.84
N GLN G 313 -24.43 29.57 -62.78
CA GLN G 313 -25.70 29.06 -63.28
C GLN G 313 -26.41 28.23 -62.20
N ARG G 314 -27.73 28.17 -62.29
CA ARG G 314 -28.52 27.51 -61.26
C ARG G 314 -28.98 26.14 -61.73
N ALA G 315 -29.46 25.35 -60.77
CA ALA G 315 -29.91 24.01 -61.07
C ALA G 315 -30.97 23.60 -60.07
N PRO G 316 -32.05 22.94 -60.52
CA PRO G 316 -32.93 22.26 -59.58
C PRO G 316 -32.20 21.06 -58.98
N VAL G 317 -32.58 20.68 -57.77
CA VAL G 317 -31.84 19.61 -57.09
C VAL G 317 -32.79 18.81 -56.21
N ILE G 318 -32.69 17.47 -56.31
CA ILE G 318 -33.33 16.53 -55.40
C ILE G 318 -32.29 15.48 -55.09
N LEU G 319 -31.91 15.37 -53.83
CA LEU G 319 -30.84 14.46 -53.47
C LEU G 319 -31.21 13.70 -52.21
N GLY G 320 -30.41 12.68 -51.90
CA GLY G 320 -30.61 11.95 -50.66
C GLY G 320 -30.59 10.44 -50.76
N SER G 321 -31.43 9.79 -49.96
CA SER G 321 -31.45 8.34 -49.89
C SER G 321 -31.90 7.73 -51.21
N PRO G 322 -31.27 6.63 -51.63
CA PRO G 322 -31.55 6.09 -52.98
C PRO G 322 -32.99 5.67 -53.20
N ASP G 323 -33.64 5.01 -52.23
CA ASP G 323 -35.05 4.64 -52.42
C ASP G 323 -35.93 5.87 -52.59
N ASP G 324 -35.59 6.96 -51.92
CA ASP G 324 -36.45 8.14 -51.96
C ASP G 324 -36.27 8.92 -53.26
N VAL G 325 -35.03 9.14 -53.68
CA VAL G 325 -34.79 9.82 -54.95
C VAL G 325 -35.39 9.02 -56.09
N LEU G 326 -35.31 7.69 -56.01
CA LEU G 326 -35.95 6.84 -57.01
C LEU G 326 -37.46 6.98 -57.00
N GLU G 327 -38.06 6.96 -55.80
CA GLU G 327 -39.50 7.14 -55.69
C GLU G 327 -39.92 8.47 -56.29
N PHE G 328 -39.11 9.52 -56.09
CA PHE G 328 -39.40 10.80 -56.70
C PHE G 328 -39.32 10.69 -58.21
N LEU G 329 -38.26 10.05 -58.71
CA LEU G 329 -38.11 9.94 -60.15
C LEU G 329 -39.28 9.17 -60.76
N LYS G 330 -39.79 8.17 -60.04
CA LYS G 330 -40.95 7.43 -60.55
C LYS G 330 -42.14 8.37 -60.74
N VAL G 331 -42.32 9.32 -59.83
CA VAL G 331 -43.40 10.29 -59.93
C VAL G 331 -43.12 11.35 -61.00
N TYR G 332 -41.86 11.71 -61.19
CA TYR G 332 -41.50 12.60 -62.29
C TYR G 332 -41.79 11.94 -63.64
N GLU G 333 -41.55 10.63 -63.74
CA GLU G 333 -41.78 9.89 -64.97
C GLU G 333 -43.25 9.96 -65.38
N LYS G 334 -44.15 9.78 -64.42
CA LYS G 334 -45.59 9.79 -64.70
C LYS G 334 -46.05 11.07 -65.37
N HIS G 335 -45.40 12.21 -65.12
CA HIS G 335 -45.82 13.48 -65.69
C HIS G 335 -45.08 13.77 -67.00
N SER G 336 -45.36 12.90 -67.99
CA SER G 336 -44.81 12.91 -69.35
C SER G 336 -43.30 12.69 -69.39
N ASP H 10 -22.86 51.83 -25.09
CA ASP H 10 -21.62 51.36 -24.48
C ASP H 10 -21.61 49.83 -24.45
N VAL H 11 -20.46 49.23 -24.16
CA VAL H 11 -20.31 47.77 -24.14
C VAL H 11 -20.77 47.22 -22.79
N ASN H 12 -21.75 46.32 -22.82
CA ASN H 12 -22.32 45.76 -21.62
C ASN H 12 -22.31 44.24 -21.64
N THR H 13 -21.98 43.64 -20.52
CA THR H 13 -22.02 42.20 -20.37
C THR H 13 -23.19 41.81 -19.51
N LEU H 14 -23.61 40.55 -19.62
CA LEU H 14 -24.72 40.03 -18.82
C LEU H 14 -24.50 40.24 -17.32
N THR H 15 -23.28 39.97 -16.84
CA THR H 15 -23.00 40.10 -15.41
C THR H 15 -23.08 41.55 -14.94
N ARG H 16 -22.58 42.50 -15.75
CA ARG H 16 -22.70 43.90 -15.38
C ARG H 16 -24.16 44.35 -15.39
N PHE H 17 -24.88 43.98 -16.45
CA PHE H 17 -26.27 44.39 -16.62
C PHE H 17 -27.11 43.92 -15.44
N VAL H 18 -26.94 42.67 -15.07
CA VAL H 18 -27.74 42.14 -13.97
C VAL H 18 -27.36 42.78 -12.63
N MET H 19 -26.07 43.08 -12.41
CA MET H 19 -25.71 43.76 -11.18
C MET H 19 -26.25 45.19 -11.16
N GLU H 20 -26.15 45.91 -12.28
CA GLU H 20 -26.66 47.29 -12.31
C GLU H 20 -28.16 47.34 -12.04
N GLU H 21 -28.94 46.49 -12.72
CA GLU H 21 -30.38 46.49 -12.47
C GLU H 21 -30.73 45.98 -11.07
N GLY H 22 -29.94 45.05 -10.52
CA GLY H 22 -30.20 44.55 -9.19
C GLY H 22 -29.88 45.56 -8.10
N ARG H 23 -28.80 46.33 -8.28
CA ARG H 23 -28.52 47.40 -7.32
C ARG H 23 -29.60 48.46 -7.37
N LYS H 24 -30.04 48.81 -8.58
CA LYS H 24 -31.03 49.85 -8.79
C LYS H 24 -32.30 49.57 -7.96
N ALA H 25 -32.70 48.30 -7.89
CA ALA H 25 -33.90 47.88 -7.14
C ALA H 25 -33.60 47.54 -5.68
N ARG H 26 -32.35 47.70 -5.26
CA ARG H 26 -31.93 47.45 -3.88
C ARG H 26 -32.37 46.06 -3.41
N GLY H 27 -32.40 45.09 -4.31
CA GLY H 27 -32.79 43.74 -3.93
C GLY H 27 -31.69 43.06 -3.14
N THR H 28 -32.01 41.86 -2.63
CA THR H 28 -31.07 41.17 -1.73
C THR H 28 -29.88 40.53 -2.43
N GLY H 29 -29.96 40.34 -3.77
CA GLY H 29 -28.91 39.71 -4.54
C GLY H 29 -29.17 38.28 -4.96
N GLU H 30 -30.26 37.68 -4.48
CA GLU H 30 -30.47 36.26 -4.72
C GLU H 30 -30.71 35.94 -6.20
N LEU H 31 -31.50 36.77 -6.90
CA LEU H 31 -31.77 36.51 -8.32
C LEU H 31 -30.52 36.68 -9.16
N THR H 32 -29.74 37.72 -8.87
CA THR H 32 -28.48 37.94 -9.57
C THR H 32 -27.55 36.75 -9.39
N GLN H 33 -27.51 36.18 -8.19
CA GLN H 33 -26.77 34.93 -8.01
C GLN H 33 -27.35 33.80 -8.85
N LEU H 34 -28.67 33.69 -8.91
CA LEU H 34 -29.29 32.62 -9.69
C LEU H 34 -28.89 32.71 -11.15
N LEU H 35 -28.95 33.91 -11.73
CA LEU H 35 -28.62 34.10 -13.14
C LEU H 35 -27.14 33.87 -13.40
N ASN H 36 -26.28 34.33 -12.50
CA ASN H 36 -24.86 34.06 -12.65
C ASN H 36 -24.60 32.57 -12.65
N SER H 37 -25.29 31.83 -11.78
CA SER H 37 -25.14 30.38 -11.78
C SER H 37 -25.61 29.77 -13.09
N LEU H 38 -26.71 30.28 -13.63
CA LEU H 38 -27.25 29.72 -14.88
C LEU H 38 -26.33 29.96 -16.06
N CYS H 39 -25.85 31.19 -16.21
CA CYS H 39 -25.01 31.49 -17.37
C CYS H 39 -23.69 30.74 -17.29
N THR H 40 -23.13 30.58 -16.08
CA THR H 40 -21.93 29.76 -15.93
C THR H 40 -22.21 28.33 -16.38
N ALA H 41 -23.38 27.81 -16.02
CA ALA H 41 -23.81 26.53 -16.57
C ALA H 41 -23.90 26.56 -18.10
N VAL H 42 -24.46 27.64 -18.66
CA VAL H 42 -24.61 27.74 -20.12
C VAL H 42 -23.24 27.72 -20.81
N LYS H 43 -22.27 28.47 -20.27
CA LYS H 43 -20.95 28.51 -20.87
C LYS H 43 -20.31 27.13 -20.90
N ALA H 44 -20.46 26.37 -19.81
CA ALA H 44 -19.92 25.02 -19.78
C ALA H 44 -20.62 24.13 -20.78
N ILE H 45 -21.95 24.18 -20.80
CA ILE H 45 -22.71 23.35 -21.74
C ILE H 45 -22.31 23.65 -23.16
N SER H 46 -22.15 24.93 -23.48
CA SER H 46 -21.70 25.34 -24.81
C SER H 46 -20.36 24.70 -25.14
N SER H 47 -19.42 24.74 -24.20
CA SER H 47 -18.11 24.14 -24.44
C SER H 47 -18.26 22.65 -24.68
N ALA H 48 -19.05 21.99 -23.85
CA ALA H 48 -19.26 20.56 -24.04
C ALA H 48 -19.94 20.27 -25.36
N VAL H 49 -20.85 21.15 -25.79
CA VAL H 49 -21.61 20.89 -27.01
C VAL H 49 -20.73 21.04 -28.26
N ARG H 50 -19.72 21.93 -28.23
CA ARG H 50 -18.82 22.10 -29.37
C ARG H 50 -17.83 20.95 -29.54
N LYS H 51 -17.75 20.00 -28.59
CA LYS H 51 -16.89 18.83 -28.67
C LYS H 51 -17.69 17.55 -28.46
N ALA H 52 -18.96 17.52 -28.83
CA ALA H 52 -19.80 16.37 -28.50
C ALA H 52 -19.34 15.09 -29.20
N GLY H 53 -18.59 15.20 -30.29
CA GLY H 53 -18.28 14.03 -31.10
C GLY H 53 -17.29 13.11 -30.43
N ILE H 54 -16.31 13.67 -29.73
CA ILE H 54 -15.39 12.85 -28.95
C ILE H 54 -16.10 12.20 -27.77
N ALA H 55 -16.84 11.12 -28.05
CA ALA H 55 -17.48 10.30 -27.02
C ALA H 55 -16.39 9.49 -26.33
N LYS H 73 -26.01 10.28 -22.70
CA LYS H 73 -25.01 10.78 -21.77
C LYS H 73 -24.96 12.30 -21.71
N LEU H 74 -25.15 12.94 -22.86
CA LEU H 74 -24.85 14.37 -22.91
C LEU H 74 -26.01 15.22 -22.38
N ASP H 75 -27.25 14.85 -22.67
CA ASP H 75 -28.33 15.62 -22.06
C ASP H 75 -28.38 15.41 -20.56
N VAL H 76 -27.73 14.35 -20.05
CA VAL H 76 -27.65 14.13 -18.62
C VAL H 76 -26.51 14.90 -17.96
N LEU H 77 -25.33 15.02 -18.59
CA LEU H 77 -24.31 15.93 -18.05
C LEU H 77 -24.89 17.32 -17.85
N SER H 78 -25.59 17.83 -18.86
CA SER H 78 -26.11 19.18 -18.78
C SER H 78 -27.11 19.31 -17.64
N ASN H 79 -27.92 18.26 -17.41
CA ASN H 79 -28.85 18.31 -16.28
C ASN H 79 -28.08 18.36 -14.96
N ASP H 80 -27.11 17.46 -14.78
CA ASP H 80 -26.34 17.48 -13.55
C ASP H 80 -25.64 18.81 -13.37
N LEU H 81 -25.21 19.41 -14.48
CA LEU H 81 -24.58 20.73 -14.45
C LEU H 81 -25.53 21.80 -13.92
N VAL H 82 -26.70 21.94 -14.57
CA VAL H 82 -27.60 23.02 -14.14
C VAL H 82 -28.10 22.77 -12.73
N MET H 83 -28.45 21.51 -12.41
CA MET H 83 -28.95 21.16 -11.08
C MET H 83 -27.99 21.59 -9.97
N ASN H 84 -26.72 21.21 -10.08
CA ASN H 84 -25.80 21.46 -8.97
C ASN H 84 -25.32 22.90 -8.98
N MET H 85 -25.24 23.53 -10.15
CA MET H 85 -25.00 24.97 -10.22
C MET H 85 -26.14 25.76 -9.58
N LEU H 86 -27.39 25.31 -9.76
CA LEU H 86 -28.53 25.98 -9.16
C LEU H 86 -28.64 25.70 -7.66
N LYS H 87 -28.51 24.44 -7.25
CA LYS H 87 -28.57 24.08 -5.82
C LYS H 87 -27.59 24.93 -5.03
N SER H 88 -26.36 25.01 -5.51
CA SER H 88 -25.28 25.65 -4.78
C SER H 88 -25.24 27.13 -5.02
N SER H 89 -26.23 27.68 -5.70
CA SER H 89 -26.33 29.13 -5.78
C SER H 89 -26.91 29.72 -4.50
N PHE H 90 -27.53 28.90 -3.66
CA PHE H 90 -28.24 29.34 -2.47
C PHE H 90 -29.46 30.19 -2.80
N ALA H 91 -30.00 30.05 -4.02
CA ALA H 91 -31.13 30.85 -4.46
C ALA H 91 -32.35 30.02 -4.86
N THR H 92 -32.30 28.72 -4.70
CA THR H 92 -33.37 27.87 -5.18
C THR H 92 -33.86 26.96 -4.07
N CYS H 93 -35.12 26.61 -4.16
CA CYS H 93 -35.71 25.61 -3.29
C CYS H 93 -36.39 24.49 -4.05
N VAL H 94 -36.90 24.77 -5.25
CA VAL H 94 -37.55 23.77 -6.06
C VAL H 94 -36.98 23.89 -7.46
N LEU H 95 -36.56 22.76 -8.02
CA LEU H 95 -36.04 22.67 -9.39
C LEU H 95 -36.82 21.60 -10.13
N VAL H 96 -37.43 21.99 -11.25
CA VAL H 96 -38.16 21.06 -12.12
C VAL H 96 -37.39 20.93 -13.43
N SER H 97 -37.06 19.69 -13.81
CA SER H 97 -36.27 19.40 -15.01
C SER H 97 -36.99 18.40 -15.91
N GLU H 98 -36.73 18.50 -17.22
CA GLU H 98 -37.27 17.48 -18.13
C GLU H 98 -36.72 16.08 -17.80
N GLU H 99 -35.53 16.00 -17.22
CA GLU H 99 -34.85 14.72 -16.98
C GLU H 99 -35.21 14.04 -15.68
N ASP H 100 -35.97 14.69 -14.80
CA ASP H 100 -36.35 14.10 -13.52
C ASP H 100 -37.86 14.03 -13.42
N LYS H 101 -38.38 12.89 -12.95
CA LYS H 101 -39.83 12.68 -12.95
C LYS H 101 -40.51 13.58 -11.93
N HIS H 102 -39.90 13.76 -10.77
CA HIS H 102 -40.42 14.65 -9.74
C HIS H 102 -39.55 15.88 -9.57
N ALA H 103 -40.16 16.90 -8.95
CA ALA H 103 -39.42 18.09 -8.58
C ALA H 103 -38.26 17.72 -7.66
N ILE H 104 -37.20 18.51 -7.74
CA ILE H 104 -36.03 18.32 -6.91
C ILE H 104 -36.09 19.37 -5.83
N ILE H 105 -36.03 18.96 -4.57
CA ILE H 105 -36.13 19.89 -3.46
C ILE H 105 -34.74 20.17 -2.92
N VAL H 106 -34.36 21.44 -2.93
CA VAL H 106 -33.04 21.82 -2.44
C VAL H 106 -32.98 21.60 -0.93
N GLU H 107 -31.84 21.06 -0.47
CA GLU H 107 -31.62 20.86 0.95
C GLU H 107 -31.65 22.21 1.66
N PRO H 108 -32.04 22.21 2.95
CA PRO H 108 -32.29 23.48 3.65
C PRO H 108 -31.08 24.38 3.81
N GLU H 109 -29.87 23.82 3.99
CA GLU H 109 -28.69 24.65 4.22
C GLU H 109 -28.42 25.59 3.06
N LYS H 110 -28.77 25.16 1.83
CA LYS H 110 -28.51 25.91 0.60
C LYS H 110 -29.78 26.48 -0.02
N ARG H 111 -30.88 26.52 0.70
CA ARG H 111 -32.17 26.82 0.12
C ARG H 111 -32.36 28.32 -0.11
N GLY H 112 -33.09 28.67 -1.18
CA GLY H 112 -33.34 30.06 -1.57
C GLY H 112 -34.75 30.31 -2.08
N LYS H 113 -35.04 31.51 -2.55
CA LYS H 113 -36.45 31.90 -2.68
C LYS H 113 -37.08 31.62 -4.04
N TYR H 114 -36.39 30.96 -4.98
CA TYR H 114 -36.91 30.82 -6.33
C TYR H 114 -37.19 29.38 -6.72
N VAL H 115 -38.18 29.23 -7.61
CA VAL H 115 -38.47 27.98 -8.28
C VAL H 115 -37.99 28.12 -9.74
N VAL H 116 -37.33 27.08 -10.22
CA VAL H 116 -36.73 27.11 -11.54
C VAL H 116 -37.22 25.92 -12.33
N CYS H 117 -37.79 26.17 -13.51
CA CYS H 117 -38.12 25.12 -14.46
C CYS H 117 -37.21 25.18 -15.70
N PHE H 118 -36.64 24.05 -16.09
CA PHE H 118 -35.67 24.12 -17.19
C PHE H 118 -35.55 22.80 -17.97
N ASP H 119 -35.38 22.95 -19.30
CA ASP H 119 -34.89 21.86 -20.15
C ASP H 119 -33.41 22.11 -20.40
N PRO H 120 -32.52 21.31 -19.83
CA PRO H 120 -31.09 21.67 -19.93
C PRO H 120 -30.52 21.51 -21.33
N LEU H 121 -31.02 20.54 -22.12
CA LEU H 121 -30.54 20.39 -23.49
C LEU H 121 -31.72 19.90 -24.34
N ASP H 122 -32.59 20.84 -24.70
CA ASP H 122 -33.72 20.54 -25.57
C ASP H 122 -33.23 20.35 -27.00
N GLY H 123 -33.76 19.33 -27.64
CA GLY H 123 -33.34 18.99 -28.98
C GLY H 123 -32.14 18.10 -29.06
N SER H 124 -31.74 17.47 -27.95
CA SER H 124 -30.61 16.56 -27.98
C SER H 124 -30.90 15.31 -28.81
N SER H 125 -32.15 15.09 -29.22
CA SER H 125 -32.47 14.07 -30.23
C SER H 125 -32.09 14.53 -31.64
N ASN H 126 -31.85 15.84 -31.83
CA ASN H 126 -31.39 16.42 -33.10
C ASN H 126 -29.97 16.96 -32.97
N ILE H 127 -29.08 16.22 -32.30
CA ILE H 127 -27.69 16.65 -32.16
C ILE H 127 -26.75 15.96 -33.13
N ASP H 128 -27.14 14.81 -33.71
CA ASP H 128 -26.33 14.17 -34.73
C ASP H 128 -26.23 15.05 -35.98
N CYS H 129 -27.30 15.74 -36.34
CA CYS H 129 -27.26 16.64 -37.48
C CYS H 129 -26.65 17.99 -37.16
N LEU H 130 -26.13 18.17 -35.93
CA LEU H 130 -25.41 19.37 -35.48
C LEU H 130 -26.22 20.63 -35.65
N VAL H 131 -27.53 20.49 -35.87
CA VAL H 131 -28.41 21.65 -35.87
C VAL H 131 -28.53 22.05 -34.41
N SER H 132 -29.12 23.22 -34.14
CA SER H 132 -29.09 23.82 -32.81
C SER H 132 -29.60 22.90 -31.70
N VAL H 133 -28.98 23.08 -30.53
CA VAL H 133 -29.51 22.61 -29.25
C VAL H 133 -29.69 23.84 -28.36
N GLY H 134 -30.42 23.65 -27.25
CA GLY H 134 -30.68 24.80 -26.41
C GLY H 134 -30.99 24.48 -24.96
N THR H 135 -30.83 25.50 -24.13
CA THR H 135 -31.22 25.44 -22.73
C THR H 135 -32.33 26.46 -22.52
N ILE H 136 -33.44 26.01 -21.94
CA ILE H 136 -34.60 26.86 -21.65
C ILE H 136 -34.86 26.88 -20.15
N PHE H 137 -35.16 28.06 -19.63
CA PHE H 137 -35.40 28.19 -18.22
C PHE H 137 -36.55 29.15 -17.96
N GLY H 138 -37.29 28.87 -16.90
CA GLY H 138 -38.23 29.84 -16.33
C GLY H 138 -38.04 29.96 -14.84
N ILE H 139 -38.08 31.19 -14.34
CA ILE H 139 -37.84 31.47 -12.93
C ILE H 139 -39.10 32.04 -12.30
N TYR H 140 -39.56 31.42 -11.23
CA TYR H 140 -40.70 31.86 -10.46
C TYR H 140 -40.24 32.18 -9.04
N ARG H 141 -41.02 33.01 -8.34
CA ARG H 141 -40.77 33.30 -6.93
C ARG H 141 -41.60 32.36 -6.06
N LYS H 142 -41.03 31.92 -4.93
CA LYS H 142 -41.78 31.05 -4.03
C LYS H 142 -42.90 31.85 -3.38
N LYS H 143 -44.13 31.37 -3.53
CA LYS H 143 -45.32 32.16 -3.19
C LYS H 143 -45.86 31.93 -1.76
N SER H 144 -45.85 30.68 -1.30
CA SER H 144 -46.23 30.23 0.03
C SER H 144 -45.01 30.20 0.95
N THR H 145 -45.26 30.05 2.25
CA THR H 145 -44.17 29.79 3.19
C THR H 145 -44.16 28.34 3.67
N ASP H 146 -44.94 27.44 3.06
CA ASP H 146 -44.89 26.03 3.44
C ASP H 146 -43.53 25.40 3.17
N GLU H 147 -43.42 24.10 3.39
CA GLU H 147 -42.25 23.36 2.96
C GLU H 147 -42.21 23.29 1.43
N PRO H 148 -41.03 23.48 0.83
CA PRO H 148 -40.93 23.35 -0.63
C PRO H 148 -41.33 21.97 -1.13
N SER H 149 -42.12 21.97 -2.20
CA SER H 149 -42.69 20.73 -2.72
C SER H 149 -42.93 20.91 -4.21
N GLU H 150 -43.32 19.81 -4.86
CA GLU H 150 -43.68 19.87 -6.27
C GLU H 150 -44.77 20.90 -6.54
N LYS H 151 -45.71 21.07 -5.60
CA LYS H 151 -46.84 21.99 -5.74
C LYS H 151 -46.41 23.45 -5.83
N ASP H 152 -45.22 23.81 -5.36
CA ASP H 152 -44.70 25.17 -5.51
C ASP H 152 -44.36 25.54 -6.95
N ALA H 153 -44.16 24.56 -7.84
CA ALA H 153 -43.79 24.82 -9.23
C ALA H 153 -44.98 25.02 -10.16
N LEU H 154 -46.21 24.82 -9.67
CA LEU H 154 -47.38 24.84 -10.53
C LEU H 154 -47.96 26.23 -10.71
N GLN H 155 -47.15 27.27 -10.70
CA GLN H 155 -47.64 28.61 -10.97
C GLN H 155 -47.89 28.81 -12.47
N PRO H 156 -48.80 29.70 -12.84
CA PRO H 156 -49.00 30.01 -14.26
C PRO H 156 -47.86 30.85 -14.83
N GLY H 157 -47.76 30.86 -16.16
CA GLY H 157 -46.67 31.58 -16.79
C GLY H 157 -46.66 33.06 -16.44
N ARG H 158 -47.85 33.65 -16.20
CA ARG H 158 -47.94 35.04 -15.79
C ARG H 158 -47.06 35.35 -14.58
N ASN H 159 -46.84 34.36 -13.70
CA ASN H 159 -46.08 34.60 -12.47
C ASN H 159 -44.56 34.58 -12.68
N LEU H 160 -44.12 34.45 -13.93
CA LEU H 160 -42.69 34.37 -14.22
C LEU H 160 -42.00 35.68 -13.85
N VAL H 161 -40.87 35.54 -13.16
CA VAL H 161 -40.00 36.65 -12.80
C VAL H 161 -38.97 36.93 -13.89
N ALA H 162 -38.40 35.87 -14.45
CA ALA H 162 -37.41 35.89 -15.52
C ALA H 162 -37.45 34.55 -16.24
N ALA H 163 -37.20 34.59 -17.56
CA ALA H 163 -37.24 33.40 -18.40
C ALA H 163 -36.42 33.65 -19.64
N GLY H 164 -36.09 32.57 -20.33
CA GLY H 164 -35.37 32.74 -21.58
C GLY H 164 -34.70 31.45 -22.01
N TYR H 165 -33.67 31.62 -22.82
CA TYR H 165 -32.99 30.45 -23.37
C TYR H 165 -31.56 30.77 -23.75
N ALA H 166 -30.77 29.72 -23.78
CA ALA H 166 -29.47 29.76 -24.44
C ALA H 166 -29.60 28.94 -25.73
N LEU H 167 -29.17 29.52 -26.83
CA LEU H 167 -29.15 28.85 -28.13
C LEU H 167 -27.70 28.48 -28.45
N TYR H 168 -27.38 27.18 -28.50
CA TYR H 168 -26.02 26.71 -28.87
C TYR H 168 -25.98 26.46 -30.39
N GLY H 169 -25.76 27.52 -31.15
CA GLY H 169 -25.82 27.39 -32.59
C GLY H 169 -24.50 27.63 -33.30
N SER H 170 -24.53 28.31 -34.44
CA SER H 170 -23.28 28.75 -35.03
C SER H 170 -22.50 29.61 -34.05
N ALA H 171 -23.20 30.40 -33.25
CA ALA H 171 -22.68 31.03 -32.04
C ALA H 171 -23.61 30.68 -30.90
N THR H 172 -23.16 30.95 -29.68
CA THR H 172 -23.99 30.77 -28.49
C THR H 172 -24.64 32.08 -28.07
N MET H 173 -25.96 32.09 -28.06
CA MET H 173 -26.67 33.30 -27.64
C MET H 173 -27.59 33.04 -26.45
N LEU H 174 -27.55 33.96 -25.48
CA LEU H 174 -28.46 33.94 -24.33
C LEU H 174 -29.51 35.02 -24.49
N VAL H 175 -30.77 34.62 -24.46
CA VAL H 175 -31.89 35.55 -24.53
C VAL H 175 -32.60 35.54 -23.17
N LEU H 176 -32.57 36.68 -22.50
CA LEU H 176 -33.07 36.80 -21.14
C LEU H 176 -34.23 37.78 -21.13
N ALA H 177 -35.41 37.31 -20.81
CA ALA H 177 -36.61 38.14 -20.74
C ALA H 177 -36.98 38.35 -19.29
N MET H 178 -37.18 39.61 -18.92
CA MET H 178 -37.61 39.95 -17.58
C MET H 178 -38.73 40.98 -17.63
N ASP H 179 -39.07 41.56 -16.48
CA ASP H 179 -40.18 42.51 -16.49
C ASP H 179 -39.87 43.69 -17.39
N CYS H 180 -38.61 44.14 -17.42
CA CYS H 180 -38.26 45.29 -18.24
C CYS H 180 -38.36 44.96 -19.73
N GLY H 181 -38.15 43.72 -20.12
CA GLY H 181 -38.23 43.35 -21.51
C GLY H 181 -37.21 42.25 -21.82
N VAL H 182 -36.86 42.14 -23.11
CA VAL H 182 -36.01 41.06 -23.61
C VAL H 182 -34.65 41.63 -24.05
N ASN H 183 -33.57 40.97 -23.62
CA ASN H 183 -32.21 41.32 -24.03
C ASN H 183 -31.45 40.11 -24.55
N CYS H 184 -30.64 40.32 -25.61
CA CYS H 184 -29.87 39.23 -26.24
C CYS H 184 -28.37 39.41 -26.00
N PHE H 185 -27.76 38.37 -25.47
CA PHE H 185 -26.34 38.36 -25.17
C PHE H 185 -25.67 37.29 -26.03
N MET H 186 -24.48 37.62 -26.54
CA MET H 186 -23.68 36.68 -27.31
C MET H 186 -22.50 36.21 -26.48
N LEU H 187 -22.31 34.89 -26.41
CA LEU H 187 -21.15 34.37 -25.70
C LEU H 187 -19.89 34.64 -26.51
N ASP H 188 -18.96 35.39 -25.91
CA ASP H 188 -17.62 35.55 -26.48
C ASP H 188 -16.77 34.42 -25.92
N PRO H 189 -16.39 33.44 -26.73
CA PRO H 189 -15.72 32.26 -26.16
C PRO H 189 -14.31 32.55 -25.66
N ALA H 190 -13.64 33.57 -26.20
CA ALA H 190 -12.31 33.95 -25.74
C ALA H 190 -12.30 34.48 -24.30
N ILE H 191 -13.36 35.14 -23.84
CA ILE H 191 -13.34 35.73 -22.50
C ILE H 191 -14.47 35.22 -21.60
N GLY H 192 -15.34 34.35 -22.11
CA GLY H 192 -16.39 33.81 -21.27
C GLY H 192 -17.36 34.81 -20.70
N GLU H 193 -17.77 35.79 -21.51
CA GLU H 193 -18.74 36.80 -21.10
C GLU H 193 -19.82 36.90 -22.16
N PHE H 194 -21.04 37.08 -21.73
CA PHE H 194 -22.16 37.26 -22.65
C PHE H 194 -22.28 38.75 -22.94
N ILE H 195 -22.07 39.13 -24.21
CA ILE H 195 -22.10 40.54 -24.58
C ILE H 195 -23.50 40.94 -25.04
N LEU H 196 -23.99 42.06 -24.52
CA LEU H 196 -25.30 42.57 -24.91
C LEU H 196 -25.21 43.00 -26.37
N VAL H 197 -26.00 42.38 -27.23
CA VAL H 197 -26.00 42.68 -28.65
C VAL H 197 -27.36 43.14 -29.16
N ASP H 198 -28.39 43.11 -28.32
CA ASP H 198 -29.72 43.46 -28.77
C ASP H 198 -30.51 43.92 -27.54
N LYS H 199 -30.60 45.24 -27.35
CA LYS H 199 -31.32 45.77 -26.19
C LYS H 199 -32.80 45.87 -26.51
N ASP H 200 -33.63 45.36 -25.62
CA ASP H 200 -35.08 45.53 -25.63
C ASP H 200 -35.68 45.13 -26.97
N VAL H 201 -35.42 43.89 -27.38
CA VAL H 201 -35.85 43.46 -28.71
C VAL H 201 -37.37 43.34 -28.75
N LYS H 202 -37.93 43.61 -29.92
CA LYS H 202 -39.38 43.58 -30.13
C LYS H 202 -39.68 42.89 -31.46
N ILE H 203 -40.57 41.90 -31.40
CA ILE H 203 -40.90 41.12 -32.57
C ILE H 203 -41.68 41.98 -33.57
N LYS H 204 -41.50 41.70 -34.86
CA LYS H 204 -42.26 42.32 -35.94
C LYS H 204 -43.75 42.12 -35.74
N LYS H 205 -44.53 43.13 -36.14
CA LYS H 205 -45.99 43.05 -35.97
C LYS H 205 -46.60 41.90 -36.77
N LYS H 206 -46.09 41.64 -37.97
CA LYS H 206 -46.54 40.57 -38.85
C LYS H 206 -45.30 40.04 -39.56
N GLY H 207 -45.22 38.72 -39.75
CA GLY H 207 -44.10 38.06 -40.37
C GLY H 207 -44.39 37.43 -41.74
N LYS H 208 -43.32 36.89 -42.34
CA LYS H 208 -43.41 36.23 -43.64
C LYS H 208 -42.97 34.77 -43.60
N ILE H 209 -42.89 34.16 -42.42
CA ILE H 209 -42.38 32.80 -42.32
C ILE H 209 -43.26 31.99 -41.38
N TYR H 210 -43.67 30.80 -41.82
CA TYR H 210 -44.44 29.92 -40.94
C TYR H 210 -43.65 28.64 -40.68
N SER H 211 -43.82 28.09 -39.47
CA SER H 211 -42.90 27.07 -38.95
C SER H 211 -43.66 26.00 -38.19
N LEU H 212 -43.69 24.79 -38.75
CA LEU H 212 -44.22 23.60 -38.11
C LEU H 212 -43.84 22.42 -39.00
N ASN H 213 -44.01 21.21 -38.45
CA ASN H 213 -43.78 19.96 -39.17
C ASN H 213 -45.02 19.61 -39.97
N GLU H 214 -44.95 19.75 -41.29
CA GLU H 214 -46.12 19.46 -42.11
C GLU H 214 -46.24 17.99 -42.45
N GLY H 215 -45.30 17.15 -42.03
CA GLY H 215 -45.44 15.74 -42.31
C GLY H 215 -46.64 15.15 -41.61
N TYR H 216 -47.01 15.71 -40.46
CA TYR H 216 -48.18 15.29 -39.72
C TYR H 216 -49.44 15.98 -40.22
N ALA H 217 -49.46 16.37 -41.51
CA ALA H 217 -50.62 17.05 -42.07
C ALA H 217 -51.85 16.17 -42.05
N LYS H 218 -51.66 14.85 -42.19
CA LYS H 218 -52.77 13.90 -42.10
C LYS H 218 -53.56 14.04 -40.81
N ASP H 219 -52.90 14.48 -39.73
CA ASP H 219 -53.51 14.55 -38.41
C ASP H 219 -53.89 15.95 -37.99
N PHE H 220 -53.82 16.94 -38.87
CA PHE H 220 -54.05 18.31 -38.45
C PHE H 220 -55.51 18.51 -38.05
N ASP H 221 -55.71 19.14 -36.90
CA ASP H 221 -56.97 19.81 -36.65
C ASP H 221 -57.30 20.69 -37.86
N PRO H 222 -58.54 20.66 -38.36
CA PRO H 222 -58.87 21.43 -39.58
C PRO H 222 -58.55 22.91 -39.51
N ALA H 223 -58.57 23.52 -38.32
CA ALA H 223 -58.18 24.92 -38.22
C ALA H 223 -56.74 25.11 -38.68
N VAL H 224 -55.86 24.19 -38.28
CA VAL H 224 -54.44 24.21 -38.67
C VAL H 224 -54.29 23.96 -40.16
N THR H 225 -55.01 22.98 -40.69
CA THR H 225 -55.00 22.72 -42.13
C THR H 225 -55.37 23.96 -42.94
N GLU H 226 -56.46 24.64 -42.55
CA GLU H 226 -56.91 25.79 -43.34
C GLU H 226 -55.96 26.97 -43.20
N TYR H 227 -55.41 27.20 -42.01
CA TYR H 227 -54.51 28.33 -41.84
C TYR H 227 -53.25 28.17 -42.68
N ILE H 228 -52.66 26.97 -42.69
CA ILE H 228 -51.41 26.75 -43.43
C ILE H 228 -51.66 26.90 -44.94
N GLN H 229 -52.81 26.41 -45.43
CA GLN H 229 -53.15 26.65 -46.81
C GLN H 229 -53.23 28.15 -47.12
N ARG H 230 -53.67 28.96 -46.15
CA ARG H 230 -53.71 30.42 -46.37
C ARG H 230 -52.32 31.05 -46.45
N LYS H 231 -51.31 30.38 -45.91
CA LYS H 231 -49.96 30.93 -46.00
C LYS H 231 -49.34 30.51 -47.33
N LYS H 232 -49.72 29.34 -47.83
CA LYS H 232 -49.28 28.88 -49.13
C LYS H 232 -50.11 29.47 -50.25
N PHE H 233 -51.42 29.62 -50.04
CA PHE H 233 -52.32 30.09 -51.07
C PHE H 233 -53.15 31.24 -50.52
N PRO H 234 -52.54 32.43 -50.47
CA PRO H 234 -53.30 33.62 -50.06
C PRO H 234 -54.38 33.91 -51.08
N PRO H 235 -55.60 34.25 -50.63
CA PRO H 235 -56.61 34.67 -51.61
C PRO H 235 -56.39 36.06 -52.18
N ASP H 236 -55.82 36.99 -51.39
CA ASP H 236 -55.67 38.39 -51.79
C ASP H 236 -54.55 38.66 -52.77
N ASN H 237 -53.91 37.64 -53.33
CA ASN H 237 -52.78 37.84 -54.24
C ASN H 237 -51.70 38.70 -53.57
N SER H 238 -51.34 38.32 -52.34
CA SER H 238 -50.10 38.79 -51.73
C SER H 238 -49.09 37.66 -51.76
N ALA H 239 -47.90 37.93 -51.25
CA ALA H 239 -46.84 36.94 -51.37
C ALA H 239 -47.08 35.79 -50.40
N PRO H 240 -46.87 34.55 -50.84
CA PRO H 240 -46.91 33.42 -49.90
C PRO H 240 -45.74 33.47 -48.92
N TYR H 241 -45.96 32.85 -47.78
CA TYR H 241 -44.95 32.86 -46.75
C TYR H 241 -43.83 31.87 -47.07
N GLY H 242 -42.68 32.13 -46.52
CA GLY H 242 -41.68 31.10 -46.51
C GLY H 242 -41.90 30.14 -45.36
N ALA H 243 -41.39 28.92 -45.53
CA ALA H 243 -41.51 27.88 -44.53
C ALA H 243 -40.12 27.58 -43.98
N ARG H 244 -40.04 27.40 -42.66
CA ARG H 244 -38.83 26.96 -41.99
C ARG H 244 -39.25 26.05 -40.84
N TYR H 245 -38.50 24.98 -40.60
CA TYR H 245 -38.75 24.17 -39.41
C TYR H 245 -37.46 23.40 -39.10
N VAL H 246 -36.69 23.91 -38.13
CA VAL H 246 -35.49 23.19 -37.72
C VAL H 246 -35.88 21.95 -36.95
N GLY H 247 -36.99 21.99 -36.21
CA GLY H 247 -37.38 20.87 -35.39
C GLY H 247 -36.72 20.86 -34.02
N SER H 248 -35.87 21.85 -33.75
CA SER H 248 -35.37 22.17 -32.43
C SER H 248 -36.05 23.46 -31.98
N MET H 249 -36.77 23.42 -30.85
CA MET H 249 -37.68 24.51 -30.51
C MET H 249 -36.95 25.82 -30.28
N VAL H 250 -35.78 25.78 -29.63
CA VAL H 250 -35.05 27.00 -29.35
C VAL H 250 -34.65 27.70 -30.65
N ALA H 251 -34.23 26.91 -31.64
CA ALA H 251 -33.87 27.49 -32.94
C ALA H 251 -35.11 28.08 -33.63
N ASP H 252 -36.19 27.29 -33.72
CA ASP H 252 -37.40 27.80 -34.38
C ASP H 252 -37.98 29.02 -33.66
N VAL H 253 -38.03 28.99 -32.32
CA VAL H 253 -38.54 30.15 -31.59
C VAL H 253 -37.61 31.35 -31.77
N HIS H 254 -36.31 31.12 -31.72
CA HIS H 254 -35.40 32.26 -31.80
C HIS H 254 -35.52 33.00 -33.14
N ARG H 255 -35.65 32.26 -34.24
CA ARG H 255 -35.82 32.90 -35.53
C ARG H 255 -37.12 33.72 -35.57
N THR H 256 -38.21 33.16 -35.06
CA THR H 256 -39.47 33.89 -35.03
C THR H 256 -39.31 35.24 -34.33
N LEU H 257 -38.56 35.27 -33.22
CA LEU H 257 -38.29 36.52 -32.53
C LEU H 257 -37.49 37.48 -33.41
N VAL H 258 -36.45 36.97 -34.05
CA VAL H 258 -35.51 37.85 -34.72
C VAL H 258 -36.04 38.31 -36.06
N TYR H 259 -36.77 37.45 -36.75
CA TYR H 259 -37.24 37.76 -38.11
C TYR H 259 -38.75 37.95 -38.23
N GLY H 260 -39.53 37.62 -37.21
CA GLY H 260 -40.98 37.66 -37.31
C GLY H 260 -41.55 36.38 -37.90
N GLY H 261 -42.86 36.23 -37.77
CA GLY H 261 -43.55 35.07 -38.31
C GLY H 261 -44.37 34.41 -37.24
N ILE H 262 -44.62 33.11 -37.42
CA ILE H 262 -45.46 32.31 -36.53
C ILE H 262 -44.84 30.93 -36.40
N PHE H 263 -44.84 30.41 -35.16
CA PHE H 263 -44.40 29.05 -34.88
C PHE H 263 -45.53 28.26 -34.26
N LEU H 264 -45.75 27.03 -34.74
CA LEU H 264 -46.86 26.20 -34.27
C LEU H 264 -46.39 24.79 -33.95
N TYR H 265 -46.72 24.33 -32.75
CA TYR H 265 -46.73 22.90 -32.40
C TYR H 265 -48.09 22.71 -31.78
N PRO H 266 -49.12 22.53 -32.61
CA PRO H 266 -50.51 22.62 -32.16
C PRO H 266 -51.06 21.31 -31.63
N ALA H 267 -52.26 21.41 -31.08
CA ALA H 267 -53.04 20.24 -30.73
C ALA H 267 -53.71 19.67 -31.98
N ASN H 268 -53.49 18.39 -32.23
CA ASN H 268 -54.32 17.65 -33.16
C ASN H 268 -55.35 16.90 -32.33
N LYS H 269 -56.24 16.15 -32.96
CA LYS H 269 -57.18 15.41 -32.12
C LYS H 269 -56.52 14.23 -31.44
N LYS H 270 -55.42 13.72 -31.99
CA LYS H 270 -54.65 12.62 -31.39
C LYS H 270 -53.81 13.09 -30.21
N SER H 271 -53.19 14.26 -30.31
CA SER H 271 -52.48 14.89 -29.20
C SER H 271 -53.28 16.12 -28.81
N PRO H 272 -54.30 15.96 -27.96
CA PRO H 272 -55.26 17.05 -27.73
C PRO H 272 -54.69 18.16 -26.89
N ASN H 273 -53.63 17.87 -26.13
CA ASN H 273 -52.93 18.86 -25.33
C ASN H 273 -51.54 19.14 -25.88
N GLY H 274 -51.36 19.00 -27.18
CA GLY H 274 -50.06 19.28 -27.74
C GLY H 274 -48.99 18.25 -27.39
N LYS H 275 -47.76 18.62 -27.70
CA LYS H 275 -46.59 17.79 -27.44
C LYS H 275 -45.58 18.43 -26.51
N LEU H 276 -45.35 19.73 -26.62
CA LEU H 276 -44.30 20.34 -25.82
C LEU H 276 -44.73 20.44 -24.36
N ARG H 277 -43.76 20.45 -23.45
CA ARG H 277 -44.08 20.53 -22.03
C ARG H 277 -44.34 21.99 -21.64
N LEU H 278 -45.40 22.19 -20.83
CA LEU H 278 -45.83 23.55 -20.48
C LEU H 278 -44.81 24.26 -19.57
N LEU H 279 -44.33 23.59 -18.52
CA LEU H 279 -43.59 24.29 -17.46
C LEU H 279 -42.25 24.83 -17.93
N TYR H 280 -41.51 24.06 -18.75
CA TYR H 280 -40.14 24.38 -19.12
C TYR H 280 -39.91 24.39 -20.62
N GLU H 281 -40.96 24.40 -21.43
CA GLU H 281 -40.77 24.70 -22.85
C GLU H 281 -41.70 25.83 -23.27
N CYS H 282 -43.01 25.63 -23.14
CA CYS H 282 -43.98 26.59 -23.65
C CYS H 282 -43.94 27.90 -22.85
N ASN H 283 -44.01 27.81 -21.50
CA ASN H 283 -44.11 29.03 -20.71
C ASN H 283 -42.95 29.99 -20.95
N PRO H 284 -41.69 29.58 -20.82
CA PRO H 284 -40.64 30.58 -21.00
C PRO H 284 -40.65 31.19 -22.40
N MET H 285 -40.98 30.42 -23.44
CA MET H 285 -41.05 31.04 -24.77
C MET H 285 -42.26 31.96 -24.86
N ALA H 286 -43.38 31.56 -24.25
CA ALA H 286 -44.52 32.46 -24.20
C ALA H 286 -44.15 33.78 -23.52
N TYR H 287 -43.35 33.69 -22.47
CA TYR H 287 -42.93 34.90 -21.77
C TYR H 287 -42.04 35.78 -22.64
N VAL H 288 -40.99 35.21 -23.25
CA VAL H 288 -40.07 35.97 -24.10
C VAL H 288 -40.84 36.62 -25.27
N MET H 289 -41.73 35.86 -25.90
CA MET H 289 -42.62 36.41 -26.91
C MET H 289 -43.40 37.63 -26.39
N GLU H 290 -44.18 37.45 -25.32
CA GLU H 290 -45.00 38.57 -24.83
C GLU H 290 -44.13 39.74 -24.37
N LYS H 291 -43.04 39.45 -23.66
CA LYS H 291 -42.18 40.55 -23.27
C LYS H 291 -41.55 41.24 -24.47
N ALA H 292 -41.61 40.62 -25.65
CA ALA H 292 -41.15 41.23 -26.89
C ALA H 292 -42.28 41.75 -27.79
N GLY H 293 -43.52 41.80 -27.30
CA GLY H 293 -44.63 42.28 -28.10
C GLY H 293 -45.33 41.25 -28.95
N GLY H 294 -45.09 39.95 -28.72
CA GLY H 294 -45.72 38.90 -29.48
C GLY H 294 -46.80 38.23 -28.67
N MET H 295 -47.30 37.13 -29.20
CA MET H 295 -48.41 36.43 -28.58
C MET H 295 -48.07 34.95 -28.49
N ALA H 296 -48.76 34.25 -27.61
CA ALA H 296 -48.54 32.81 -27.44
C ALA H 296 -49.84 32.23 -26.89
N THR H 297 -50.47 31.38 -27.66
CA THR H 297 -51.77 30.83 -27.32
C THR H 297 -51.77 29.33 -27.49
N THR H 298 -52.69 28.69 -26.80
CA THR H 298 -52.98 27.28 -27.00
C THR H 298 -54.05 27.05 -28.05
N GLY H 299 -54.65 28.11 -28.58
CA GLY H 299 -55.85 27.99 -29.36
C GLY H 299 -57.04 28.40 -28.50
N LYS H 300 -57.11 27.89 -27.27
CA LYS H 300 -58.24 28.21 -26.42
C LYS H 300 -57.99 29.38 -25.48
N GLU H 301 -56.74 29.66 -25.11
CA GLU H 301 -56.46 30.68 -24.12
C GLU H 301 -55.00 31.07 -24.29
N ALA H 302 -54.56 32.09 -23.55
CA ALA H 302 -53.15 32.44 -23.56
C ALA H 302 -52.32 31.39 -22.82
N VAL H 303 -51.13 31.09 -23.37
CA VAL H 303 -50.28 30.03 -22.79
C VAL H 303 -49.96 30.37 -21.33
N LEU H 304 -49.58 31.62 -21.07
CA LEU H 304 -49.18 32.03 -19.74
C LEU H 304 -50.30 32.00 -18.72
N ASP H 305 -51.57 31.84 -19.14
CA ASP H 305 -52.72 31.79 -18.24
C ASP H 305 -53.09 30.38 -17.77
N VAL H 306 -52.51 29.36 -18.36
CA VAL H 306 -52.80 27.98 -17.96
C VAL H 306 -52.20 27.68 -16.58
N ILE H 307 -53.02 27.12 -15.69
CA ILE H 307 -52.59 26.78 -14.33
C ILE H 307 -52.28 25.28 -14.32
N PRO H 308 -51.04 24.87 -14.11
CA PRO H 308 -50.69 23.45 -14.31
C PRO H 308 -51.08 22.57 -13.14
N THR H 309 -51.51 21.34 -13.46
CA THR H 309 -51.76 20.32 -12.46
C THR H 309 -50.73 19.19 -12.49
N ASP H 310 -49.86 19.18 -13.50
CA ASP H 310 -48.78 18.18 -13.56
C ASP H 310 -47.53 18.91 -14.04
N ILE H 311 -46.39 18.68 -13.39
CA ILE H 311 -45.20 19.45 -13.74
C ILE H 311 -44.67 19.06 -15.11
N HIS H 312 -44.98 17.85 -15.56
CA HIS H 312 -44.55 17.41 -16.87
C HIS H 312 -45.70 17.44 -17.87
N GLN H 313 -46.77 18.18 -17.58
CA GLN H 313 -47.92 18.24 -18.46
C GLN H 313 -47.60 18.99 -19.76
N ARG H 314 -48.39 18.68 -20.79
CA ARG H 314 -48.21 19.18 -22.14
C ARG H 314 -49.21 20.30 -22.43
N ALA H 315 -48.92 21.05 -23.51
CA ALA H 315 -49.75 22.15 -23.95
C ALA H 315 -49.56 22.38 -25.44
N PRO H 316 -50.62 22.61 -26.21
CA PRO H 316 -50.41 23.07 -27.59
C PRO H 316 -49.88 24.50 -27.60
N VAL H 317 -49.16 24.86 -28.65
CA VAL H 317 -48.56 26.19 -28.67
C VAL H 317 -48.53 26.74 -30.08
N ILE H 318 -48.96 28.00 -30.19
CA ILE H 318 -48.82 28.85 -31.37
C ILE H 318 -48.33 30.19 -30.86
N LEU H 319 -47.16 30.62 -31.29
CA LEU H 319 -46.58 31.86 -30.81
C LEU H 319 -46.00 32.61 -31.99
N GLY H 320 -45.60 33.85 -31.75
CA GLY H 320 -44.94 34.60 -32.79
C GLY H 320 -45.41 36.02 -32.97
N SER H 321 -45.43 36.47 -34.21
CA SER H 321 -45.83 37.84 -34.52
C SER H 321 -47.32 38.03 -34.23
N PRO H 322 -47.70 39.14 -33.58
CA PRO H 322 -49.09 39.28 -33.06
C PRO H 322 -50.18 39.22 -34.14
N ASP H 323 -49.95 39.88 -35.28
CA ASP H 323 -50.90 39.79 -36.40
C ASP H 323 -51.04 38.37 -36.91
N ASP H 324 -49.98 37.56 -36.80
CA ASP H 324 -50.11 36.19 -37.28
C ASP H 324 -50.86 35.29 -36.30
N VAL H 325 -50.51 35.36 -35.01
CA VAL H 325 -51.26 34.59 -34.02
C VAL H 325 -52.72 35.03 -34.00
N LEU H 326 -52.97 36.33 -34.16
CA LEU H 326 -54.36 36.77 -34.28
C LEU H 326 -55.04 36.14 -35.49
N GLU H 327 -54.34 36.10 -36.65
CA GLU H 327 -54.90 35.48 -37.83
C GLU H 327 -55.12 33.98 -37.62
N PHE H 328 -54.18 33.32 -36.92
CA PHE H 328 -54.42 31.91 -36.63
C PHE H 328 -55.62 31.76 -35.73
N LEU H 329 -55.70 32.55 -34.65
CA LEU H 329 -56.85 32.44 -33.75
C LEU H 329 -58.15 32.71 -34.48
N LYS H 330 -58.15 33.61 -35.47
CA LYS H 330 -59.35 33.80 -36.28
C LYS H 330 -59.76 32.51 -36.99
N VAL H 331 -58.78 31.74 -37.49
CA VAL H 331 -59.10 30.49 -38.16
C VAL H 331 -59.41 29.38 -37.16
N TYR H 332 -58.80 29.40 -35.97
CA TYR H 332 -59.17 28.43 -34.95
C TYR H 332 -60.64 28.54 -34.55
N GLU H 333 -61.15 29.78 -34.42
CA GLU H 333 -62.56 29.99 -34.08
C GLU H 333 -63.51 29.40 -35.10
N LYS H 334 -63.21 29.56 -36.39
CA LYS H 334 -64.11 29.10 -37.44
C LYS H 334 -64.52 27.64 -37.26
N HIS H 335 -63.68 26.83 -36.65
CA HIS H 335 -63.96 25.39 -36.50
C HIS H 335 -64.48 25.13 -35.08
N SER H 336 -65.67 25.71 -34.84
CA SER H 336 -66.42 25.68 -33.58
C SER H 336 -65.70 26.43 -32.47
#